data_1HSI
# 
_entry.id   1HSI 
# 
_audit_conform.dict_name       mmcif_pdbx.dic 
_audit_conform.dict_version    5.386 
_audit_conform.dict_location   http://mmcif.pdb.org/dictionaries/ascii/mmcif_pdbx.dic 
# 
loop_
_database_2.database_id 
_database_2.database_code 
_database_2.pdbx_database_accession 
_database_2.pdbx_DOI 
PDB   1HSI         pdb_00001hsi 10.2210/pdb1hsi/pdb 
WWPDB D_1000173996 ?            ?                   
# 
loop_
_pdbx_audit_revision_history.ordinal 
_pdbx_audit_revision_history.data_content_type 
_pdbx_audit_revision_history.major_revision 
_pdbx_audit_revision_history.minor_revision 
_pdbx_audit_revision_history.revision_date 
1 'Structure model' 1 0 1996-04-03 
2 'Structure model' 1 1 2008-03-24 
3 'Structure model' 1 2 2011-07-13 
4 'Structure model' 1 3 2024-02-07 
# 
_pdbx_audit_revision_details.ordinal             1 
_pdbx_audit_revision_details.revision_ordinal    1 
_pdbx_audit_revision_details.data_content_type   'Structure model' 
_pdbx_audit_revision_details.provider            repository 
_pdbx_audit_revision_details.type                'Initial release' 
_pdbx_audit_revision_details.description         ? 
_pdbx_audit_revision_details.details             ? 
# 
loop_
_pdbx_audit_revision_group.ordinal 
_pdbx_audit_revision_group.revision_ordinal 
_pdbx_audit_revision_group.data_content_type 
_pdbx_audit_revision_group.group 
1 2 'Structure model' 'Version format compliance' 
2 3 'Structure model' 'Version format compliance' 
3 4 'Structure model' 'Data collection'           
4 4 'Structure model' 'Database references'       
5 4 'Structure model' Other                       
# 
loop_
_pdbx_audit_revision_category.ordinal 
_pdbx_audit_revision_category.revision_ordinal 
_pdbx_audit_revision_category.data_content_type 
_pdbx_audit_revision_category.category 
1 4 'Structure model' chem_comp_atom       
2 4 'Structure model' chem_comp_bond       
3 4 'Structure model' database_2           
4 4 'Structure model' pdbx_database_status 
# 
loop_
_pdbx_audit_revision_item.ordinal 
_pdbx_audit_revision_item.revision_ordinal 
_pdbx_audit_revision_item.data_content_type 
_pdbx_audit_revision_item.item 
1 4 'Structure model' '_database_2.pdbx_DOI'                
2 4 'Structure model' '_database_2.pdbx_database_accession' 
3 4 'Structure model' '_pdbx_database_status.process_site'  
# 
_pdbx_database_status.status_code                     REL 
_pdbx_database_status.entry_id                        1HSI 
_pdbx_database_status.recvd_initial_deposition_date   1995-03-31 
_pdbx_database_status.deposit_site                    ? 
_pdbx_database_status.process_site                    BNL 
_pdbx_database_status.SG_entry                        . 
_pdbx_database_status.pdb_format_compatible           Y 
_pdbx_database_status.status_code_mr                  ? 
_pdbx_database_status.status_code_sf                  ? 
_pdbx_database_status.status_code_cs                  ? 
_pdbx_database_status.status_code_nmr_data            ? 
_pdbx_database_status.methods_development_category    ? 
# 
_audit_author.name           'Chen, Z.' 
_audit_author.pdbx_ordinal   1 
# 
_citation.id                        primary 
_citation.title                     
;Crystal structure at 1.9-A resolution of human immunodeficiency virus (HIV) II protease complexed with L-735,524, an orally bioavailable inhibitor of the HIV proteases.
;
_citation.journal_abbrev            J.Biol.Chem. 
_citation.journal_volume            269 
_citation.page_first                26344 
_citation.page_last                 26348 
_citation.year                      1994 
_citation.journal_id_ASTM           JBCHA3 
_citation.country                   US 
_citation.journal_id_ISSN           0021-9258 
_citation.journal_id_CSD            0071 
_citation.book_publisher            ? 
_citation.pdbx_database_id_PubMed   7929352 
_citation.pdbx_database_id_DOI      ? 
# 
loop_
_citation_author.citation_id 
_citation_author.name 
_citation_author.ordinal 
_citation_author.identifier_ORCID 
primary 'Chen, Z.'      1 ? 
primary 'Li, Y.'        2 ? 
primary 'Chen, E.'      3 ? 
primary 'Hall, D.L.'    4 ? 
primary 'Darke, P.L.'   5 ? 
primary 'Culberson, C.' 6 ? 
primary 'Shafer, J.A.'  7 ? 
primary 'Kuo, L.C.'     8 ? 
# 
loop_
_entity.id 
_entity.type 
_entity.src_method 
_entity.pdbx_description 
_entity.formula_weight 
_entity.pdbx_number_of_molecules 
_entity.pdbx_ec 
_entity.pdbx_mutation 
_entity.pdbx_fragment 
_entity.details 
1 polymer man 'HIV-2 PROTEASE' 10728.337 2  3.4.23.- ? ? 'ROD ISOLATE' 
2 water   nat water            18.015    94 ?        ? ? ?             
# 
_entity_poly.entity_id                      1 
_entity_poly.type                           'polypeptide(L)' 
_entity_poly.nstd_linkage                   no 
_entity_poly.nstd_monomer                   no 
_entity_poly.pdbx_seq_one_letter_code       
;PQFSLWKRPVVTAYIEGQPVEVLLDTGADDSIVAGIELGNNYSPKIVGGIGGFINTKEYKNVEIEVLNKKVRATIMTGDT
PINIFGRNILTALGMSLNL
;
_entity_poly.pdbx_seq_one_letter_code_can   
;PQFSLWKRPVVTAYIEGQPVEVLLDTGADDSIVAGIELGNNYSPKIVGGIGGFINTKEYKNVEIEVLNKKVRATIMTGDT
PINIFGRNILTALGMSLNL
;
_entity_poly.pdbx_strand_id                 A,B 
_entity_poly.pdbx_target_identifier         ? 
# 
_pdbx_entity_nonpoly.entity_id   2 
_pdbx_entity_nonpoly.name        water 
_pdbx_entity_nonpoly.comp_id     HOH 
# 
loop_
_entity_poly_seq.entity_id 
_entity_poly_seq.num 
_entity_poly_seq.mon_id 
_entity_poly_seq.hetero 
1 1  PRO n 
1 2  GLN n 
1 3  PHE n 
1 4  SER n 
1 5  LEU n 
1 6  TRP n 
1 7  LYS n 
1 8  ARG n 
1 9  PRO n 
1 10 VAL n 
1 11 VAL n 
1 12 THR n 
1 13 ALA n 
1 14 TYR n 
1 15 ILE n 
1 16 GLU n 
1 17 GLY n 
1 18 GLN n 
1 19 PRO n 
1 20 VAL n 
1 21 GLU n 
1 22 VAL n 
1 23 LEU n 
1 24 LEU n 
1 25 ASP n 
1 26 THR n 
1 27 GLY n 
1 28 ALA n 
1 29 ASP n 
1 30 ASP n 
1 31 SER n 
1 32 ILE n 
1 33 VAL n 
1 34 ALA n 
1 35 GLY n 
1 36 ILE n 
1 37 GLU n 
1 38 LEU n 
1 39 GLY n 
1 40 ASN n 
1 41 ASN n 
1 42 TYR n 
1 43 SER n 
1 44 PRO n 
1 45 LYS n 
1 46 ILE n 
1 47 VAL n 
1 48 GLY n 
1 49 GLY n 
1 50 ILE n 
1 51 GLY n 
1 52 GLY n 
1 53 PHE n 
1 54 ILE n 
1 55 ASN n 
1 56 THR n 
1 57 LYS n 
1 58 GLU n 
1 59 TYR n 
1 60 LYS n 
1 61 ASN n 
1 62 VAL n 
1 63 GLU n 
1 64 ILE n 
1 65 GLU n 
1 66 VAL n 
1 67 LEU n 
1 68 ASN n 
1 69 LYS n 
1 70 LYS n 
1 71 VAL n 
1 72 ARG n 
1 73 ALA n 
1 74 THR n 
1 75 ILE n 
1 76 MET n 
1 77 THR n 
1 78 GLY n 
1 79 ASP n 
1 80 THR n 
1 81 PRO n 
1 82 ILE n 
1 83 ASN n 
1 84 ILE n 
1 85 PHE n 
1 86 GLY n 
1 87 ARG n 
1 88 ASN n 
1 89 ILE n 
1 90 LEU n 
1 91 THR n 
1 92 ALA n 
1 93 LEU n 
1 94 GLY n 
1 95 MET n 
1 96 SER n 
1 97 LEU n 
1 98 ASN n 
1 99 LEU n 
# 
_entity_src_gen.entity_id                          1 
_entity_src_gen.pdbx_src_id                        1 
_entity_src_gen.pdbx_alt_source_flag               sample 
_entity_src_gen.pdbx_seq_type                      ? 
_entity_src_gen.pdbx_beg_seq_num                   ? 
_entity_src_gen.pdbx_end_seq_num                   ? 
_entity_src_gen.gene_src_common_name               ? 
_entity_src_gen.gene_src_genus                     Lentivirus 
_entity_src_gen.pdbx_gene_src_gene                 'HIV-2 PROTEASE FROM THE ROD ISOLATE' 
_entity_src_gen.gene_src_species                   ? 
_entity_src_gen.gene_src_strain                    ? 
_entity_src_gen.gene_src_tissue                    ? 
_entity_src_gen.gene_src_tissue_fraction           ? 
_entity_src_gen.gene_src_details                   ? 
_entity_src_gen.pdbx_gene_src_fragment             ? 
_entity_src_gen.pdbx_gene_src_scientific_name      'Human immunodeficiency virus 2' 
_entity_src_gen.pdbx_gene_src_ncbi_taxonomy_id     11709 
_entity_src_gen.pdbx_gene_src_variant              ? 
_entity_src_gen.pdbx_gene_src_cell_line            ? 
_entity_src_gen.pdbx_gene_src_atcc                 ? 
_entity_src_gen.pdbx_gene_src_organ                ? 
_entity_src_gen.pdbx_gene_src_organelle            ? 
_entity_src_gen.pdbx_gene_src_cell                 ? 
_entity_src_gen.pdbx_gene_src_cellular_location    ? 
_entity_src_gen.host_org_common_name               ? 
_entity_src_gen.pdbx_host_org_scientific_name      'Escherichia coli' 
_entity_src_gen.pdbx_host_org_ncbi_taxonomy_id     562 
_entity_src_gen.host_org_genus                     Escherichia 
_entity_src_gen.pdbx_host_org_gene                 ? 
_entity_src_gen.pdbx_host_org_organ                ? 
_entity_src_gen.host_org_species                   ? 
_entity_src_gen.pdbx_host_org_tissue               ? 
_entity_src_gen.pdbx_host_org_tissue_fraction      ? 
_entity_src_gen.pdbx_host_org_strain               ? 
_entity_src_gen.pdbx_host_org_variant              ? 
_entity_src_gen.pdbx_host_org_cell_line            ? 
_entity_src_gen.pdbx_host_org_atcc                 ? 
_entity_src_gen.pdbx_host_org_culture_collection   ? 
_entity_src_gen.pdbx_host_org_cell                 ? 
_entity_src_gen.pdbx_host_org_organelle            ? 
_entity_src_gen.pdbx_host_org_cellular_location    ? 
_entity_src_gen.pdbx_host_org_vector_type          ? 
_entity_src_gen.pdbx_host_org_vector               ? 
_entity_src_gen.host_org_details                   ? 
_entity_src_gen.expression_system_id               ? 
_entity_src_gen.plasmid_name                       ? 
_entity_src_gen.plasmid_details                    ? 
_entity_src_gen.pdbx_description                   ? 
# 
loop_
_chem_comp.id 
_chem_comp.type 
_chem_comp.mon_nstd_flag 
_chem_comp.name 
_chem_comp.pdbx_synonyms 
_chem_comp.formula 
_chem_comp.formula_weight 
ALA 'L-peptide linking' y ALANINE         ? 'C3 H7 N O2'     89.093  
ARG 'L-peptide linking' y ARGININE        ? 'C6 H15 N4 O2 1' 175.209 
ASN 'L-peptide linking' y ASPARAGINE      ? 'C4 H8 N2 O3'    132.118 
ASP 'L-peptide linking' y 'ASPARTIC ACID' ? 'C4 H7 N O4'     133.103 
GLN 'L-peptide linking' y GLUTAMINE       ? 'C5 H10 N2 O3'   146.144 
GLU 'L-peptide linking' y 'GLUTAMIC ACID' ? 'C5 H9 N O4'     147.129 
GLY 'peptide linking'   y GLYCINE         ? 'C2 H5 N O2'     75.067  
HOH non-polymer         . WATER           ? 'H2 O'           18.015  
ILE 'L-peptide linking' y ISOLEUCINE      ? 'C6 H13 N O2'    131.173 
LEU 'L-peptide linking' y LEUCINE         ? 'C6 H13 N O2'    131.173 
LYS 'L-peptide linking' y LYSINE          ? 'C6 H15 N2 O2 1' 147.195 
MET 'L-peptide linking' y METHIONINE      ? 'C5 H11 N O2 S'  149.211 
PHE 'L-peptide linking' y PHENYLALANINE   ? 'C9 H11 N O2'    165.189 
PRO 'L-peptide linking' y PROLINE         ? 'C5 H9 N O2'     115.130 
SER 'L-peptide linking' y SERINE          ? 'C3 H7 N O3'     105.093 
THR 'L-peptide linking' y THREONINE       ? 'C4 H9 N O3'     119.119 
TRP 'L-peptide linking' y TRYPTOPHAN      ? 'C11 H12 N2 O2'  204.225 
TYR 'L-peptide linking' y TYROSINE        ? 'C9 H11 N O3'    181.189 
VAL 'L-peptide linking' y VALINE          ? 'C5 H11 N O2'    117.146 
# 
loop_
_pdbx_poly_seq_scheme.asym_id 
_pdbx_poly_seq_scheme.entity_id 
_pdbx_poly_seq_scheme.seq_id 
_pdbx_poly_seq_scheme.mon_id 
_pdbx_poly_seq_scheme.ndb_seq_num 
_pdbx_poly_seq_scheme.pdb_seq_num 
_pdbx_poly_seq_scheme.auth_seq_num 
_pdbx_poly_seq_scheme.pdb_mon_id 
_pdbx_poly_seq_scheme.auth_mon_id 
_pdbx_poly_seq_scheme.pdb_strand_id 
_pdbx_poly_seq_scheme.pdb_ins_code 
_pdbx_poly_seq_scheme.hetero 
A 1 1  PRO 1  1  1  PRO PRO A . n 
A 1 2  GLN 2  2  2  GLN GLN A . n 
A 1 3  PHE 3  3  3  PHE PHE A . n 
A 1 4  SER 4  4  4  SER SER A . n 
A 1 5  LEU 5  5  5  LEU LEU A . n 
A 1 6  TRP 6  6  6  TRP TRP A . n 
A 1 7  LYS 7  7  7  LYS LYS A . n 
A 1 8  ARG 8  8  8  ARG ARG A . n 
A 1 9  PRO 9  9  9  PRO PRO A . n 
A 1 10 VAL 10 10 10 VAL VAL A . n 
A 1 11 VAL 11 11 11 VAL VAL A . n 
A 1 12 THR 12 12 12 THR THR A . n 
A 1 13 ALA 13 13 13 ALA ALA A . n 
A 1 14 TYR 14 14 14 TYR TYR A . n 
A 1 15 ILE 15 15 15 ILE ILE A . n 
A 1 16 GLU 16 16 16 GLU GLU A . n 
A 1 17 GLY 17 17 17 GLY GLY A . n 
A 1 18 GLN 18 18 18 GLN GLN A . n 
A 1 19 PRO 19 19 19 PRO PRO A . n 
A 1 20 VAL 20 20 20 VAL VAL A . n 
A 1 21 GLU 21 21 21 GLU GLU A . n 
A 1 22 VAL 22 22 22 VAL VAL A . n 
A 1 23 LEU 23 23 23 LEU LEU A . n 
A 1 24 LEU 24 24 24 LEU LEU A . n 
A 1 25 ASP 25 25 25 ASP ASP A . n 
A 1 26 THR 26 26 26 THR THR A . n 
A 1 27 GLY 27 27 27 GLY GLY A . n 
A 1 28 ALA 28 28 28 ALA ALA A . n 
A 1 29 ASP 29 29 29 ASP ASP A . n 
A 1 30 ASP 30 30 30 ASP ASP A . n 
A 1 31 SER 31 31 31 SER SER A . n 
A 1 32 ILE 32 32 32 ILE ILE A . n 
A 1 33 VAL 33 33 33 VAL VAL A . n 
A 1 34 ALA 34 34 34 ALA ALA A . n 
A 1 35 GLY 35 35 35 GLY GLY A . n 
A 1 36 ILE 36 36 36 ILE ILE A . n 
A 1 37 GLU 37 37 37 GLU GLU A . n 
A 1 38 LEU 38 38 38 LEU LEU A . n 
A 1 39 GLY 39 39 39 GLY GLY A . n 
A 1 40 ASN 40 40 40 ASN ASN A . n 
A 1 41 ASN 41 41 41 ASN ASN A . n 
A 1 42 TYR 42 42 42 TYR TYR A . n 
A 1 43 SER 43 43 43 SER SER A . n 
A 1 44 PRO 44 44 44 PRO PRO A . n 
A 1 45 LYS 45 45 45 LYS LYS A . n 
A 1 46 ILE 46 46 46 ILE ILE A . n 
A 1 47 VAL 47 47 47 VAL VAL A . n 
A 1 48 GLY 48 48 48 GLY GLY A . n 
A 1 49 GLY 49 49 49 GLY GLY A . n 
A 1 50 ILE 50 50 50 ILE ILE A . n 
A 1 51 GLY 51 51 51 GLY GLY A . n 
A 1 52 GLY 52 52 52 GLY GLY A . n 
A 1 53 PHE 53 53 53 PHE PHE A . n 
A 1 54 ILE 54 54 54 ILE ILE A . n 
A 1 55 ASN 55 55 55 ASN ASN A . n 
A 1 56 THR 56 56 56 THR THR A . n 
A 1 57 LYS 57 57 57 LYS LYS A . n 
A 1 58 GLU 58 58 58 GLU GLU A . n 
A 1 59 TYR 59 59 59 TYR TYR A . n 
A 1 60 LYS 60 60 60 LYS LYS A . n 
A 1 61 ASN 61 61 61 ASN ASN A . n 
A 1 62 VAL 62 62 62 VAL VAL A . n 
A 1 63 GLU 63 63 63 GLU GLU A . n 
A 1 64 ILE 64 64 64 ILE ILE A . n 
A 1 65 GLU 65 65 65 GLU GLU A . n 
A 1 66 VAL 66 66 66 VAL VAL A . n 
A 1 67 LEU 67 67 67 LEU LEU A . n 
A 1 68 ASN 68 68 68 ASN ASN A . n 
A 1 69 LYS 69 69 69 LYS LYS A . n 
A 1 70 LYS 70 70 70 LYS LYS A . n 
A 1 71 VAL 71 71 71 VAL VAL A . n 
A 1 72 ARG 72 72 72 ARG ARG A . n 
A 1 73 ALA 73 73 73 ALA ALA A . n 
A 1 74 THR 74 74 74 THR THR A . n 
A 1 75 ILE 75 75 75 ILE ILE A . n 
A 1 76 MET 76 76 76 MET MET A . n 
A 1 77 THR 77 77 77 THR THR A . n 
A 1 78 GLY 78 78 78 GLY GLY A . n 
A 1 79 ASP 79 79 79 ASP ASP A . n 
A 1 80 THR 80 80 80 THR THR A . n 
A 1 81 PRO 81 81 81 PRO PRO A . n 
A 1 82 ILE 82 82 82 ILE ILE A . n 
A 1 83 ASN 83 83 83 ASN ASN A . n 
A 1 84 ILE 84 84 84 ILE ILE A . n 
A 1 85 PHE 85 85 85 PHE PHE A . n 
A 1 86 GLY 86 86 86 GLY GLY A . n 
A 1 87 ARG 87 87 87 ARG ARG A . n 
A 1 88 ASN 88 88 88 ASN ASN A . n 
A 1 89 ILE 89 89 89 ILE ILE A . n 
A 1 90 LEU 90 90 90 LEU LEU A . n 
A 1 91 THR 91 91 91 THR THR A . n 
A 1 92 ALA 92 92 92 ALA ALA A . n 
A 1 93 LEU 93 93 93 LEU LEU A . n 
A 1 94 GLY 94 94 94 GLY GLY A . n 
A 1 95 MET 95 95 95 MET MET A . n 
A 1 96 SER 96 96 96 SER SER A . n 
A 1 97 LEU 97 97 97 LEU LEU A . n 
A 1 98 ASN 98 98 98 ASN ASN A . n 
A 1 99 LEU 99 99 99 LEU LEU A . n 
B 1 1  PRO 1  1  1  PRO PRO B . n 
B 1 2  GLN 2  2  2  GLN GLN B . n 
B 1 3  PHE 3  3  3  PHE PHE B . n 
B 1 4  SER 4  4  4  SER SER B . n 
B 1 5  LEU 5  5  5  LEU LEU B . n 
B 1 6  TRP 6  6  6  TRP TRP B . n 
B 1 7  LYS 7  7  7  LYS LYS B . n 
B 1 8  ARG 8  8  8  ARG ARG B . n 
B 1 9  PRO 9  9  9  PRO PRO B . n 
B 1 10 VAL 10 10 10 VAL VAL B . n 
B 1 11 VAL 11 11 11 VAL VAL B . n 
B 1 12 THR 12 12 12 THR THR B . n 
B 1 13 ALA 13 13 13 ALA ALA B . n 
B 1 14 TYR 14 14 14 TYR TYR B . n 
B 1 15 ILE 15 15 15 ILE ILE B . n 
B 1 16 GLU 16 16 16 GLU GLU B . n 
B 1 17 GLY 17 17 17 GLY GLY B . n 
B 1 18 GLN 18 18 18 GLN GLN B . n 
B 1 19 PRO 19 19 19 PRO PRO B . n 
B 1 20 VAL 20 20 20 VAL VAL B . n 
B 1 21 GLU 21 21 21 GLU GLU B . n 
B 1 22 VAL 22 22 22 VAL VAL B . n 
B 1 23 LEU 23 23 23 LEU LEU B . n 
B 1 24 LEU 24 24 24 LEU LEU B . n 
B 1 25 ASP 25 25 25 ASP ASP B . n 
B 1 26 THR 26 26 26 THR THR B . n 
B 1 27 GLY 27 27 27 GLY GLY B . n 
B 1 28 ALA 28 28 28 ALA ALA B . n 
B 1 29 ASP 29 29 29 ASP ASP B . n 
B 1 30 ASP 30 30 30 ASP ASP B . n 
B 1 31 SER 31 31 31 SER SER B . n 
B 1 32 ILE 32 32 32 ILE ILE B . n 
B 1 33 VAL 33 33 33 VAL VAL B . n 
B 1 34 ALA 34 34 34 ALA ALA B . n 
B 1 35 GLY 35 35 35 GLY GLY B . n 
B 1 36 ILE 36 36 36 ILE ILE B . n 
B 1 37 GLU 37 37 37 GLU GLU B . n 
B 1 38 LEU 38 38 38 LEU LEU B . n 
B 1 39 GLY 39 39 39 GLY GLY B . n 
B 1 40 ASN 40 40 40 ASN ASN B . n 
B 1 41 ASN 41 41 41 ASN ASN B . n 
B 1 42 TYR 42 42 42 TYR TYR B . n 
B 1 43 SER 43 43 43 SER SER B . n 
B 1 44 PRO 44 44 44 PRO PRO B . n 
B 1 45 LYS 45 45 45 LYS LYS B . n 
B 1 46 ILE 46 46 46 ILE ILE B . n 
B 1 47 VAL 47 47 47 VAL VAL B . n 
B 1 48 GLY 48 48 48 GLY GLY B . n 
B 1 49 GLY 49 49 49 GLY GLY B . n 
B 1 50 ILE 50 50 50 ILE ILE B . n 
B 1 51 GLY 51 51 51 GLY GLY B . n 
B 1 52 GLY 52 52 52 GLY GLY B . n 
B 1 53 PHE 53 53 53 PHE PHE B . n 
B 1 54 ILE 54 54 54 ILE ILE B . n 
B 1 55 ASN 55 55 55 ASN ASN B . n 
B 1 56 THR 56 56 56 THR THR B . n 
B 1 57 LYS 57 57 57 LYS LYS B . n 
B 1 58 GLU 58 58 58 GLU GLU B . n 
B 1 59 TYR 59 59 59 TYR TYR B . n 
B 1 60 LYS 60 60 60 LYS LYS B . n 
B 1 61 ASN 61 61 61 ASN ASN B . n 
B 1 62 VAL 62 62 62 VAL VAL B . n 
B 1 63 GLU 63 63 63 GLU GLU B . n 
B 1 64 ILE 64 64 64 ILE ILE B . n 
B 1 65 GLU 65 65 65 GLU GLU B . n 
B 1 66 VAL 66 66 66 VAL VAL B . n 
B 1 67 LEU 67 67 67 LEU LEU B . n 
B 1 68 ASN 68 68 68 ASN ASN B . n 
B 1 69 LYS 69 69 69 LYS LYS B . n 
B 1 70 LYS 70 70 70 LYS LYS B . n 
B 1 71 VAL 71 71 71 VAL VAL B . n 
B 1 72 ARG 72 72 72 ARG ARG B . n 
B 1 73 ALA 73 73 73 ALA ALA B . n 
B 1 74 THR 74 74 74 THR THR B . n 
B 1 75 ILE 75 75 75 ILE ILE B . n 
B 1 76 MET 76 76 76 MET MET B . n 
B 1 77 THR 77 77 77 THR THR B . n 
B 1 78 GLY 78 78 78 GLY GLY B . n 
B 1 79 ASP 79 79 79 ASP ASP B . n 
B 1 80 THR 80 80 80 THR THR B . n 
B 1 81 PRO 81 81 81 PRO PRO B . n 
B 1 82 ILE 82 82 82 ILE ILE B . n 
B 1 83 ASN 83 83 83 ASN ASN B . n 
B 1 84 ILE 84 84 84 ILE ILE B . n 
B 1 85 PHE 85 85 85 PHE PHE B . n 
B 1 86 GLY 86 86 86 GLY GLY B . n 
B 1 87 ARG 87 87 87 ARG ARG B . n 
B 1 88 ASN 88 88 88 ASN ASN B . n 
B 1 89 ILE 89 89 89 ILE ILE B . n 
B 1 90 LEU 90 90 90 LEU LEU B . n 
B 1 91 THR 91 91 91 THR THR B . n 
B 1 92 ALA 92 92 92 ALA ALA B . n 
B 1 93 LEU 93 93 93 LEU LEU B . n 
B 1 94 GLY 94 94 94 GLY GLY B . n 
B 1 95 MET 95 95 95 MET MET B . n 
B 1 96 SER 96 96 96 SER SER B . n 
B 1 97 LEU 97 97 97 LEU LEU B . n 
B 1 98 ASN 98 98 98 ASN ASN B . n 
B 1 99 LEU 99 99 99 LEU LEU B . n 
# 
loop_
_pdbx_nonpoly_scheme.asym_id 
_pdbx_nonpoly_scheme.entity_id 
_pdbx_nonpoly_scheme.mon_id 
_pdbx_nonpoly_scheme.ndb_seq_num 
_pdbx_nonpoly_scheme.pdb_seq_num 
_pdbx_nonpoly_scheme.auth_seq_num 
_pdbx_nonpoly_scheme.pdb_mon_id 
_pdbx_nonpoly_scheme.auth_mon_id 
_pdbx_nonpoly_scheme.pdb_strand_id 
_pdbx_nonpoly_scheme.pdb_ins_code 
C 2 HOH 1  409 409 HOH HOH A . 
C 2 HOH 2  413 413 HOH HOH A . 
C 2 HOH 3  415 415 HOH HOH A . 
C 2 HOH 4  417 417 HOH HOH A . 
C 2 HOH 5  421 421 HOH HOH A . 
C 2 HOH 6  423 423 HOH HOH A . 
C 2 HOH 7  424 424 HOH HOH A . 
C 2 HOH 8  430 430 HOH HOH A . 
C 2 HOH 9  434 434 HOH HOH A . 
C 2 HOH 10 439 439 HOH HOH A . 
C 2 HOH 11 441 441 HOH HOH A . 
C 2 HOH 12 442 442 HOH HOH A . 
C 2 HOH 13 445 445 HOH HOH A . 
C 2 HOH 14 447 447 HOH HOH A . 
C 2 HOH 15 449 449 HOH HOH A . 
C 2 HOH 16 452 452 HOH HOH A . 
C 2 HOH 17 453 453 HOH HOH A . 
C 2 HOH 18 456 456 HOH HOH A . 
C 2 HOH 19 457 457 HOH HOH A . 
C 2 HOH 20 458 458 HOH HOH A . 
C 2 HOH 21 459 459 HOH HOH A . 
C 2 HOH 22 466 466 HOH HOH A . 
C 2 HOH 23 467 467 HOH HOH A . 
C 2 HOH 24 470 470 HOH HOH A . 
C 2 HOH 25 472 472 HOH HOH A . 
C 2 HOH 26 473 473 HOH HOH A . 
C 2 HOH 27 476 476 HOH HOH A . 
C 2 HOH 28 477 477 HOH HOH A . 
C 2 HOH 29 478 478 HOH HOH A . 
C 2 HOH 30 480 480 HOH HOH A . 
C 2 HOH 31 486 486 HOH HOH A . 
C 2 HOH 32 488 488 HOH HOH A . 
C 2 HOH 33 490 490 HOH HOH A . 
C 2 HOH 34 491 491 HOH HOH A . 
C 2 HOH 35 495 495 HOH HOH A . 
C 2 HOH 36 497 497 HOH HOH A . 
C 2 HOH 37 498 498 HOH HOH A . 
C 2 HOH 38 499 499 HOH HOH A . 
C 2 HOH 39 500 500 HOH HOH A . 
C 2 HOH 40 502 502 HOH HOH A . 
C 2 HOH 41 503 503 HOH HOH A . 
C 2 HOH 42 504 504 HOH HOH A . 
C 2 HOH 43 506 506 HOH HOH A . 
C 2 HOH 44 507 507 HOH HOH A . 
C 2 HOH 45 508 508 HOH HOH A . 
C 2 HOH 46 510 510 HOH HOH A . 
C 2 HOH 47 511 511 HOH HOH A . 
D 2 HOH 1  401 401 HOH HOH B . 
D 2 HOH 2  402 402 HOH HOH B . 
D 2 HOH 3  403 403 HOH HOH B . 
D 2 HOH 4  404 404 HOH HOH B . 
D 2 HOH 5  405 405 HOH HOH B . 
D 2 HOH 6  410 410 HOH HOH B . 
D 2 HOH 7  411 411 HOH HOH B . 
D 2 HOH 8  412 412 HOH HOH B . 
D 2 HOH 9  414 414 HOH HOH B . 
D 2 HOH 10 416 416 HOH HOH B . 
D 2 HOH 11 425 425 HOH HOH B . 
D 2 HOH 12 427 427 HOH HOH B . 
D 2 HOH 13 429 429 HOH HOH B . 
D 2 HOH 14 438 438 HOH HOH B . 
D 2 HOH 15 443 443 HOH HOH B . 
D 2 HOH 16 444 444 HOH HOH B . 
D 2 HOH 17 446 446 HOH HOH B . 
D 2 HOH 18 450 450 HOH HOH B . 
D 2 HOH 19 451 451 HOH HOH B . 
D 2 HOH 20 454 454 HOH HOH B . 
D 2 HOH 21 455 455 HOH HOH B . 
D 2 HOH 22 460 460 HOH HOH B . 
D 2 HOH 23 461 461 HOH HOH B . 
D 2 HOH 24 462 462 HOH HOH B . 
D 2 HOH 25 463 463 HOH HOH B . 
D 2 HOH 26 464 464 HOH HOH B . 
D 2 HOH 27 465 465 HOH HOH B . 
D 2 HOH 28 468 468 HOH HOH B . 
D 2 HOH 29 469 469 HOH HOH B . 
D 2 HOH 30 471 471 HOH HOH B . 
D 2 HOH 31 474 474 HOH HOH B . 
D 2 HOH 32 475 475 HOH HOH B . 
D 2 HOH 33 479 479 HOH HOH B . 
D 2 HOH 34 481 481 HOH HOH B . 
D 2 HOH 35 482 482 HOH HOH B . 
D 2 HOH 36 483 483 HOH HOH B . 
D 2 HOH 37 484 484 HOH HOH B . 
D 2 HOH 38 485 485 HOH HOH B . 
D 2 HOH 39 487 487 HOH HOH B . 
D 2 HOH 40 489 489 HOH HOH B . 
D 2 HOH 41 492 492 HOH HOH B . 
D 2 HOH 42 493 493 HOH HOH B . 
D 2 HOH 43 494 494 HOH HOH B . 
D 2 HOH 44 496 496 HOH HOH B . 
D 2 HOH 45 501 501 HOH HOH B . 
D 2 HOH 46 505 505 HOH HOH B . 
D 2 HOH 47 509 509 HOH HOH B . 
# 
loop_
_software.name 
_software.classification 
_software.version 
_software.citation_id 
_software.pdbx_ordinal 
X-PLOR 'model building' . ? 1 
X-PLOR refinement       . ? 2 
X-PLOR phasing          . ? 3 
# 
_cell.entry_id           1HSI 
_cell.length_a           36.760 
_cell.length_b           58.440 
_cell.length_c           55.110 
_cell.angle_alpha        90.00 
_cell.angle_beta         91.20 
_cell.angle_gamma        90.00 
_cell.Z_PDB              4 
_cell.pdbx_unique_axis   ? 
# 
_symmetry.entry_id                         1HSI 
_symmetry.space_group_name_H-M             'P 1 21 1' 
_symmetry.pdbx_full_space_group_name_H-M   ? 
_symmetry.cell_setting                     ? 
_symmetry.Int_Tables_number                4 
# 
_exptl.entry_id          1HSI 
_exptl.method            'X-RAY DIFFRACTION' 
_exptl.crystals_number   ? 
# 
_exptl_crystal.id                    1 
_exptl_crystal.density_meas          ? 
_exptl_crystal.density_Matthews      2.76 
_exptl_crystal.density_percent_sol   55.38 
_exptl_crystal.description           ? 
# 
_refine.entry_id                                 1HSI 
_refine.ls_number_reflns_obs                     ? 
_refine.ls_number_reflns_all                     ? 
_refine.pdbx_ls_sigma_I                          ? 
_refine.pdbx_ls_sigma_F                          ? 
_refine.pdbx_data_cutoff_high_absF               ? 
_refine.pdbx_data_cutoff_low_absF                ? 
_refine.pdbx_data_cutoff_high_rms_absF           ? 
_refine.ls_d_res_low                             ? 
_refine.ls_d_res_high                            2.5 
_refine.ls_percent_reflns_obs                    ? 
_refine.ls_R_factor_obs                          0.1660000 
_refine.ls_R_factor_all                          ? 
_refine.ls_R_factor_R_work                       0.1660000 
_refine.ls_R_factor_R_free                       ? 
_refine.ls_R_factor_R_free_error                 ? 
_refine.ls_R_factor_R_free_error_details         ? 
_refine.ls_percent_reflns_R_free                 ? 
_refine.ls_number_reflns_R_free                  ? 
_refine.ls_number_parameters                     ? 
_refine.ls_number_restraints                     ? 
_refine.occupancy_min                            ? 
_refine.occupancy_max                            ? 
_refine.B_iso_mean                               ? 
_refine.aniso_B[1][1]                            ? 
_refine.aniso_B[2][2]                            ? 
_refine.aniso_B[3][3]                            ? 
_refine.aniso_B[1][2]                            ? 
_refine.aniso_B[1][3]                            ? 
_refine.aniso_B[2][3]                            ? 
_refine.solvent_model_details                    ? 
_refine.solvent_model_param_ksol                 ? 
_refine.solvent_model_param_bsol                 ? 
_refine.pdbx_ls_cross_valid_method               ? 
_refine.details                                  ? 
_refine.pdbx_starting_model                      ? 
_refine.pdbx_method_to_determine_struct          ? 
_refine.pdbx_isotropic_thermal_model             ? 
_refine.pdbx_stereochemistry_target_values       ? 
_refine.pdbx_stereochem_target_val_spec_case     ? 
_refine.pdbx_R_Free_selection_details            ? 
_refine.pdbx_overall_ESU_R                       ? 
_refine.pdbx_overall_ESU_R_Free                  ? 
_refine.overall_SU_ML                            ? 
_refine.overall_SU_B                             ? 
_refine.pdbx_refine_id                           'X-RAY DIFFRACTION' 
_refine.pdbx_diffrn_id                           1 
_refine.pdbx_TLS_residual_ADP_flag               ? 
_refine.correlation_coeff_Fo_to_Fc               ? 
_refine.correlation_coeff_Fo_to_Fc_free          ? 
_refine.pdbx_solvent_vdw_probe_radii             ? 
_refine.pdbx_solvent_ion_probe_radii             ? 
_refine.pdbx_solvent_shrinkage_radii             ? 
_refine.pdbx_overall_phase_error                 ? 
_refine.overall_SU_R_Cruickshank_DPI             ? 
_refine.pdbx_overall_SU_R_free_Cruickshank_DPI   ? 
_refine.pdbx_overall_SU_R_Blow_DPI               ? 
_refine.pdbx_overall_SU_R_free_Blow_DPI          ? 
# 
_refine_hist.pdbx_refine_id                   'X-RAY DIFFRACTION' 
_refine_hist.cycle_id                         LAST 
_refine_hist.pdbx_number_atoms_protein        1508 
_refine_hist.pdbx_number_atoms_nucleic_acid   0 
_refine_hist.pdbx_number_atoms_ligand         0 
_refine_hist.number_atoms_solvent             94 
_refine_hist.number_atoms_total               1602 
_refine_hist.d_res_high                       2.5 
_refine_hist.d_res_low                        . 
# 
loop_
_refine_ls_restr.type 
_refine_ls_restr.dev_ideal 
_refine_ls_restr.dev_ideal_target 
_refine_ls_restr.weight 
_refine_ls_restr.number 
_refine_ls_restr.pdbx_refine_id 
_refine_ls_restr.pdbx_restraint_function 
x_bond_d                0.009 ? ? ? 'X-RAY DIFFRACTION' ? 
x_bond_d_na             ?     ? ? ? 'X-RAY DIFFRACTION' ? 
x_bond_d_prot           ?     ? ? ? 'X-RAY DIFFRACTION' ? 
x_angle_d               ?     ? ? ? 'X-RAY DIFFRACTION' ? 
x_angle_d_na            ?     ? ? ? 'X-RAY DIFFRACTION' ? 
x_angle_d_prot          ?     ? ? ? 'X-RAY DIFFRACTION' ? 
x_angle_deg             1.4   ? ? ? 'X-RAY DIFFRACTION' ? 
x_angle_deg_na          ?     ? ? ? 'X-RAY DIFFRACTION' ? 
x_angle_deg_prot        ?     ? ? ? 'X-RAY DIFFRACTION' ? 
x_dihedral_angle_d      ?     ? ? ? 'X-RAY DIFFRACTION' ? 
x_dihedral_angle_d_na   ?     ? ? ? 'X-RAY DIFFRACTION' ? 
x_dihedral_angle_d_prot ?     ? ? ? 'X-RAY DIFFRACTION' ? 
x_improper_angle_d      ?     ? ? ? 'X-RAY DIFFRACTION' ? 
x_improper_angle_d_na   ?     ? ? ? 'X-RAY DIFFRACTION' ? 
x_improper_angle_d_prot ?     ? ? ? 'X-RAY DIFFRACTION' ? 
x_mcbond_it             ?     ? ? ? 'X-RAY DIFFRACTION' ? 
x_mcangle_it            ?     ? ? ? 'X-RAY DIFFRACTION' ? 
x_scbond_it             ?     ? ? ? 'X-RAY DIFFRACTION' ? 
x_scangle_it            ?     ? ? ? 'X-RAY DIFFRACTION' ? 
# 
_struct.entry_id                  1HSI 
_struct.title                     
;CRYSTAL STRUCTURE AT 1.9 ANGSTROMS RESOLUTION OF HUMAN IMMUNODEFICIENCY VIRUS (HIV) II PROTEASE COMPLEXED WITH L-735,524, AN ORALLY BIOAVAILABLE INHIBITOR OF THE HIV PROTEASES
;
_struct.pdbx_model_details        ? 
_struct.pdbx_CASP_flag            ? 
_struct.pdbx_model_type_details   ? 
# 
_struct_keywords.entry_id        1HSI 
_struct_keywords.pdbx_keywords   'HYDROLASE (ACID PROTEINASE)' 
_struct_keywords.text            'HYDROLASE (ACID PROTEINASE)' 
# 
loop_
_struct_asym.id 
_struct_asym.pdbx_blank_PDB_chainid_flag 
_struct_asym.pdbx_modified 
_struct_asym.entity_id 
_struct_asym.details 
A N N 1 ? 
B N N 1 ? 
C N N 2 ? 
D N N 2 ? 
# 
_struct_ref.id                         1 
_struct_ref.db_name                    UNP 
_struct_ref.db_code                    POL_HV2RO 
_struct_ref.entity_id                  1 
_struct_ref.pdbx_db_accession          P04584 
_struct_ref.pdbx_align_begin           1 
_struct_ref.pdbx_seq_one_letter_code   
;TGRFFRTGPLGKEAPQLPRGPSSAGADTNSTPSGSSSGSTGEIYAAREKTERAERETIQGSDRGLTAPRAGGDTIQGATN
RGLAAPQFSLWKRPVVTAYIEGQPVEVLLDTGADDSIVAGIELGNNYSPKIVGGIGGFINTKEYKNVEIEVLNKKVRATI
MTGDTPINIFGRNILTALGMSLNLPVAKVEPIKIMLKPGKDGPKLRQWPLTKEKIEALKEICEKMEKEGQLEEAPPTNPY
NTPTFAIKKKDKNKWRMLIDFRELNKVTQDFTEIQLGIPHPAGLAKKRRITVLDVGDAYFSIPLHEDFRPYTAFTLPSVN
NAEPGKRYIYKVLPQGWKGSPAIFQHTMRQVLEPFRKANKDVIIIQYMDDILIASDRTDLEHDRVVLQLKELLNGLGFST
PDEKFQKDPPYHWMGYELWPTKWKLQKIQLPQKEIWTVNDIQKLVGVLNWAAQLYPGIKTKHLCRLIRGKMTLTEEVQWT
ELAEAELEENRIILSQEQEGHYYQEEKELEATVQKDQENQWTYKIHQEEKILKVGKYAKVKNTHTNGIRLLAQVVQKIGK
EALVIWGRIPKFHLPVEREIWEQWWDNYWQVTWIPDWDFVSTPPLVRLAFNLVGDPIPGAETFYTDGSCNRQSKEGKAGY
VTDRGKDKVKKLEQTTNQQAELEAFAMALTDSGPKVNIIVDSQYVMGISASQPTESESKIVNQIIEEMIKKEAIYVAWVP
AHKGIGGNQEVDHLVSQGIRQVLFLEKIEPAQEEHEKYHSNVKELSHKFGIPNLVARQIVNSCAQCQQKGEAIHGQVNAE
LGTWQMDCTHLEGKIIIVAVHVASGFIEAEVIPQESGRQTALFLLKLASRWPITHLHTDNGANFTSQEVKMVAWWIGIEQ
SFGVPYNPQSQGVVEAMNHHLKNQISRIREQANTIETIVLMAIHCMNFKRRGGIGDMTPSERLINMITTEQEIQFLQAKN
SKLKDFRVYFREGRDQLWKGPGELLWKGEGAVLVKVGTDIKIIPRRKAKIIRDYGGRQEMDSGSHLEGAREDGEMA
;
_struct_ref.pdbx_db_isoform            ? 
# 
loop_
_struct_ref_seq.align_id 
_struct_ref_seq.ref_id 
_struct_ref_seq.pdbx_PDB_id_code 
_struct_ref_seq.pdbx_strand_id 
_struct_ref_seq.seq_align_beg 
_struct_ref_seq.pdbx_seq_align_beg_ins_code 
_struct_ref_seq.seq_align_end 
_struct_ref_seq.pdbx_seq_align_end_ins_code 
_struct_ref_seq.pdbx_db_accession 
_struct_ref_seq.db_align_beg 
_struct_ref_seq.pdbx_db_align_beg_ins_code 
_struct_ref_seq.db_align_end 
_struct_ref_seq.pdbx_db_align_end_ins_code 
_struct_ref_seq.pdbx_auth_seq_align_beg 
_struct_ref_seq.pdbx_auth_seq_align_end 
1 1 1HSI A 1 ? 99 ? P04584 86 ? 184 ? 1 99 
2 1 1HSI B 1 ? 99 ? P04584 86 ? 184 ? 1 99 
# 
_pdbx_struct_assembly.id                   1 
_pdbx_struct_assembly.details              author_and_software_defined_assembly 
_pdbx_struct_assembly.method_details       PISA 
_pdbx_struct_assembly.oligomeric_details   dimeric 
_pdbx_struct_assembly.oligomeric_count     2 
# 
loop_
_pdbx_struct_assembly_prop.biol_id 
_pdbx_struct_assembly_prop.type 
_pdbx_struct_assembly_prop.value 
_pdbx_struct_assembly_prop.details 
1 'ABSA (A^2)' 2890  ? 
1 MORE         -15   ? 
1 'SSA (A^2)'  10480 ? 
# 
_pdbx_struct_assembly_gen.assembly_id       1 
_pdbx_struct_assembly_gen.oper_expression   1 
_pdbx_struct_assembly_gen.asym_id_list      A,B,C,D 
# 
_pdbx_struct_oper_list.id                   1 
_pdbx_struct_oper_list.type                 'identity operation' 
_pdbx_struct_oper_list.name                 1_555 
_pdbx_struct_oper_list.symmetry_operation   x,y,z 
_pdbx_struct_oper_list.matrix[1][1]         1.0000000000 
_pdbx_struct_oper_list.matrix[1][2]         0.0000000000 
_pdbx_struct_oper_list.matrix[1][3]         0.0000000000 
_pdbx_struct_oper_list.vector[1]            0.0000000000 
_pdbx_struct_oper_list.matrix[2][1]         0.0000000000 
_pdbx_struct_oper_list.matrix[2][2]         1.0000000000 
_pdbx_struct_oper_list.matrix[2][3]         0.0000000000 
_pdbx_struct_oper_list.vector[2]            0.0000000000 
_pdbx_struct_oper_list.matrix[3][1]         0.0000000000 
_pdbx_struct_oper_list.matrix[3][2]         0.0000000000 
_pdbx_struct_oper_list.matrix[3][3]         1.0000000000 
_pdbx_struct_oper_list.vector[3]            0.0000000000 
# 
_struct_biol.id   1 
# 
loop_
_struct_conf.conf_type_id 
_struct_conf.id 
_struct_conf.pdbx_PDB_helix_id 
_struct_conf.beg_label_comp_id 
_struct_conf.beg_label_asym_id 
_struct_conf.beg_label_seq_id 
_struct_conf.pdbx_beg_PDB_ins_code 
_struct_conf.end_label_comp_id 
_struct_conf.end_label_asym_id 
_struct_conf.end_label_seq_id 
_struct_conf.pdbx_end_PDB_ins_code 
_struct_conf.beg_auth_comp_id 
_struct_conf.beg_auth_asym_id 
_struct_conf.beg_auth_seq_id 
_struct_conf.end_auth_comp_id 
_struct_conf.end_auth_asym_id 
_struct_conf.end_auth_seq_id 
_struct_conf.pdbx_PDB_helix_class 
_struct_conf.details 
_struct_conf.pdbx_PDB_helix_length 
HELX_P HELX_P1 1 ARG A 87 ? ALA A 92 ? ARG A 87 ALA A 92 1 ? 6 
HELX_P HELX_P2 2 ARG B 87 ? LEU B 90 ? ARG B 87 LEU B 90 1 ? 4 
# 
_struct_conf_type.id          HELX_P 
_struct_conf_type.criteria    ? 
_struct_conf_type.reference   ? 
# 
loop_
_struct_sheet.id 
_struct_sheet.type 
_struct_sheet.number_strands 
_struct_sheet.details 
A ? 4 ? 
B ? 3 ? 
C ? 2 ? 
D ? 4 ? 
E ? 3 ? 
# 
loop_
_struct_sheet_order.sheet_id 
_struct_sheet_order.range_id_1 
_struct_sheet_order.range_id_2 
_struct_sheet_order.offset 
_struct_sheet_order.sense 
A 1 2 ? anti-parallel 
A 2 3 ? anti-parallel 
A 3 4 ? anti-parallel 
B 1 2 ? anti-parallel 
B 2 3 ? anti-parallel 
C 1 2 ? anti-parallel 
D 1 2 ? anti-parallel 
D 2 3 ? anti-parallel 
D 3 4 ? anti-parallel 
E 1 2 ? anti-parallel 
E 2 3 ? anti-parallel 
# 
loop_
_struct_sheet_range.sheet_id 
_struct_sheet_range.id 
_struct_sheet_range.beg_label_comp_id 
_struct_sheet_range.beg_label_asym_id 
_struct_sheet_range.beg_label_seq_id 
_struct_sheet_range.pdbx_beg_PDB_ins_code 
_struct_sheet_range.end_label_comp_id 
_struct_sheet_range.end_label_asym_id 
_struct_sheet_range.end_label_seq_id 
_struct_sheet_range.pdbx_end_PDB_ins_code 
_struct_sheet_range.beg_auth_comp_id 
_struct_sheet_range.beg_auth_asym_id 
_struct_sheet_range.beg_auth_seq_id 
_struct_sheet_range.end_auth_comp_id 
_struct_sheet_range.end_auth_asym_id 
_struct_sheet_range.end_auth_seq_id 
A 1 GLN A 18 ? LEU A 23 ? GLN A 18 LEU A 23 
A 2 VAL A 10 ? ILE A 15 ? VAL A 10 ILE A 15 
A 3 VAL A 62 ? VAL A 66 ? VAL A 62 VAL A 66 
A 4 LYS A 69 ? ALA A 73 ? LYS A 69 ALA A 73 
B 1 TYR A 42 ? VAL A 47 ? TYR A 42 VAL A 47 
B 2 ILE A 54 ? TYR A 59 ? ILE A 54 TYR A 59 
B 3 ILE A 75 ? THR A 77 ? ILE A 75 THR A 77 
C 1 SER A 96 ? ASN A 98 ? SER A 96 ASN A 98 
C 2 SER B 96 ? ASN B 98 ? SER B 96 ASN B 98 
D 1 GLN B 18 ? LEU B 23 ? GLN B 18 LEU B 23 
D 2 VAL B 10 ? ILE B 15 ? VAL B 10 ILE B 15 
D 3 VAL B 62 ? VAL B 66 ? VAL B 62 VAL B 66 
D 4 LYS B 69 ? ALA B 73 ? LYS B 69 ALA B 73 
E 1 SER B 43 ? GLY B 49 ? SER B 43 GLY B 49 
E 2 GLY B 52 ? TYR B 59 ? GLY B 52 TYR B 59 
E 3 ILE B 75 ? THR B 77 ? ILE B 75 THR B 77 
# 
loop_
_pdbx_struct_sheet_hbond.sheet_id 
_pdbx_struct_sheet_hbond.range_id_1 
_pdbx_struct_sheet_hbond.range_id_2 
_pdbx_struct_sheet_hbond.range_1_label_atom_id 
_pdbx_struct_sheet_hbond.range_1_label_comp_id 
_pdbx_struct_sheet_hbond.range_1_label_asym_id 
_pdbx_struct_sheet_hbond.range_1_label_seq_id 
_pdbx_struct_sheet_hbond.range_1_PDB_ins_code 
_pdbx_struct_sheet_hbond.range_1_auth_atom_id 
_pdbx_struct_sheet_hbond.range_1_auth_comp_id 
_pdbx_struct_sheet_hbond.range_1_auth_asym_id 
_pdbx_struct_sheet_hbond.range_1_auth_seq_id 
_pdbx_struct_sheet_hbond.range_2_label_atom_id 
_pdbx_struct_sheet_hbond.range_2_label_comp_id 
_pdbx_struct_sheet_hbond.range_2_label_asym_id 
_pdbx_struct_sheet_hbond.range_2_label_seq_id 
_pdbx_struct_sheet_hbond.range_2_PDB_ins_code 
_pdbx_struct_sheet_hbond.range_2_auth_atom_id 
_pdbx_struct_sheet_hbond.range_2_auth_comp_id 
_pdbx_struct_sheet_hbond.range_2_auth_asym_id 
_pdbx_struct_sheet_hbond.range_2_auth_seq_id 
A 1 2 O GLN A 18 ? O GLN A 18 N ILE A 15 ? N ILE A 15 
A 2 3 O TYR A 14 ? O TYR A 14 N GLU A 65 ? N GLU A 65 
A 3 4 O VAL A 62 ? O VAL A 62 N ALA A 73 ? N ALA A 73 
B 1 2 O SER A 43 ? O SER A 43 N GLU A 58 ? N GLU A 58 
B 2 3 O LYS A 57 ? O LYS A 57 N THR A 77 ? N THR A 77 
C 1 2 O SER A 96 ? O SER A 96 N ASN B 98 ? N ASN B 98 
D 1 2 O GLN B 18 ? O GLN B 18 N ILE B 15 ? N ILE B 15 
D 2 3 O TYR B 14 ? O TYR B 14 N GLU B 65 ? N GLU B 65 
D 3 4 O VAL B 62 ? O VAL B 62 N ALA B 73 ? N ALA B 73 
E 1 2 O SER B 43 ? O SER B 43 N GLU B 58 ? N GLU B 58 
E 2 3 O LYS B 57 ? O LYS B 57 N THR B 77 ? N THR B 77 
# 
loop_
_pdbx_validate_rmsd_angle.id 
_pdbx_validate_rmsd_angle.PDB_model_num 
_pdbx_validate_rmsd_angle.auth_atom_id_1 
_pdbx_validate_rmsd_angle.auth_asym_id_1 
_pdbx_validate_rmsd_angle.auth_comp_id_1 
_pdbx_validate_rmsd_angle.auth_seq_id_1 
_pdbx_validate_rmsd_angle.PDB_ins_code_1 
_pdbx_validate_rmsd_angle.label_alt_id_1 
_pdbx_validate_rmsd_angle.auth_atom_id_2 
_pdbx_validate_rmsd_angle.auth_asym_id_2 
_pdbx_validate_rmsd_angle.auth_comp_id_2 
_pdbx_validate_rmsd_angle.auth_seq_id_2 
_pdbx_validate_rmsd_angle.PDB_ins_code_2 
_pdbx_validate_rmsd_angle.label_alt_id_2 
_pdbx_validate_rmsd_angle.auth_atom_id_3 
_pdbx_validate_rmsd_angle.auth_asym_id_3 
_pdbx_validate_rmsd_angle.auth_comp_id_3 
_pdbx_validate_rmsd_angle.auth_seq_id_3 
_pdbx_validate_rmsd_angle.PDB_ins_code_3 
_pdbx_validate_rmsd_angle.label_alt_id_3 
_pdbx_validate_rmsd_angle.angle_value 
_pdbx_validate_rmsd_angle.angle_target_value 
_pdbx_validate_rmsd_angle.angle_deviation 
_pdbx_validate_rmsd_angle.angle_standard_deviation 
_pdbx_validate_rmsd_angle.linker_flag 
1 1 CA A PRO 1 ? ? N  A PRO 1 ? ? CD A PRO 1 ? ? 101.84 111.50 -9.66 1.40 N 
2 1 CA B PRO 1 ? ? N  B PRO 1 ? ? CD B PRO 1 ? ? 102.67 111.50 -8.83 1.40 N 
3 1 N  B PRO 1 ? ? CD B PRO 1 ? ? CG B PRO 1 ? ? 111.41 103.80 7.61  1.20 N 
# 
loop_
_pdbx_validate_torsion.id 
_pdbx_validate_torsion.PDB_model_num 
_pdbx_validate_torsion.auth_comp_id 
_pdbx_validate_torsion.auth_asym_id 
_pdbx_validate_torsion.auth_seq_id 
_pdbx_validate_torsion.PDB_ins_code 
_pdbx_validate_torsion.label_alt_id 
_pdbx_validate_torsion.phi 
_pdbx_validate_torsion.psi 
1 1 ILE A 50 ? ? -26.94  105.91 
2 1 ALA A 73 ? ? -170.79 149.51 
3 1 ILE B 50 ? ? -51.60  105.79 
# 
_pdbx_validate_planes.id              1 
_pdbx_validate_planes.PDB_model_num   1 
_pdbx_validate_planes.auth_comp_id    TYR 
_pdbx_validate_planes.auth_asym_id    B 
_pdbx_validate_planes.auth_seq_id     14 
_pdbx_validate_planes.PDB_ins_code    ? 
_pdbx_validate_planes.label_alt_id    ? 
_pdbx_validate_planes.rmsd            0.087 
_pdbx_validate_planes.type            'SIDE CHAIN' 
# 
loop_
_chem_comp_atom.comp_id 
_chem_comp_atom.atom_id 
_chem_comp_atom.type_symbol 
_chem_comp_atom.pdbx_aromatic_flag 
_chem_comp_atom.pdbx_stereo_config 
_chem_comp_atom.pdbx_ordinal 
ALA N    N N N 1   
ALA CA   C N S 2   
ALA C    C N N 3   
ALA O    O N N 4   
ALA CB   C N N 5   
ALA OXT  O N N 6   
ALA H    H N N 7   
ALA H2   H N N 8   
ALA HA   H N N 9   
ALA HB1  H N N 10  
ALA HB2  H N N 11  
ALA HB3  H N N 12  
ALA HXT  H N N 13  
ARG N    N N N 14  
ARG CA   C N S 15  
ARG C    C N N 16  
ARG O    O N N 17  
ARG CB   C N N 18  
ARG CG   C N N 19  
ARG CD   C N N 20  
ARG NE   N N N 21  
ARG CZ   C N N 22  
ARG NH1  N N N 23  
ARG NH2  N N N 24  
ARG OXT  O N N 25  
ARG H    H N N 26  
ARG H2   H N N 27  
ARG HA   H N N 28  
ARG HB2  H N N 29  
ARG HB3  H N N 30  
ARG HG2  H N N 31  
ARG HG3  H N N 32  
ARG HD2  H N N 33  
ARG HD3  H N N 34  
ARG HE   H N N 35  
ARG HH11 H N N 36  
ARG HH12 H N N 37  
ARG HH21 H N N 38  
ARG HH22 H N N 39  
ARG HXT  H N N 40  
ASN N    N N N 41  
ASN CA   C N S 42  
ASN C    C N N 43  
ASN O    O N N 44  
ASN CB   C N N 45  
ASN CG   C N N 46  
ASN OD1  O N N 47  
ASN ND2  N N N 48  
ASN OXT  O N N 49  
ASN H    H N N 50  
ASN H2   H N N 51  
ASN HA   H N N 52  
ASN HB2  H N N 53  
ASN HB3  H N N 54  
ASN HD21 H N N 55  
ASN HD22 H N N 56  
ASN HXT  H N N 57  
ASP N    N N N 58  
ASP CA   C N S 59  
ASP C    C N N 60  
ASP O    O N N 61  
ASP CB   C N N 62  
ASP CG   C N N 63  
ASP OD1  O N N 64  
ASP OD2  O N N 65  
ASP OXT  O N N 66  
ASP H    H N N 67  
ASP H2   H N N 68  
ASP HA   H N N 69  
ASP HB2  H N N 70  
ASP HB3  H N N 71  
ASP HD2  H N N 72  
ASP HXT  H N N 73  
GLN N    N N N 74  
GLN CA   C N S 75  
GLN C    C N N 76  
GLN O    O N N 77  
GLN CB   C N N 78  
GLN CG   C N N 79  
GLN CD   C N N 80  
GLN OE1  O N N 81  
GLN NE2  N N N 82  
GLN OXT  O N N 83  
GLN H    H N N 84  
GLN H2   H N N 85  
GLN HA   H N N 86  
GLN HB2  H N N 87  
GLN HB3  H N N 88  
GLN HG2  H N N 89  
GLN HG3  H N N 90  
GLN HE21 H N N 91  
GLN HE22 H N N 92  
GLN HXT  H N N 93  
GLU N    N N N 94  
GLU CA   C N S 95  
GLU C    C N N 96  
GLU O    O N N 97  
GLU CB   C N N 98  
GLU CG   C N N 99  
GLU CD   C N N 100 
GLU OE1  O N N 101 
GLU OE2  O N N 102 
GLU OXT  O N N 103 
GLU H    H N N 104 
GLU H2   H N N 105 
GLU HA   H N N 106 
GLU HB2  H N N 107 
GLU HB3  H N N 108 
GLU HG2  H N N 109 
GLU HG3  H N N 110 
GLU HE2  H N N 111 
GLU HXT  H N N 112 
GLY N    N N N 113 
GLY CA   C N N 114 
GLY C    C N N 115 
GLY O    O N N 116 
GLY OXT  O N N 117 
GLY H    H N N 118 
GLY H2   H N N 119 
GLY HA2  H N N 120 
GLY HA3  H N N 121 
GLY HXT  H N N 122 
HOH O    O N N 123 
HOH H1   H N N 124 
HOH H2   H N N 125 
ILE N    N N N 126 
ILE CA   C N S 127 
ILE C    C N N 128 
ILE O    O N N 129 
ILE CB   C N S 130 
ILE CG1  C N N 131 
ILE CG2  C N N 132 
ILE CD1  C N N 133 
ILE OXT  O N N 134 
ILE H    H N N 135 
ILE H2   H N N 136 
ILE HA   H N N 137 
ILE HB   H N N 138 
ILE HG12 H N N 139 
ILE HG13 H N N 140 
ILE HG21 H N N 141 
ILE HG22 H N N 142 
ILE HG23 H N N 143 
ILE HD11 H N N 144 
ILE HD12 H N N 145 
ILE HD13 H N N 146 
ILE HXT  H N N 147 
LEU N    N N N 148 
LEU CA   C N S 149 
LEU C    C N N 150 
LEU O    O N N 151 
LEU CB   C N N 152 
LEU CG   C N N 153 
LEU CD1  C N N 154 
LEU CD2  C N N 155 
LEU OXT  O N N 156 
LEU H    H N N 157 
LEU H2   H N N 158 
LEU HA   H N N 159 
LEU HB2  H N N 160 
LEU HB3  H N N 161 
LEU HG   H N N 162 
LEU HD11 H N N 163 
LEU HD12 H N N 164 
LEU HD13 H N N 165 
LEU HD21 H N N 166 
LEU HD22 H N N 167 
LEU HD23 H N N 168 
LEU HXT  H N N 169 
LYS N    N N N 170 
LYS CA   C N S 171 
LYS C    C N N 172 
LYS O    O N N 173 
LYS CB   C N N 174 
LYS CG   C N N 175 
LYS CD   C N N 176 
LYS CE   C N N 177 
LYS NZ   N N N 178 
LYS OXT  O N N 179 
LYS H    H N N 180 
LYS H2   H N N 181 
LYS HA   H N N 182 
LYS HB2  H N N 183 
LYS HB3  H N N 184 
LYS HG2  H N N 185 
LYS HG3  H N N 186 
LYS HD2  H N N 187 
LYS HD3  H N N 188 
LYS HE2  H N N 189 
LYS HE3  H N N 190 
LYS HZ1  H N N 191 
LYS HZ2  H N N 192 
LYS HZ3  H N N 193 
LYS HXT  H N N 194 
MET N    N N N 195 
MET CA   C N S 196 
MET C    C N N 197 
MET O    O N N 198 
MET CB   C N N 199 
MET CG   C N N 200 
MET SD   S N N 201 
MET CE   C N N 202 
MET OXT  O N N 203 
MET H    H N N 204 
MET H2   H N N 205 
MET HA   H N N 206 
MET HB2  H N N 207 
MET HB3  H N N 208 
MET HG2  H N N 209 
MET HG3  H N N 210 
MET HE1  H N N 211 
MET HE2  H N N 212 
MET HE3  H N N 213 
MET HXT  H N N 214 
PHE N    N N N 215 
PHE CA   C N S 216 
PHE C    C N N 217 
PHE O    O N N 218 
PHE CB   C N N 219 
PHE CG   C Y N 220 
PHE CD1  C Y N 221 
PHE CD2  C Y N 222 
PHE CE1  C Y N 223 
PHE CE2  C Y N 224 
PHE CZ   C Y N 225 
PHE OXT  O N N 226 
PHE H    H N N 227 
PHE H2   H N N 228 
PHE HA   H N N 229 
PHE HB2  H N N 230 
PHE HB3  H N N 231 
PHE HD1  H N N 232 
PHE HD2  H N N 233 
PHE HE1  H N N 234 
PHE HE2  H N N 235 
PHE HZ   H N N 236 
PHE HXT  H N N 237 
PRO N    N N N 238 
PRO CA   C N S 239 
PRO C    C N N 240 
PRO O    O N N 241 
PRO CB   C N N 242 
PRO CG   C N N 243 
PRO CD   C N N 244 
PRO OXT  O N N 245 
PRO H    H N N 246 
PRO HA   H N N 247 
PRO HB2  H N N 248 
PRO HB3  H N N 249 
PRO HG2  H N N 250 
PRO HG3  H N N 251 
PRO HD2  H N N 252 
PRO HD3  H N N 253 
PRO HXT  H N N 254 
SER N    N N N 255 
SER CA   C N S 256 
SER C    C N N 257 
SER O    O N N 258 
SER CB   C N N 259 
SER OG   O N N 260 
SER OXT  O N N 261 
SER H    H N N 262 
SER H2   H N N 263 
SER HA   H N N 264 
SER HB2  H N N 265 
SER HB3  H N N 266 
SER HG   H N N 267 
SER HXT  H N N 268 
THR N    N N N 269 
THR CA   C N S 270 
THR C    C N N 271 
THR O    O N N 272 
THR CB   C N R 273 
THR OG1  O N N 274 
THR CG2  C N N 275 
THR OXT  O N N 276 
THR H    H N N 277 
THR H2   H N N 278 
THR HA   H N N 279 
THR HB   H N N 280 
THR HG1  H N N 281 
THR HG21 H N N 282 
THR HG22 H N N 283 
THR HG23 H N N 284 
THR HXT  H N N 285 
TRP N    N N N 286 
TRP CA   C N S 287 
TRP C    C N N 288 
TRP O    O N N 289 
TRP CB   C N N 290 
TRP CG   C Y N 291 
TRP CD1  C Y N 292 
TRP CD2  C Y N 293 
TRP NE1  N Y N 294 
TRP CE2  C Y N 295 
TRP CE3  C Y N 296 
TRP CZ2  C Y N 297 
TRP CZ3  C Y N 298 
TRP CH2  C Y N 299 
TRP OXT  O N N 300 
TRP H    H N N 301 
TRP H2   H N N 302 
TRP HA   H N N 303 
TRP HB2  H N N 304 
TRP HB3  H N N 305 
TRP HD1  H N N 306 
TRP HE1  H N N 307 
TRP HE3  H N N 308 
TRP HZ2  H N N 309 
TRP HZ3  H N N 310 
TRP HH2  H N N 311 
TRP HXT  H N N 312 
TYR N    N N N 313 
TYR CA   C N S 314 
TYR C    C N N 315 
TYR O    O N N 316 
TYR CB   C N N 317 
TYR CG   C Y N 318 
TYR CD1  C Y N 319 
TYR CD2  C Y N 320 
TYR CE1  C Y N 321 
TYR CE2  C Y N 322 
TYR CZ   C Y N 323 
TYR OH   O N N 324 
TYR OXT  O N N 325 
TYR H    H N N 326 
TYR H2   H N N 327 
TYR HA   H N N 328 
TYR HB2  H N N 329 
TYR HB3  H N N 330 
TYR HD1  H N N 331 
TYR HD2  H N N 332 
TYR HE1  H N N 333 
TYR HE2  H N N 334 
TYR HH   H N N 335 
TYR HXT  H N N 336 
VAL N    N N N 337 
VAL CA   C N S 338 
VAL C    C N N 339 
VAL O    O N N 340 
VAL CB   C N N 341 
VAL CG1  C N N 342 
VAL CG2  C N N 343 
VAL OXT  O N N 344 
VAL H    H N N 345 
VAL H2   H N N 346 
VAL HA   H N N 347 
VAL HB   H N N 348 
VAL HG11 H N N 349 
VAL HG12 H N N 350 
VAL HG13 H N N 351 
VAL HG21 H N N 352 
VAL HG22 H N N 353 
VAL HG23 H N N 354 
VAL HXT  H N N 355 
# 
loop_
_chem_comp_bond.comp_id 
_chem_comp_bond.atom_id_1 
_chem_comp_bond.atom_id_2 
_chem_comp_bond.value_order 
_chem_comp_bond.pdbx_aromatic_flag 
_chem_comp_bond.pdbx_stereo_config 
_chem_comp_bond.pdbx_ordinal 
ALA N   CA   sing N N 1   
ALA N   H    sing N N 2   
ALA N   H2   sing N N 3   
ALA CA  C    sing N N 4   
ALA CA  CB   sing N N 5   
ALA CA  HA   sing N N 6   
ALA C   O    doub N N 7   
ALA C   OXT  sing N N 8   
ALA CB  HB1  sing N N 9   
ALA CB  HB2  sing N N 10  
ALA CB  HB3  sing N N 11  
ALA OXT HXT  sing N N 12  
ARG N   CA   sing N N 13  
ARG N   H    sing N N 14  
ARG N   H2   sing N N 15  
ARG CA  C    sing N N 16  
ARG CA  CB   sing N N 17  
ARG CA  HA   sing N N 18  
ARG C   O    doub N N 19  
ARG C   OXT  sing N N 20  
ARG CB  CG   sing N N 21  
ARG CB  HB2  sing N N 22  
ARG CB  HB3  sing N N 23  
ARG CG  CD   sing N N 24  
ARG CG  HG2  sing N N 25  
ARG CG  HG3  sing N N 26  
ARG CD  NE   sing N N 27  
ARG CD  HD2  sing N N 28  
ARG CD  HD3  sing N N 29  
ARG NE  CZ   sing N N 30  
ARG NE  HE   sing N N 31  
ARG CZ  NH1  sing N N 32  
ARG CZ  NH2  doub N N 33  
ARG NH1 HH11 sing N N 34  
ARG NH1 HH12 sing N N 35  
ARG NH2 HH21 sing N N 36  
ARG NH2 HH22 sing N N 37  
ARG OXT HXT  sing N N 38  
ASN N   CA   sing N N 39  
ASN N   H    sing N N 40  
ASN N   H2   sing N N 41  
ASN CA  C    sing N N 42  
ASN CA  CB   sing N N 43  
ASN CA  HA   sing N N 44  
ASN C   O    doub N N 45  
ASN C   OXT  sing N N 46  
ASN CB  CG   sing N N 47  
ASN CB  HB2  sing N N 48  
ASN CB  HB3  sing N N 49  
ASN CG  OD1  doub N N 50  
ASN CG  ND2  sing N N 51  
ASN ND2 HD21 sing N N 52  
ASN ND2 HD22 sing N N 53  
ASN OXT HXT  sing N N 54  
ASP N   CA   sing N N 55  
ASP N   H    sing N N 56  
ASP N   H2   sing N N 57  
ASP CA  C    sing N N 58  
ASP CA  CB   sing N N 59  
ASP CA  HA   sing N N 60  
ASP C   O    doub N N 61  
ASP C   OXT  sing N N 62  
ASP CB  CG   sing N N 63  
ASP CB  HB2  sing N N 64  
ASP CB  HB3  sing N N 65  
ASP CG  OD1  doub N N 66  
ASP CG  OD2  sing N N 67  
ASP OD2 HD2  sing N N 68  
ASP OXT HXT  sing N N 69  
GLN N   CA   sing N N 70  
GLN N   H    sing N N 71  
GLN N   H2   sing N N 72  
GLN CA  C    sing N N 73  
GLN CA  CB   sing N N 74  
GLN CA  HA   sing N N 75  
GLN C   O    doub N N 76  
GLN C   OXT  sing N N 77  
GLN CB  CG   sing N N 78  
GLN CB  HB2  sing N N 79  
GLN CB  HB3  sing N N 80  
GLN CG  CD   sing N N 81  
GLN CG  HG2  sing N N 82  
GLN CG  HG3  sing N N 83  
GLN CD  OE1  doub N N 84  
GLN CD  NE2  sing N N 85  
GLN NE2 HE21 sing N N 86  
GLN NE2 HE22 sing N N 87  
GLN OXT HXT  sing N N 88  
GLU N   CA   sing N N 89  
GLU N   H    sing N N 90  
GLU N   H2   sing N N 91  
GLU CA  C    sing N N 92  
GLU CA  CB   sing N N 93  
GLU CA  HA   sing N N 94  
GLU C   O    doub N N 95  
GLU C   OXT  sing N N 96  
GLU CB  CG   sing N N 97  
GLU CB  HB2  sing N N 98  
GLU CB  HB3  sing N N 99  
GLU CG  CD   sing N N 100 
GLU CG  HG2  sing N N 101 
GLU CG  HG3  sing N N 102 
GLU CD  OE1  doub N N 103 
GLU CD  OE2  sing N N 104 
GLU OE2 HE2  sing N N 105 
GLU OXT HXT  sing N N 106 
GLY N   CA   sing N N 107 
GLY N   H    sing N N 108 
GLY N   H2   sing N N 109 
GLY CA  C    sing N N 110 
GLY CA  HA2  sing N N 111 
GLY CA  HA3  sing N N 112 
GLY C   O    doub N N 113 
GLY C   OXT  sing N N 114 
GLY OXT HXT  sing N N 115 
HOH O   H1   sing N N 116 
HOH O   H2   sing N N 117 
ILE N   CA   sing N N 118 
ILE N   H    sing N N 119 
ILE N   H2   sing N N 120 
ILE CA  C    sing N N 121 
ILE CA  CB   sing N N 122 
ILE CA  HA   sing N N 123 
ILE C   O    doub N N 124 
ILE C   OXT  sing N N 125 
ILE CB  CG1  sing N N 126 
ILE CB  CG2  sing N N 127 
ILE CB  HB   sing N N 128 
ILE CG1 CD1  sing N N 129 
ILE CG1 HG12 sing N N 130 
ILE CG1 HG13 sing N N 131 
ILE CG2 HG21 sing N N 132 
ILE CG2 HG22 sing N N 133 
ILE CG2 HG23 sing N N 134 
ILE CD1 HD11 sing N N 135 
ILE CD1 HD12 sing N N 136 
ILE CD1 HD13 sing N N 137 
ILE OXT HXT  sing N N 138 
LEU N   CA   sing N N 139 
LEU N   H    sing N N 140 
LEU N   H2   sing N N 141 
LEU CA  C    sing N N 142 
LEU CA  CB   sing N N 143 
LEU CA  HA   sing N N 144 
LEU C   O    doub N N 145 
LEU C   OXT  sing N N 146 
LEU CB  CG   sing N N 147 
LEU CB  HB2  sing N N 148 
LEU CB  HB3  sing N N 149 
LEU CG  CD1  sing N N 150 
LEU CG  CD2  sing N N 151 
LEU CG  HG   sing N N 152 
LEU CD1 HD11 sing N N 153 
LEU CD1 HD12 sing N N 154 
LEU CD1 HD13 sing N N 155 
LEU CD2 HD21 sing N N 156 
LEU CD2 HD22 sing N N 157 
LEU CD2 HD23 sing N N 158 
LEU OXT HXT  sing N N 159 
LYS N   CA   sing N N 160 
LYS N   H    sing N N 161 
LYS N   H2   sing N N 162 
LYS CA  C    sing N N 163 
LYS CA  CB   sing N N 164 
LYS CA  HA   sing N N 165 
LYS C   O    doub N N 166 
LYS C   OXT  sing N N 167 
LYS CB  CG   sing N N 168 
LYS CB  HB2  sing N N 169 
LYS CB  HB3  sing N N 170 
LYS CG  CD   sing N N 171 
LYS CG  HG2  sing N N 172 
LYS CG  HG3  sing N N 173 
LYS CD  CE   sing N N 174 
LYS CD  HD2  sing N N 175 
LYS CD  HD3  sing N N 176 
LYS CE  NZ   sing N N 177 
LYS CE  HE2  sing N N 178 
LYS CE  HE3  sing N N 179 
LYS NZ  HZ1  sing N N 180 
LYS NZ  HZ2  sing N N 181 
LYS NZ  HZ3  sing N N 182 
LYS OXT HXT  sing N N 183 
MET N   CA   sing N N 184 
MET N   H    sing N N 185 
MET N   H2   sing N N 186 
MET CA  C    sing N N 187 
MET CA  CB   sing N N 188 
MET CA  HA   sing N N 189 
MET C   O    doub N N 190 
MET C   OXT  sing N N 191 
MET CB  CG   sing N N 192 
MET CB  HB2  sing N N 193 
MET CB  HB3  sing N N 194 
MET CG  SD   sing N N 195 
MET CG  HG2  sing N N 196 
MET CG  HG3  sing N N 197 
MET SD  CE   sing N N 198 
MET CE  HE1  sing N N 199 
MET CE  HE2  sing N N 200 
MET CE  HE3  sing N N 201 
MET OXT HXT  sing N N 202 
PHE N   CA   sing N N 203 
PHE N   H    sing N N 204 
PHE N   H2   sing N N 205 
PHE CA  C    sing N N 206 
PHE CA  CB   sing N N 207 
PHE CA  HA   sing N N 208 
PHE C   O    doub N N 209 
PHE C   OXT  sing N N 210 
PHE CB  CG   sing N N 211 
PHE CB  HB2  sing N N 212 
PHE CB  HB3  sing N N 213 
PHE CG  CD1  doub Y N 214 
PHE CG  CD2  sing Y N 215 
PHE CD1 CE1  sing Y N 216 
PHE CD1 HD1  sing N N 217 
PHE CD2 CE2  doub Y N 218 
PHE CD2 HD2  sing N N 219 
PHE CE1 CZ   doub Y N 220 
PHE CE1 HE1  sing N N 221 
PHE CE2 CZ   sing Y N 222 
PHE CE2 HE2  sing N N 223 
PHE CZ  HZ   sing N N 224 
PHE OXT HXT  sing N N 225 
PRO N   CA   sing N N 226 
PRO N   CD   sing N N 227 
PRO N   H    sing N N 228 
PRO CA  C    sing N N 229 
PRO CA  CB   sing N N 230 
PRO CA  HA   sing N N 231 
PRO C   O    doub N N 232 
PRO C   OXT  sing N N 233 
PRO CB  CG   sing N N 234 
PRO CB  HB2  sing N N 235 
PRO CB  HB3  sing N N 236 
PRO CG  CD   sing N N 237 
PRO CG  HG2  sing N N 238 
PRO CG  HG3  sing N N 239 
PRO CD  HD2  sing N N 240 
PRO CD  HD3  sing N N 241 
PRO OXT HXT  sing N N 242 
SER N   CA   sing N N 243 
SER N   H    sing N N 244 
SER N   H2   sing N N 245 
SER CA  C    sing N N 246 
SER CA  CB   sing N N 247 
SER CA  HA   sing N N 248 
SER C   O    doub N N 249 
SER C   OXT  sing N N 250 
SER CB  OG   sing N N 251 
SER CB  HB2  sing N N 252 
SER CB  HB3  sing N N 253 
SER OG  HG   sing N N 254 
SER OXT HXT  sing N N 255 
THR N   CA   sing N N 256 
THR N   H    sing N N 257 
THR N   H2   sing N N 258 
THR CA  C    sing N N 259 
THR CA  CB   sing N N 260 
THR CA  HA   sing N N 261 
THR C   O    doub N N 262 
THR C   OXT  sing N N 263 
THR CB  OG1  sing N N 264 
THR CB  CG2  sing N N 265 
THR CB  HB   sing N N 266 
THR OG1 HG1  sing N N 267 
THR CG2 HG21 sing N N 268 
THR CG2 HG22 sing N N 269 
THR CG2 HG23 sing N N 270 
THR OXT HXT  sing N N 271 
TRP N   CA   sing N N 272 
TRP N   H    sing N N 273 
TRP N   H2   sing N N 274 
TRP CA  C    sing N N 275 
TRP CA  CB   sing N N 276 
TRP CA  HA   sing N N 277 
TRP C   O    doub N N 278 
TRP C   OXT  sing N N 279 
TRP CB  CG   sing N N 280 
TRP CB  HB2  sing N N 281 
TRP CB  HB3  sing N N 282 
TRP CG  CD1  doub Y N 283 
TRP CG  CD2  sing Y N 284 
TRP CD1 NE1  sing Y N 285 
TRP CD1 HD1  sing N N 286 
TRP CD2 CE2  doub Y N 287 
TRP CD2 CE3  sing Y N 288 
TRP NE1 CE2  sing Y N 289 
TRP NE1 HE1  sing N N 290 
TRP CE2 CZ2  sing Y N 291 
TRP CE3 CZ3  doub Y N 292 
TRP CE3 HE3  sing N N 293 
TRP CZ2 CH2  doub Y N 294 
TRP CZ2 HZ2  sing N N 295 
TRP CZ3 CH2  sing Y N 296 
TRP CZ3 HZ3  sing N N 297 
TRP CH2 HH2  sing N N 298 
TRP OXT HXT  sing N N 299 
TYR N   CA   sing N N 300 
TYR N   H    sing N N 301 
TYR N   H2   sing N N 302 
TYR CA  C    sing N N 303 
TYR CA  CB   sing N N 304 
TYR CA  HA   sing N N 305 
TYR C   O    doub N N 306 
TYR C   OXT  sing N N 307 
TYR CB  CG   sing N N 308 
TYR CB  HB2  sing N N 309 
TYR CB  HB3  sing N N 310 
TYR CG  CD1  doub Y N 311 
TYR CG  CD2  sing Y N 312 
TYR CD1 CE1  sing Y N 313 
TYR CD1 HD1  sing N N 314 
TYR CD2 CE2  doub Y N 315 
TYR CD2 HD2  sing N N 316 
TYR CE1 CZ   doub Y N 317 
TYR CE1 HE1  sing N N 318 
TYR CE2 CZ   sing Y N 319 
TYR CE2 HE2  sing N N 320 
TYR CZ  OH   sing N N 321 
TYR OH  HH   sing N N 322 
TYR OXT HXT  sing N N 323 
VAL N   CA   sing N N 324 
VAL N   H    sing N N 325 
VAL N   H2   sing N N 326 
VAL CA  C    sing N N 327 
VAL CA  CB   sing N N 328 
VAL CA  HA   sing N N 329 
VAL C   O    doub N N 330 
VAL C   OXT  sing N N 331 
VAL CB  CG1  sing N N 332 
VAL CB  CG2  sing N N 333 
VAL CB  HB   sing N N 334 
VAL CG1 HG11 sing N N 335 
VAL CG1 HG12 sing N N 336 
VAL CG1 HG13 sing N N 337 
VAL CG2 HG21 sing N N 338 
VAL CG2 HG22 sing N N 339 
VAL CG2 HG23 sing N N 340 
VAL OXT HXT  sing N N 341 
# 
_atom_sites.entry_id                    1HSI 
_atom_sites.fract_transf_matrix[1][1]   0.02084713 
_atom_sites.fract_transf_matrix[1][2]   -0.01473511 
_atom_sites.fract_transf_matrix[1][3]   -0.00941286 
_atom_sites.fract_transf_matrix[2][1]   0.01011633 
_atom_sites.fract_transf_matrix[2][2]   0.01377587 
_atom_sites.fract_transf_matrix[2][3]   0.00084006 
_atom_sites.fract_transf_matrix[3][1]   0.00486259 
_atom_sites.fract_transf_matrix[3][2]   -0.00459964 
_atom_sites.fract_transf_matrix[3][3]   0.01687072 
_atom_sites.fract_transf_vector[1]      0.412556 
_atom_sites.fract_transf_vector[2]      0.355677 
_atom_sites.fract_transf_vector[3]      0.276046 
# 
loop_
_atom_type.symbol 
C 
N 
O 
S 
# 
loop_
_atom_site.group_PDB 
_atom_site.id 
_atom_site.type_symbol 
_atom_site.label_atom_id 
_atom_site.label_alt_id 
_atom_site.label_comp_id 
_atom_site.label_asym_id 
_atom_site.label_entity_id 
_atom_site.label_seq_id 
_atom_site.pdbx_PDB_ins_code 
_atom_site.Cartn_x 
_atom_site.Cartn_y 
_atom_site.Cartn_z 
_atom_site.occupancy 
_atom_site.B_iso_or_equiv 
_atom_site.pdbx_formal_charge 
_atom_site.auth_seq_id 
_atom_site.auth_comp_id 
_atom_site.auth_asym_id 
_atom_site.auth_atom_id 
_atom_site.pdbx_PDB_model_num 
ATOM   1    N N   . PRO A 1 1  ? 1.104   -17.919 -6.710  1.00 33.99 ? 1   PRO A N   1 
ATOM   2    C CA  . PRO A 1 1  ? -0.135  -17.133 -6.956  1.00 32.67 ? 1   PRO A CA  1 
ATOM   3    C C   . PRO A 1 1  ? 0.285   -15.729 -7.364  1.00 34.02 ? 1   PRO A C   1 
ATOM   4    O O   . PRO A 1 1  ? 1.401   -15.310 -7.056  1.00 34.86 ? 1   PRO A O   1 
ATOM   5    C CB  . PRO A 1 1  ? -0.974  -17.083 -5.679  1.00 32.31 ? 1   PRO A CB  1 
ATOM   6    C CG  . PRO A 1 1  ? -0.145  -17.819 -4.681  1.00 30.83 ? 1   PRO A CG  1 
ATOM   7    C CD  . PRO A 1 1  ? 0.747   -18.677 -5.522  1.00 34.26 ? 1   PRO A CD  1 
ATOM   8    N N   . GLN A 1 2  ? -0.591  -15.012 -8.055  1.00 34.29 ? 2   GLN A N   1 
ATOM   9    C CA  . GLN A 1 2  ? -0.266  -13.685 -8.556  1.00 34.64 ? 2   GLN A CA  1 
ATOM   10   C C   . GLN A 1 2  ? -1.478  -12.788 -8.449  1.00 36.58 ? 2   GLN A C   1 
ATOM   11   O O   . GLN A 1 2  ? -2.489  -13.044 -9.083  1.00 43.39 ? 2   GLN A O   1 
ATOM   12   C CB  . GLN A 1 2  ? 0.145   -13.754 -10.018 1.00 33.24 ? 2   GLN A CB  1 
ATOM   13   C CG  . GLN A 1 2  ? 0.640   -12.434 -10.544 1.00 36.85 ? 2   GLN A CG  1 
ATOM   14   C CD  . GLN A 1 2  ? 0.265   -12.182 -11.979 1.00 31.60 ? 2   GLN A CD  1 
ATOM   15   O OE1 . GLN A 1 2  ? -0.837  -11.728 -12.272 1.00 39.31 ? 2   GLN A OE1 1 
ATOM   16   N NE2 . GLN A 1 2  ? 1.213   -12.395 -12.878 1.00 30.79 ? 2   GLN A NE2 1 
ATOM   17   N N   . PHE A 1 3  ? -1.388  -11.733 -7.656  1.00 38.08 ? 3   PHE A N   1 
ATOM   18   C CA  . PHE A 1 3  ? -2.513  -10.820 -7.530  1.00 35.29 ? 3   PHE A CA  1 
ATOM   19   C C   . PHE A 1 3  ? -2.455  -9.755  -8.616  1.00 36.55 ? 3   PHE A C   1 
ATOM   20   O O   . PHE A 1 3  ? -1.507  -8.956  -8.680  1.00 33.87 ? 3   PHE A O   1 
ATOM   21   C CB  . PHE A 1 3  ? -2.525  -10.184 -6.140  1.00 33.28 ? 3   PHE A CB  1 
ATOM   22   C CG  . PHE A 1 3  ? -2.535  -11.184 -5.032  1.00 32.65 ? 3   PHE A CG  1 
ATOM   23   C CD1 . PHE A 1 3  ? -1.422  -11.987 -4.801  1.00 34.09 ? 3   PHE A CD1 1 
ATOM   24   C CD2 . PHE A 1 3  ? -3.701  -11.440 -4.335  1.00 35.24 ? 3   PHE A CD2 1 
ATOM   25   C CE1 . PHE A 1 3  ? -1.474  -13.045 -3.915  1.00 35.87 ? 3   PHE A CE1 1 
ATOM   26   C CE2 . PHE A 1 3  ? -3.773  -12.488 -3.442  1.00 36.85 ? 3   PHE A CE2 1 
ATOM   27   C CZ  . PHE A 1 3  ? -2.657  -13.302 -3.232  1.00 41.11 ? 3   PHE A CZ  1 
ATOM   28   N N   . SER A 1 4  ? -3.442  -9.794  -9.508  1.00 38.78 ? 4   SER A N   1 
ATOM   29   C CA  . SER A 1 4  ? -3.708  -8.681  -10.421 1.00 36.92 ? 4   SER A CA  1 
ATOM   30   C C   . SER A 1 4  ? -3.994  -7.494  -9.538  1.00 32.55 ? 4   SER A C   1 
ATOM   31   O O   . SER A 1 4  ? -4.597  -7.641  -8.454  1.00 29.29 ? 4   SER A O   1 
ATOM   32   C CB  . SER A 1 4  ? -4.936  -8.966  -11.308 1.00 42.11 ? 4   SER A CB  1 
ATOM   33   O OG  . SER A 1 4  ? -6.151  -8.957  -10.567 1.00 39.64 ? 4   SER A OG  1 
ATOM   34   N N   . LEU A 1 5  ? -3.578  -6.320  -9.991  1.00 26.20 ? 5   LEU A N   1 
ATOM   35   C CA  . LEU A 1 5  ? -3.802  -5.134  -9.201  1.00 22.40 ? 5   LEU A CA  1 
ATOM   36   C C   . LEU A 1 5  ? -5.019  -4.373  -9.724  1.00 22.66 ? 5   LEU A C   1 
ATOM   37   O O   . LEU A 1 5  ? -5.302  -3.248  -9.297  1.00 19.98 ? 5   LEU A O   1 
ATOM   38   C CB  . LEU A 1 5  ? -2.522  -4.278  -9.165  1.00 20.63 ? 5   LEU A CB  1 
ATOM   39   C CG  . LEU A 1 5  ? -1.347  -4.989  -8.467  1.00 15.07 ? 5   LEU A CG  1 
ATOM   40   C CD1 . LEU A 1 5  ? -0.062  -4.193  -8.500  1.00 7.35  ? 5   LEU A CD1 1 
ATOM   41   C CD2 . LEU A 1 5  ? -1.754  -5.274  -7.040  1.00 8.70  ? 5   LEU A CD2 1 
ATOM   42   N N   . TRP A 1 6  ? -5.754  -5.003  -10.645 1.00 20.69 ? 6   TRP A N   1 
ATOM   43   C CA  . TRP A 1 6  ? -6.924  -4.372  -11.259 1.00 18.21 ? 6   TRP A CA  1 
ATOM   44   C C   . TRP A 1 6  ? -8.065  -4.315  -10.258 1.00 21.22 ? 6   TRP A C   1 
ATOM   45   O O   . TRP A 1 6  ? -8.967  -3.476  -10.379 1.00 26.88 ? 6   TRP A O   1 
ATOM   46   C CB  . TRP A 1 6  ? -7.369  -5.161  -12.477 1.00 10.89 ? 6   TRP A CB  1 
ATOM   47   C CG  . TRP A 1 6  ? -6.381  -5.143  -13.607 1.00 10.30 ? 6   TRP A CG  1 
ATOM   48   C CD1 . TRP A 1 6  ? -5.449  -6.086  -13.876 1.00 10.83 ? 6   TRP A CD1 1 
ATOM   49   C CD2 . TRP A 1 6  ? -6.266  -4.159  -14.645 1.00 4.40  ? 6   TRP A CD2 1 
ATOM   50   N NE1 . TRP A 1 6  ? -4.747  -5.750  -15.009 1.00 14.96 ? 6   TRP A NE1 1 
ATOM   51   C CE2 . TRP A 1 6  ? -5.230  -4.568  -15.500 1.00 12.45 ? 6   TRP A CE2 1 
ATOM   52   C CE3 . TRP A 1 6  ? -6.932  -2.964  -14.932 1.00 9.62  ? 6   TRP A CE3 1 
ATOM   53   C CZ2 . TRP A 1 6  ? -4.841  -3.831  -16.613 1.00 11.68 ? 6   TRP A CZ2 1 
ATOM   54   C CZ3 . TRP A 1 6  ? -6.543  -2.235  -16.030 1.00 5.56  ? 6   TRP A CZ3 1 
ATOM   55   C CH2 . TRP A 1 6  ? -5.513  -2.664  -16.855 1.00 6.46  ? 6   TRP A CH2 1 
ATOM   56   N N   . LYS A 1 7  ? -8.014  -5.207  -9.271  1.00 17.32 ? 7   LYS A N   1 
ATOM   57   C CA  . LYS A 1 7  ? -8.928  -5.167  -8.144  1.00 17.60 ? 7   LYS A CA  1 
ATOM   58   C C   . LYS A 1 7  ? -8.085  -5.103  -6.880  1.00 14.57 ? 7   LYS A C   1 
ATOM   59   O O   . LYS A 1 7  ? -6.921  -5.470  -6.908  1.00 15.16 ? 7   LYS A O   1 
ATOM   60   C CB  . LYS A 1 7  ? -9.795  -6.421  -8.127  1.00 22.91 ? 7   LYS A CB  1 
ATOM   61   C CG  . LYS A 1 7  ? -9.020  -7.716  -8.317  1.00 27.46 ? 7   LYS A CG  1 
ATOM   62   C CD  . LYS A 1 7  ? -9.773  -8.888  -7.719  1.00 31.63 ? 7   LYS A CD  1 
ATOM   63   C CE  . LYS A 1 7  ? -9.137  -10.206 -8.120  1.00 38.82 ? 7   LYS A CE  1 
ATOM   64   N NZ  . LYS A 1 7  ? -10.162 -11.135 -8.669  1.00 41.84 ? 7   LYS A NZ  1 
ATOM   65   N N   . ARG A 1 8  ? -8.655  -4.640  -5.774  1.00 14.29 ? 8   ARG A N   1 
ATOM   66   C CA  . ARG A 1 8  ? -7.890  -4.564  -4.538  1.00 14.63 ? 8   ARG A CA  1 
ATOM   67   C C   . ARG A 1 8  ? -7.348  -5.930  -4.118  1.00 19.78 ? 8   ARG A C   1 
ATOM   68   O O   . ARG A 1 8  ? -8.081  -6.919  -4.095  1.00 24.86 ? 8   ARG A O   1 
ATOM   69   C CB  . ARG A 1 8  ? -8.753  -3.987  -3.442  1.00 10.76 ? 8   ARG A CB  1 
ATOM   70   C CG  . ARG A 1 8  ? -9.081  -2.564  -3.701  1.00 16.39 ? 8   ARG A CG  1 
ATOM   71   C CD  . ARG A 1 8  ? -10.101 -2.036  -2.726  1.00 27.81 ? 8   ARG A CD  1 
ATOM   72   N NE  . ARG A 1 8  ? -9.502  -1.679  -1.447  1.00 43.07 ? 8   ARG A NE  1 
ATOM   73   C CZ  . ARG A 1 8  ? -9.471  -0.446  -0.951  1.00 49.20 ? 8   ARG A CZ  1 
ATOM   74   N NH1 . ARG A 1 8  ? -9.923  0.580   -1.666  1.00 51.11 ? 8   ARG A NH1 1 
ATOM   75   N NH2 . ARG A 1 8  ? -8.970  -0.238  0.260   1.00 54.32 ? 8   ARG A NH2 1 
ATOM   76   N N   . PRO A 1 9  ? -6.035  -6.022  -3.854  1.00 20.82 ? 9   PRO A N   1 
ATOM   77   C CA  . PRO A 1 9  ? -5.523  -7.359  -3.527  1.00 22.15 ? 9   PRO A CA  1 
ATOM   78   C C   . PRO A 1 9  ? -5.892  -7.788  -2.091  1.00 23.02 ? 9   PRO A C   1 
ATOM   79   O O   . PRO A 1 9  ? -5.077  -7.738  -1.181  1.00 21.95 ? 9   PRO A O   1 
ATOM   80   C CB  . PRO A 1 9  ? -4.010  -7.226  -3.760  1.00 16.68 ? 9   PRO A CB  1 
ATOM   81   C CG  . PRO A 1 9  ? -3.732  -5.764  -3.538  1.00 16.20 ? 9   PRO A CG  1 
ATOM   82   C CD  . PRO A 1 9  ? -4.963  -5.010  -3.944  1.00 16.76 ? 9   PRO A CD  1 
ATOM   83   N N   . VAL A 1 10 ? -7.152  -8.149  -1.889  1.00 24.50 ? 10  VAL A N   1 
ATOM   84   C CA  . VAL A 1 10 ? -7.604  -8.704  -0.625  1.00 22.88 ? 10  VAL A CA  1 
ATOM   85   C C   . VAL A 1 10 ? -7.506  -10.224 -0.679  1.00 23.40 ? 10  VAL A C   1 
ATOM   86   O O   . VAL A 1 10 ? -7.559  -10.832 -1.749  1.00 24.16 ? 10  VAL A O   1 
ATOM   87   C CB  . VAL A 1 10 ? -9.049  -8.303  -0.331  1.00 23.70 ? 10  VAL A CB  1 
ATOM   88   C CG1 . VAL A 1 10 ? -9.508  -8.937  0.975   1.00 25.33 ? 10  VAL A CG1 1 
ATOM   89   C CG2 . VAL A 1 10 ? -9.160  -6.777  -0.263  1.00 23.16 ? 10  VAL A CG2 1 
ATOM   90   N N   . VAL A 1 11 ? -7.319  -10.838 0.478   1.00 25.18 ? 11  VAL A N   1 
ATOM   91   C CA  . VAL A 1 11 ? -7.147  -12.281 0.559   1.00 22.84 ? 11  VAL A CA  1 
ATOM   92   C C   . VAL A 1 11 ? -7.520  -12.686 1.995   1.00 22.20 ? 11  VAL A C   1 
ATOM   93   O O   . VAL A 1 11 ? -7.675  -11.822 2.868   1.00 20.22 ? 11  VAL A O   1 
ATOM   94   C CB  . VAL A 1 11 ? -5.690  -12.647 0.188   1.00 18.57 ? 11  VAL A CB  1 
ATOM   95   C CG1 . VAL A 1 11 ? -4.747  -12.233 1.293   1.00 27.76 ? 11  VAL A CG1 1 
ATOM   96   C CG2 . VAL A 1 11 ? -5.567  -14.112 -0.098  1.00 23.20 ? 11  VAL A CG2 1 
ATOM   97   N N   . THR A 1 12 ? -7.752  -13.973 2.225   1.00 24.62 ? 12  THR A N   1 
ATOM   98   C CA  . THR A 1 12 ? -8.075  -14.466 3.566   1.00 22.81 ? 12  THR A CA  1 
ATOM   99   C C   . THR A 1 12 ? -6.812  -15.035 4.137   1.00 17.34 ? 12  THR A C   1 
ATOM   100  O O   . THR A 1 12 ? -6.224  -15.936 3.554   1.00 20.66 ? 12  THR A O   1 
ATOM   101  C CB  . THR A 1 12 ? -9.092  -15.611 3.539   1.00 23.47 ? 12  THR A CB  1 
ATOM   102  O OG1 . THR A 1 12 ? -9.206  -16.102 2.198   1.00 36.41 ? 12  THR A OG1 1 
ATOM   103  C CG2 . THR A 1 12 ? -10.448 -15.153 4.045   1.00 23.06 ? 12  THR A CG2 1 
ATOM   104  N N   . ALA A 1 13 ? -6.385  -14.502 5.264   1.00 17.51 ? 13  ALA A N   1 
ATOM   105  C CA  . ALA A 1 13 ? -5.310  -15.125 6.006   1.00 22.87 ? 13  ALA A CA  1 
ATOM   106  C C   . ALA A 1 13 ? -5.971  -15.830 7.169   1.00 22.39 ? 13  ALA A C   1 
ATOM   107  O O   . ALA A 1 13 ? -7.098  -15.510 7.550   1.00 23.25 ? 13  ALA A O   1 
ATOM   108  C CB  . ALA A 1 13 ? -4.312  -14.078 6.504   1.00 18.16 ? 13  ALA A CB  1 
ATOM   109  N N   . TYR A 1 14 ? -5.276  -16.807 7.721   1.00 25.62 ? 14  TYR A N   1 
ATOM   110  C CA  . TYR A 1 14 ? -5.720  -17.475 8.928   1.00 24.47 ? 14  TYR A CA  1 
ATOM   111  C C   . TYR A 1 14 ? -4.754  -17.087 10.034  1.00 23.11 ? 14  TYR A C   1 
ATOM   112  O O   . TYR A 1 14 ? -3.615  -17.572 10.076  1.00 28.24 ? 14  TYR A O   1 
ATOM   113  C CB  . TYR A 1 14 ? -5.722  -18.981 8.687   1.00 28.70 ? 14  TYR A CB  1 
ATOM   114  C CG  . TYR A 1 14 ? -6.806  -19.405 7.722   1.00 31.17 ? 14  TYR A CG  1 
ATOM   115  C CD1 . TYR A 1 14 ? -8.096  -19.664 8.180   1.00 36.12 ? 14  TYR A CD1 1 
ATOM   116  C CD2 . TYR A 1 14 ? -6.577  -19.427 6.346   1.00 31.90 ? 14  TYR A CD2 1 
ATOM   117  C CE1 . TYR A 1 14 ? -9.135  -19.928 7.304   1.00 38.33 ? 14  TYR A CE1 1 
ATOM   118  C CE2 . TYR A 1 14 ? -7.612  -19.687 5.455   1.00 37.14 ? 14  TYR A CE2 1 
ATOM   119  C CZ  . TYR A 1 14 ? -8.891  -19.940 5.946   1.00 41.58 ? 14  TYR A CZ  1 
ATOM   120  O OH  . TYR A 1 14 ? -9.933  -20.236 5.092   1.00 45.77 ? 14  TYR A OH  1 
ATOM   121  N N   . ILE A 1 15 ? -5.167  -16.154 10.880  1.00 20.50 ? 15  ILE A N   1 
ATOM   122  C CA  . ILE A 1 15 ? -4.299  -15.705 11.949  1.00 24.52 ? 15  ILE A CA  1 
ATOM   123  C C   . ILE A 1 15 ? -4.605  -16.612 13.125  1.00 25.81 ? 15  ILE A C   1 
ATOM   124  O O   . ILE A 1 15 ? -5.597  -16.437 13.817  1.00 26.73 ? 15  ILE A O   1 
ATOM   125  C CB  . ILE A 1 15 ? -4.554  -14.222 12.379  1.00 30.39 ? 15  ILE A CB  1 
ATOM   126  C CG1 . ILE A 1 15 ? -4.809  -13.296 11.170  1.00 28.46 ? 15  ILE A CG1 1 
ATOM   127  C CG2 . ILE A 1 15 ? -3.365  -13.717 13.200  1.00 30.89 ? 15  ILE A CG2 1 
ATOM   128  C CD1 . ILE A 1 15 ? -3.730  -13.272 10.128  1.00 26.97 ? 15  ILE A CD1 1 
ATOM   129  N N   . GLU A 1 16 ? -3.768  -17.616 13.321  1.00 28.86 ? 16  GLU A N   1 
ATOM   130  C CA  . GLU A 1 16 ? -3.918  -18.517 14.456  1.00 29.70 ? 16  GLU A CA  1 
ATOM   131  C C   . GLU A 1 16 ? -5.210  -19.300 14.313  1.00 27.60 ? 16  GLU A C   1 
ATOM   132  O O   . GLU A 1 16 ? -5.940  -19.489 15.281  1.00 27.45 ? 16  GLU A O   1 
ATOM   133  C CB  . GLU A 1 16 ? -3.920  -17.723 15.770  1.00 34.26 ? 16  GLU A CB  1 
ATOM   134  C CG  . GLU A 1 16 ? -3.083  -18.338 16.890  1.00 30.11 ? 16  GLU A CG  1 
ATOM   135  C CD  . GLU A 1 16 ? -1.601  -18.165 16.674  1.00 25.21 ? 16  GLU A CD  1 
ATOM   136  O OE1 . GLU A 1 16 ? -1.187  -17.008 16.547  1.00 27.63 ? 16  GLU A OE1 1 
ATOM   137  O OE2 . GLU A 1 16 ? -0.846  -19.161 16.675  1.00 23.55 ? 16  GLU A OE2 1 
ATOM   138  N N   . GLY A 1 17 ? -5.487  -19.750 13.096  1.00 25.24 ? 17  GLY A N   1 
ATOM   139  C CA  . GLY A 1 17 ? -6.672  -20.549 12.867  1.00 22.94 ? 17  GLY A CA  1 
ATOM   140  C C   . GLY A 1 17 ? -7.873  -19.701 12.516  1.00 21.83 ? 17  GLY A C   1 
ATOM   141  O O   . GLY A 1 17 ? -8.691  -20.113 11.707  1.00 24.72 ? 17  GLY A O   1 
ATOM   142  N N   . GLN A 1 18 ? -7.943  -18.489 13.049  1.00 19.95 ? 18  GLN A N   1 
ATOM   143  C CA  . GLN A 1 18 ? -9.021  -17.571 12.713  1.00 25.28 ? 18  GLN A CA  1 
ATOM   144  C C   . GLN A 1 18 ? -8.862  -16.882 11.361  1.00 26.62 ? 18  GLN A C   1 
ATOM   145  O O   . GLN A 1 18 ? -7.776  -16.450 10.988  1.00 29.51 ? 18  GLN A O   1 
ATOM   146  C CB  . GLN A 1 18 ? -9.166  -16.518 13.798  1.00 28.27 ? 18  GLN A CB  1 
ATOM   147  C CG  . GLN A 1 18 ? -8.980  -17.104 15.164  1.00 34.95 ? 18  GLN A CG  1 
ATOM   148  C CD  . GLN A 1 18 ? -9.243  -16.111 16.238  1.00 37.17 ? 18  GLN A CD  1 
ATOM   149  O OE1 . GLN A 1 18 ? -8.387  -15.851 17.097  1.00 39.38 ? 18  GLN A OE1 1 
ATOM   150  N NE2 . GLN A 1 18 ? -10.442 -15.541 16.213  1.00 41.75 ? 18  GLN A NE2 1 
ATOM   151  N N   . PRO A 1 19 ? -9.954  -16.772 10.608  1.00 28.06 ? 19  PRO A N   1 
ATOM   152  C CA  . PRO A 1 19 ? -9.918  -16.209 9.262   1.00 30.62 ? 19  PRO A CA  1 
ATOM   153  C C   . PRO A 1 19 ? -10.242 -14.728 9.291   1.00 31.13 ? 19  PRO A C   1 
ATOM   154  O O   . PRO A 1 19 ? -11.172 -14.308 9.988   1.00 35.65 ? 19  PRO A O   1 
ATOM   155  C CB  . PRO A 1 19 ? -10.988 -17.007 8.513   1.00 32.22 ? 19  PRO A CB  1 
ATOM   156  C CG  . PRO A 1 19 ? -11.379 -18.137 9.448   1.00 30.99 ? 19  PRO A CG  1 
ATOM   157  C CD  . PRO A 1 19 ? -11.175 -17.568 10.802  1.00 29.66 ? 19  PRO A CD  1 
ATOM   158  N N   . VAL A 1 20 ? -9.463  -13.940 8.558   1.00 30.69 ? 20  VAL A N   1 
ATOM   159  C CA  . VAL A 1 20 ? -9.730  -12.506 8.394   1.00 27.07 ? 20  VAL A CA  1 
ATOM   160  C C   . VAL A 1 20 ? -9.457  -12.154 6.957   1.00 24.63 ? 20  VAL A C   1 
ATOM   161  O O   . VAL A 1 20 ? -8.628  -12.787 6.299   1.00 20.96 ? 20  VAL A O   1 
ATOM   162  C CB  . VAL A 1 20 ? -8.810  -11.594 9.262   1.00 29.97 ? 20  VAL A CB  1 
ATOM   163  C CG1 . VAL A 1 20 ? -9.529  -11.156 10.531  1.00 33.68 ? 20  VAL A CG1 1 
ATOM   164  C CG2 . VAL A 1 20 ? -7.518  -12.303 9.586   1.00 31.89 ? 20  VAL A CG2 1 
ATOM   165  N N   . GLU A 1 21 ? -10.154 -11.135 6.476   1.00 25.58 ? 21  GLU A N   1 
ATOM   166  C CA  . GLU A 1 21 ? -9.938  -10.622 5.131   1.00 24.02 ? 21  GLU A CA  1 
ATOM   167  C C   . GLU A 1 21 ? -8.885  -9.526  5.282   1.00 19.05 ? 21  GLU A C   1 
ATOM   168  O O   . GLU A 1 21 ? -9.112  -8.554  6.010   1.00 15.19 ? 21  GLU A O   1 
ATOM   169  C CB  . GLU A 1 21 ? -11.258 -10.041 4.589   1.00 32.27 ? 21  GLU A CB  1 
ATOM   170  C CG  . GLU A 1 21 ? -11.784 -10.632 3.259   1.00 44.56 ? 21  GLU A CG  1 
ATOM   171  C CD  . GLU A 1 21 ? -11.730 -12.159 3.186   1.00 50.72 ? 21  GLU A CD  1 
ATOM   172  O OE1 . GLU A 1 21 ? -12.346 -12.838 4.040   1.00 55.32 ? 21  GLU A OE1 1 
ATOM   173  O OE2 . GLU A 1 21 ? -11.104 -12.684 2.236   1.00 55.03 ? 21  GLU A OE2 1 
ATOM   174  N N   . VAL A 1 22 ? -7.730  -9.701  4.643   1.00 15.06 ? 22  VAL A N   1 
ATOM   175  C CA  . VAL A 1 22 ? -6.661  -8.702  4.711   1.00 17.46 ? 22  VAL A CA  1 
ATOM   176  C C   . VAL A 1 22 ? -6.167  -8.178  3.359   1.00 21.96 ? 22  VAL A C   1 
ATOM   177  O O   . VAL A 1 22 ? -6.167  -8.901  2.350   1.00 20.22 ? 22  VAL A O   1 
ATOM   178  C CB  . VAL A 1 22 ? -5.430  -9.222  5.457   1.00 15.42 ? 22  VAL A CB  1 
ATOM   179  C CG1 . VAL A 1 22 ? -5.768  -9.492  6.889   1.00 17.78 ? 22  VAL A CG1 1 
ATOM   180  C CG2 . VAL A 1 22 ? -4.873  -10.455 4.772   1.00 15.42 ? 22  VAL A CG2 1 
ATOM   181  N N   . LEU A 1 23 ? -5.699  -6.927  3.375   1.00 21.18 ? 23  LEU A N   1 
ATOM   182  C CA  . LEU A 1 23 ? -5.237  -6.221  2.184   1.00 20.60 ? 23  LEU A CA  1 
ATOM   183  C C   . LEU A 1 23 ? -3.730  -6.300  2.110   1.00 23.32 ? 23  LEU A C   1 
ATOM   184  O O   . LEU A 1 23 ? -3.050  -5.892  3.045   1.00 28.93 ? 23  LEU A O   1 
ATOM   185  C CB  . LEU A 1 23 ? -5.650  -4.753  2.258   1.00 21.83 ? 23  LEU A CB  1 
ATOM   186  C CG  . LEU A 1 23 ? -5.233  -3.791  1.146   1.00 20.54 ? 23  LEU A CG  1 
ATOM   187  C CD1 . LEU A 1 23 ? -5.713  -4.294  -0.196  1.00 22.47 ? 23  LEU A CD1 1 
ATOM   188  C CD2 . LEU A 1 23 ? -5.837  -2.439  1.446   1.00 25.03 ? 23  LEU A CD2 1 
ATOM   189  N N   . LEU A 1 24 ? -3.210  -6.812  1.001   1.00 19.43 ? 24  LEU A N   1 
ATOM   190  C CA  . LEU A 1 24 ? -1.778  -6.925  0.809   1.00 15.81 ? 24  LEU A CA  1 
ATOM   191  C C   . LEU A 1 24 ? -1.238  -5.607  0.281   1.00 19.59 ? 24  LEU A C   1 
ATOM   192  O O   . LEU A 1 24 ? -1.476  -5.252  -0.870  1.00 21.40 ? 24  LEU A O   1 
ATOM   193  C CB  . LEU A 1 24 ? -1.470  -8.062  -0.159  1.00 19.79 ? 24  LEU A CB  1 
ATOM   194  C CG  . LEU A 1 24 ? -1.916  -9.425  0.371   1.00 21.05 ? 24  LEU A CG  1 
ATOM   195  C CD1 . LEU A 1 24 ? -1.647  -10.512 -0.652  1.00 25.94 ? 24  LEU A CD1 1 
ATOM   196  C CD2 . LEU A 1 24 ? -1.191  -9.712  1.672   1.00 27.01 ? 24  LEU A CD2 1 
ATOM   197  N N   . ASP A 1 25 ? -0.469  -4.917  1.120   1.00 17.37 ? 25  ASP A N   1 
ATOM   198  C CA  . ASP A 1 25 ? -0.278  -3.488  1.028   1.00 13.11 ? 25  ASP A CA  1 
ATOM   199  C C   . ASP A 1 25 ? 1.200   -3.154  1.156   1.00 17.66 ? 25  ASP A C   1 
ATOM   200  O O   . ASP A 1 25 ? 1.683   -2.906  2.250   1.00 23.38 ? 25  ASP A O   1 
ATOM   201  C CB  . ASP A 1 25 ? -1.039  -2.836  2.166   1.00 17.21 ? 25  ASP A CB  1 
ATOM   202  C CG  . ASP A 1 25 ? -1.124  -1.336  2.043   1.00 21.66 ? 25  ASP A CG  1 
ATOM   203  O OD1 . ASP A 1 25 ? -0.306  -0.714  1.328   1.00 23.68 ? 25  ASP A OD1 1 
ATOM   204  O OD2 . ASP A 1 25 ? -2.008  -0.764  2.707   1.00 25.41 ? 25  ASP A OD2 1 
ATOM   205  N N   . THR A 1 26 ? 1.902   -3.100  0.028   1.00 18.42 ? 26  THR A N   1 
ATOM   206  C CA  . THR A 1 26 ? 3.321   -2.742  -0.016  1.00 14.10 ? 26  THR A CA  1 
ATOM   207  C C   . THR A 1 26 ? 3.657   -1.315  0.431   1.00 11.38 ? 26  THR A C   1 
ATOM   208  O O   . THR A 1 26 ? 4.827   -0.960  0.513   1.00 14.58 ? 26  THR A O   1 
ATOM   209  C CB  . THR A 1 26 ? 3.867   -2.892  -1.422  1.00 12.49 ? 26  THR A CB  1 
ATOM   210  O OG1 . THR A 1 26 ? 3.159   -1.999  -2.294  1.00 16.54 ? 26  THR A OG1 1 
ATOM   211  C CG2 . THR A 1 26 ? 3.693   -4.313  -1.910  1.00 14.21 ? 26  THR A CG2 1 
ATOM   212  N N   . GLY A 1 27 ? 2.654   -0.484  0.683   1.00 7.74  ? 27  GLY A N   1 
ATOM   213  C CA  . GLY A 1 27 ? 2.938   0.858   1.147   1.00 4.96  ? 27  GLY A CA  1 
ATOM   214  C C   . GLY A 1 27 ? 2.854   0.973   2.652   1.00 12.20 ? 27  GLY A C   1 
ATOM   215  O O   . GLY A 1 27 ? 2.790   2.083   3.175   1.00 12.91 ? 27  GLY A O   1 
ATOM   216  N N   . ALA A 1 28 ? 2.667   -0.155  3.339   1.00 12.50 ? 28  ALA A N   1 
ATOM   217  C CA  . ALA A 1 28 ? 2.595   -0.169  4.800   1.00 8.51  ? 28  ALA A CA  1 
ATOM   218  C C   . ALA A 1 28 ? 3.773   -0.972  5.297   1.00 12.79 ? 28  ALA A C   1 
ATOM   219  O O   . ALA A 1 28 ? 4.160   -1.970  4.675   1.00 14.96 ? 28  ALA A O   1 
ATOM   220  C CB  . ALA A 1 28 ? 1.296   -0.783  5.274   1.00 9.44  ? 28  ALA A CB  1 
ATOM   221  N N   . ASP A 1 29 ? 4.374   -0.523  6.396   1.00 17.77 ? 29  ASP A N   1 
ATOM   222  C CA  . ASP A 1 29 ? 5.583   -1.148  6.928   1.00 21.45 ? 29  ASP A CA  1 
ATOM   223  C C   . ASP A 1 29 ? 5.258   -2.402  7.740   1.00 22.34 ? 29  ASP A C   1 
ATOM   224  O O   . ASP A 1 29 ? 5.949   -3.438  7.651   1.00 18.18 ? 29  ASP A O   1 
ATOM   225  C CB  . ASP A 1 29 ? 6.319   -0.155  7.824   1.00 25.92 ? 29  ASP A CB  1 
ATOM   226  C CG  . ASP A 1 29 ? 6.948   0.976   7.042   1.00 31.88 ? 29  ASP A CG  1 
ATOM   227  O OD1 . ASP A 1 29 ? 7.450   0.734   5.927   1.00 35.60 ? 29  ASP A OD1 1 
ATOM   228  O OD2 . ASP A 1 29 ? 6.970   2.106   7.558   1.00 39.98 ? 29  ASP A OD2 1 
ATOM   229  N N   . ASP A 1 30 ? 4.197   -2.293  8.523   1.00 18.48 ? 30  ASP A N   1 
ATOM   230  C CA  . ASP A 1 30 ? 3.813   -3.337  9.438   1.00 27.16 ? 30  ASP A CA  1 
ATOM   231  C C   . ASP A 1 30 ? 2.372   -3.665  9.156   1.00 26.57 ? 30  ASP A C   1 
ATOM   232  O O   . ASP A 1 30 ? 1.730   -2.984  8.361   1.00 30.43 ? 30  ASP A O   1 
ATOM   233  C CB  . ASP A 1 30 ? 3.960   -2.863  10.879  1.00 31.19 ? 30  ASP A CB  1 
ATOM   234  C CG  . ASP A 1 30 ? 5.345   -2.335  11.165  1.00 39.09 ? 30  ASP A CG  1 
ATOM   235  O OD1 . ASP A 1 30 ? 6.348   -3.056  10.900  1.00 41.13 ? 30  ASP A OD1 1 
ATOM   236  O OD2 . ASP A 1 30 ? 5.428   -1.160  11.582  1.00 46.45 ? 30  ASP A OD2 1 
ATOM   237  N N   . SER A 1 31 ? 1.877   -4.713  9.801   1.00 26.08 ? 31  SER A N   1 
ATOM   238  C CA  . SER A 1 31 ? 0.501   -5.150  9.659   1.00 25.58 ? 31  SER A CA  1 
ATOM   239  C C   . SER A 1 31 ? -0.374  -4.677  10.821  1.00 27.05 ? 31  SER A C   1 
ATOM   240  O O   . SER A 1 31 ? 0.117   -4.213  11.849  1.00 27.93 ? 31  SER A O   1 
ATOM   241  C CB  . SER A 1 31 ? 0.470   -6.677  9.539   1.00 19.79 ? 31  SER A CB  1 
ATOM   242  O OG  . SER A 1 31 ? 1.521   -7.111  8.681   1.00 16.40 ? 31  SER A OG  1 
ATOM   243  N N   . ILE A 1 32 ? -1.682  -4.764  10.637  1.00 30.74 ? 32  ILE A N   1 
ATOM   244  C CA  . ILE A 1 32 ? -2.619  -4.493  11.711  1.00 31.64 ? 32  ILE A CA  1 
ATOM   245  C C   . ILE A 1 32 ? -3.995  -5.039  11.326  1.00 32.70 ? 32  ILE A C   1 
ATOM   246  O O   . ILE A 1 32 ? -4.516  -4.758  10.249  1.00 29.74 ? 32  ILE A O   1 
ATOM   247  C CB  . ILE A 1 32 ? -2.657  -2.965  12.075  1.00 31.56 ? 32  ILE A CB  1 
ATOM   248  C CG1 . ILE A 1 32 ? -3.932  -2.641  12.874  1.00 32.01 ? 32  ILE A CG1 1 
ATOM   249  C CG2 . ILE A 1 32 ? -2.518  -2.092  10.832  1.00 28.55 ? 32  ILE A CG2 1 
ATOM   250  C CD1 . ILE A 1 32 ? -3.864  -1.312  13.610  1.00 26.83 ? 32  ILE A CD1 1 
ATOM   251  N N   . VAL A 1 33 ? -4.553  -5.858  12.204  1.00 33.79 ? 33  VAL A N   1 
ATOM   252  C CA  . VAL A 1 33 ? -5.782  -6.563  11.915  1.00 35.24 ? 33  VAL A CA  1 
ATOM   253  C C   . VAL A 1 33 ? -6.828  -6.215  12.981  1.00 40.08 ? 33  VAL A C   1 
ATOM   254  O O   . VAL A 1 33 ? -6.497  -6.007  14.149  1.00 39.54 ? 33  VAL A O   1 
ATOM   255  C CB  . VAL A 1 33 ? -5.553  -8.084  11.873  1.00 33.03 ? 33  VAL A CB  1 
ATOM   256  C CG1 . VAL A 1 33 ? -6.394  -8.806  12.896  1.00 35.38 ? 33  VAL A CG1 1 
ATOM   257  C CG2 . VAL A 1 33 ? -5.869  -8.600  10.489  1.00 38.89 ? 33  VAL A CG2 1 
ATOM   258  N N   . ALA A 1 34 ? -8.085  -6.140  12.549  1.00 45.81 ? 34  ALA A N   1 
ATOM   259  C CA  . ALA A 1 34 ? -9.193  -5.888  13.446  1.00 48.99 ? 34  ALA A CA  1 
ATOM   260  C C   . ALA A 1 34 ? -9.960  -7.197  13.564  1.00 52.08 ? 34  ALA A C   1 
ATOM   261  O O   . ALA A 1 34 ? -10.061 -7.946  12.599  1.00 55.14 ? 34  ALA A O   1 
ATOM   262  C CB  . ALA A 1 34 ? -10.086 -4.800  12.885  1.00 49.42 ? 34  ALA A CB  1 
ATOM   263  N N   . GLY A 1 35 ? -10.502 -7.476  14.738  1.00 52.00 ? 35  GLY A N   1 
ATOM   264  C CA  . GLY A 1 35 ? -11.439 -8.570  14.820  1.00 52.36 ? 35  GLY A CA  1 
ATOM   265  C C   . GLY A 1 35 ? -10.966 -9.726  15.664  1.00 49.94 ? 35  GLY A C   1 
ATOM   266  O O   . GLY A 1 35 ? -11.632 -10.073 16.634  1.00 54.06 ? 35  GLY A O   1 
ATOM   267  N N   . ILE A 1 36 ? -9.882  -10.379 15.270  1.00 49.93 ? 36  ILE A N   1 
ATOM   268  C CA  . ILE A 1 36 ? -9.410  -11.501 16.043  1.00 51.63 ? 36  ILE A CA  1 
ATOM   269  C C   . ILE A 1 36 ? -9.055  -11.067 17.460  1.00 56.77 ? 36  ILE A C   1 
ATOM   270  O O   . ILE A 1 36 ? -8.322  -10.094 17.655  1.00 58.16 ? 36  ILE A O   1 
ATOM   271  C CB  . ILE A 1 36 ? -8.164  -12.161 15.402  1.00 48.33 ? 36  ILE A CB  1 
ATOM   272  C CG1 . ILE A 1 36 ? -7.029  -11.158 15.279  1.00 49.69 ? 36  ILE A CG1 1 
ATOM   273  C CG2 . ILE A 1 36 ? -8.489  -12.740 14.042  1.00 51.25 ? 36  ILE A CG2 1 
ATOM   274  C CD1 . ILE A 1 36 ? -5.713  -11.814 14.864  1.00 53.91 ? 36  ILE A CD1 1 
ATOM   275  N N   . GLU A 1 37 ? -9.594  -11.786 18.444  1.00 60.52 ? 37  GLU A N   1 
ATOM   276  C CA  . GLU A 1 37 ? -9.044  -11.707 19.809  1.00 62.33 ? 37  GLU A CA  1 
ATOM   277  C C   . GLU A 1 37 ? -7.861  -12.668 19.812  1.00 59.96 ? 37  GLU A C   1 
ATOM   278  O O   . GLU A 1 37 ? -8.041  -13.869 19.585  1.00 59.92 ? 37  GLU A O   1 
ATOM   279  C CB  . GLU A 1 37 ? -10.096 -12.142 20.866  1.00 67.12 ? 37  GLU A CB  1 
ATOM   280  C CG  . GLU A 1 37 ? -9.744  -11.736 22.310  1.00 71.90 ? 37  GLU A CG  1 
ATOM   281  C CD  . GLU A 1 37 ? -8.629  -12.580 22.936  1.00 76.71 ? 37  GLU A CD  1 
ATOM   282  O OE1 . GLU A 1 37 ? -8.843  -13.790 23.165  1.00 80.29 ? 37  GLU A OE1 1 
ATOM   283  O OE2 . GLU A 1 37 ? -7.530  -12.034 23.197  1.00 73.20 ? 37  GLU A OE2 1 
ATOM   284  N N   . LEU A 1 38 ? -6.659  -12.147 20.038  1.00 56.24 ? 38  LEU A N   1 
ATOM   285  C CA  . LEU A 1 38 ? -5.472  -12.888 19.661  1.00 54.16 ? 38  LEU A CA  1 
ATOM   286  C C   . LEU A 1 38 ? -4.616  -13.610 20.706  1.00 58.05 ? 38  LEU A C   1 
ATOM   287  O O   . LEU A 1 38 ? -4.054  -14.677 20.428  1.00 61.46 ? 38  LEU A O   1 
ATOM   288  C CB  . LEU A 1 38 ? -4.561  -12.036 18.789  1.00 46.46 ? 38  LEU A CB  1 
ATOM   289  C CG  . LEU A 1 38 ? -3.505  -12.902 18.098  1.00 37.54 ? 38  LEU A CG  1 
ATOM   290  C CD1 . LEU A 1 38 ? -4.164  -13.975 17.240  1.00 36.84 ? 38  LEU A CD1 1 
ATOM   291  C CD2 . LEU A 1 38 ? -2.604  -12.022 17.282  1.00 46.99 ? 38  LEU A CD2 1 
ATOM   292  N N   . GLY A 1 39 ? -4.441  -13.036 21.885  1.00 54.33 ? 39  GLY A N   1 
ATOM   293  C CA  . GLY A 1 39 ? -3.454  -13.652 22.781  1.00 54.39 ? 39  GLY A CA  1 
ATOM   294  C C   . GLY A 1 39 ? -3.360  -12.952 24.122  1.00 52.35 ? 39  GLY A C   1 
ATOM   295  O O   . GLY A 1 39 ? -4.214  -12.092 24.439  1.00 48.54 ? 39  GLY A O   1 
ATOM   296  N N   . ASN A 1 40 ? -2.396  -13.362 24.943  1.00 57.35 ? 40  ASN A N   1 
ATOM   297  C CA  . ASN A 1 40 ? -2.179  -12.683 26.211  1.00 57.13 ? 40  ASN A CA  1 
ATOM   298  C C   . ASN A 1 40 ? -0.810  -12.068 26.280  1.00 53.78 ? 40  ASN A C   1 
ATOM   299  O O   . ASN A 1 40 ? -0.488  -11.353 27.215  1.00 53.48 ? 40  ASN A O   1 
ATOM   300  C CB  . ASN A 1 40 ? -2.406  -13.622 27.379  1.00 59.67 ? 40  ASN A CB  1 
ATOM   301  C CG  . ASN A 1 40 ? -3.723  -13.358 28.090  1.00 66.03 ? 40  ASN A CG  1 
ATOM   302  O OD1 . ASN A 1 40 ? -4.496  -14.283 28.357  1.00 68.08 ? 40  ASN A OD1 1 
ATOM   303  N ND2 . ASN A 1 40 ? -4.018  -12.084 28.339  1.00 69.35 ? 40  ASN A ND2 1 
ATOM   304  N N   . ASN A 1 41 ? -0.008  -12.331 25.261  1.00 55.43 ? 41  ASN A N   1 
ATOM   305  C CA  . ASN A 1 41 ? 1.365   -11.853 25.239  1.00 56.44 ? 41  ASN A CA  1 
ATOM   306  C C   . ASN A 1 41 ? 1.486   -10.686 24.281  1.00 53.94 ? 41  ASN A C   1 
ATOM   307  O O   . ASN A 1 41 ? 1.869   -10.865 23.134  1.00 50.05 ? 41  ASN A O   1 
ATOM   308  C CB  . ASN A 1 41 ? 2.299   -12.986 24.828  1.00 62.11 ? 41  ASN A CB  1 
ATOM   309  C CG  . ASN A 1 41 ? 2.007   -14.275 25.584  1.00 63.93 ? 41  ASN A CG  1 
ATOM   310  O OD1 . ASN A 1 41 ? 0.875   -14.764 25.578  1.00 63.72 ? 41  ASN A OD1 1 
ATOM   311  N ND2 . ASN A 1 41 ? 2.976   -14.734 26.362  1.00 65.62 ? 41  ASN A ND2 1 
ATOM   312  N N   . TYR A 1 42 ? 1.140   -9.492  24.755  1.00 55.94 ? 42  TYR A N   1 
ATOM   313  C CA  . TYR A 1 42 ? 1.249   -8.299  23.933  1.00 59.05 ? 42  TYR A CA  1 
ATOM   314  C C   . TYR A 1 42 ? 1.955   -7.169  24.659  1.00 58.87 ? 42  TYR A C   1 
ATOM   315  O O   . TYR A 1 42 ? 1.746   -6.962  25.849  1.00 60.37 ? 42  TYR A O   1 
ATOM   316  C CB  . TYR A 1 42 ? -0.138  -7.841  23.454  1.00 60.51 ? 42  TYR A CB  1 
ATOM   317  C CG  . TYR A 1 42 ? -0.917  -6.958  24.415  1.00 63.05 ? 42  TYR A CG  1 
ATOM   318  C CD1 . TYR A 1 42 ? -0.735  -5.574  24.426  1.00 62.81 ? 42  TYR A CD1 1 
ATOM   319  C CD2 . TYR A 1 42 ? -1.877  -7.502  25.277  1.00 66.67 ? 42  TYR A CD2 1 
ATOM   320  C CE1 . TYR A 1 42 ? -1.481  -4.747  25.269  1.00 63.71 ? 42  TYR A CE1 1 
ATOM   321  C CE2 . TYR A 1 42 ? -2.627  -6.685  26.132  1.00 66.26 ? 42  TYR A CE2 1 
ATOM   322  C CZ  . TYR A 1 42 ? -2.420  -5.307  26.122  1.00 65.66 ? 42  TYR A CZ  1 
ATOM   323  O OH  . TYR A 1 42 ? -3.144  -4.486  26.961  1.00 62.96 ? 42  TYR A OH  1 
ATOM   324  N N   . SER A 1 43 ? 2.826   -6.470  23.941  1.00 61.33 ? 43  SER A N   1 
ATOM   325  C CA  . SER A 1 43 ? 3.260   -5.136  24.338  1.00 62.42 ? 43  SER A CA  1 
ATOM   326  C C   . SER A 1 43 ? 2.177   -4.189  23.861  1.00 62.48 ? 43  SER A C   1 
ATOM   327  O O   . SER A 1 43 ? 1.511   -4.460  22.860  1.00 63.28 ? 43  SER A O   1 
ATOM   328  C CB  . SER A 1 43 ? 4.585   -4.773  23.658  1.00 63.32 ? 43  SER A CB  1 
ATOM   329  O OG  . SER A 1 43 ? 5.151   -3.593  24.210  1.00 63.57 ? 43  SER A OG  1 
ATOM   330  N N   . PRO A 1 44 ? 1.918   -3.114  24.614  1.00 64.24 ? 44  PRO A N   1 
ATOM   331  C CA  . PRO A 1 44 ? 1.182   -1.993  24.021  1.00 65.73 ? 44  PRO A CA  1 
ATOM   332  C C   . PRO A 1 44 ? 2.030   -1.310  22.953  1.00 66.20 ? 44  PRO A C   1 
ATOM   333  O O   . PRO A 1 44 ? 3.260   -1.352  23.011  1.00 65.68 ? 44  PRO A O   1 
ATOM   334  C CB  . PRO A 1 44 ? 0.905   -1.066  25.215  1.00 65.07 ? 44  PRO A CB  1 
ATOM   335  C CG  . PRO A 1 44 ? 1.122   -1.919  26.432  1.00 63.41 ? 44  PRO A CG  1 
ATOM   336  C CD  . PRO A 1 44 ? 2.199   -2.888  26.040  1.00 63.06 ? 44  PRO A CD  1 
ATOM   337  N N   . LYS A 1 45 ? 1.365   -0.716  21.969  1.00 68.27 ? 45  LYS A N   1 
ATOM   338  C CA  . LYS A 1 45 ? 2.009   0.115   20.954  1.00 70.22 ? 45  LYS A CA  1 
ATOM   339  C C   . LYS A 1 45 ? 1.009   1.197   20.552  1.00 72.69 ? 45  LYS A C   1 
ATOM   340  O O   . LYS A 1 45 ? -0.087  1.296   21.128  1.00 72.57 ? 45  LYS A O   1 
ATOM   341  C CB  . LYS A 1 45 ? 2.378   -0.717  19.717  1.00 70.20 ? 45  LYS A CB  1 
ATOM   342  C CG  . LYS A 1 45 ? 3.473   -1.756  19.944  1.00 72.73 ? 45  LYS A CG  1 
ATOM   343  C CD  . LYS A 1 45 ? 4.785   -1.106  20.359  1.00 75.00 ? 45  LYS A CD  1 
ATOM   344  C CE  . LYS A 1 45 ? 5.591   -2.006  21.295  1.00 75.46 ? 45  LYS A CE  1 
ATOM   345  N NZ  . LYS A 1 45 ? 6.245   -1.213  22.382  1.00 75.16 ? 45  LYS A NZ  1 
ATOM   346  N N   . ILE A 1 46 ? 1.378   2.011   19.572  1.00 76.03 ? 46  ILE A N   1 
ATOM   347  C CA  . ILE A 1 46 ? 0.404   2.865   18.900  1.00 78.23 ? 46  ILE A CA  1 
ATOM   348  C C   . ILE A 1 46 ? 0.659   2.924   17.395  1.00 80.63 ? 46  ILE A C   1 
ATOM   349  O O   . ILE A 1 46 ? 1.748   2.585   16.910  1.00 79.48 ? 46  ILE A O   1 
ATOM   350  C CB  . ILE A 1 46 ? 0.369   4.310   19.477  1.00 76.72 ? 46  ILE A CB  1 
ATOM   351  C CG1 . ILE A 1 46 ? 1.774   4.779   19.865  1.00 76.24 ? 46  ILE A CG1 1 
ATOM   352  C CG2 . ILE A 1 46 ? -0.597  4.375   20.652  1.00 75.37 ? 46  ILE A CG2 1 
ATOM   353  C CD1 . ILE A 1 46 ? 2.226   4.359   21.262  1.00 78.67 ? 46  ILE A CD1 1 
ATOM   354  N N   . VAL A 1 47 ? -0.375  3.327   16.667  1.00 81.63 ? 47  VAL A N   1 
ATOM   355  C CA  . VAL A 1 47 ? -0.285  3.543   15.235  1.00 82.39 ? 47  VAL A CA  1 
ATOM   356  C C   . VAL A 1 47 ? -1.188  4.729   14.941  1.00 83.45 ? 47  VAL A C   1 
ATOM   357  O O   . VAL A 1 47 ? -2.177  4.939   15.640  1.00 80.46 ? 47  VAL A O   1 
ATOM   358  C CB  . VAL A 1 47 ? -0.773  2.304   14.445  1.00 81.74 ? 47  VAL A CB  1 
ATOM   359  C CG1 . VAL A 1 47 ? -2.214  1.980   14.806  1.00 82.45 ? 47  VAL A CG1 1 
ATOM   360  C CG2 . VAL A 1 47 ? -0.646  2.543   12.945  1.00 81.66 ? 47  VAL A CG2 1 
ATOM   361  N N   . GLY A 1 48 ? -0.823  5.519   13.935  1.00 86.47 ? 48  GLY A N   1 
ATOM   362  C CA  . GLY A 1 48 ? -1.672  6.617   13.506  1.00 87.30 ? 48  GLY A CA  1 
ATOM   363  C C   . GLY A 1 48 ? -2.917  6.103   12.810  1.00 88.66 ? 48  GLY A C   1 
ATOM   364  O O   . GLY A 1 48 ? -3.778  5.480   13.441  1.00 88.58 ? 48  GLY A O   1 
ATOM   365  N N   . GLY A 1 49 ? -2.919  6.198   11.483  1.00 88.61 ? 49  GLY A N   1 
ATOM   366  C CA  . GLY A 1 49 ? -4.136  5.948   10.731  1.00 88.31 ? 49  GLY A CA  1 
ATOM   367  C C   . GLY A 1 49 ? -5.043  7.167   10.739  1.00 87.05 ? 49  GLY A C   1 
ATOM   368  O O   . GLY A 1 49 ? -4.873  8.066   11.570  1.00 85.82 ? 49  GLY A O   1 
ATOM   369  N N   . ILE A 1 50 ? -5.918  7.250   9.740   1.00 85.88 ? 50  ILE A N   1 
ATOM   370  C CA  . ILE A 1 50 ? -6.798  8.398   9.553   1.00 85.59 ? 50  ILE A CA  1 
ATOM   371  C C   . ILE A 1 50 ? -7.099  9.124   10.863  1.00 87.23 ? 50  ILE A C   1 
ATOM   372  O O   . ILE A 1 50 ? -7.829  8.624   11.720  1.00 87.12 ? 50  ILE A O   1 
ATOM   373  C CB  . ILE A 1 50 ? -8.117  7.974   8.851   1.00 85.87 ? 50  ILE A CB  1 
ATOM   374  C CG1 . ILE A 1 50 ? -9.101  9.149   8.794   1.00 87.04 ? 50  ILE A CG1 1 
ATOM   375  C CG2 . ILE A 1 50 ? -8.727  6.758   9.552   1.00 84.22 ? 50  ILE A CG2 1 
ATOM   376  C CD1 . ILE A 1 50 ? -8.884  10.096  7.622   1.00 84.97 ? 50  ILE A CD1 1 
ATOM   377  N N   . GLY A 1 51 ? -6.478  10.289  11.024  1.00 88.88 ? 51  GLY A N   1 
ATOM   378  C CA  . GLY A 1 51 ? -6.690  11.093  12.212  1.00 90.86 ? 51  GLY A CA  1 
ATOM   379  C C   . GLY A 1 51 ? -5.424  11.236  13.033  1.00 92.03 ? 51  GLY A C   1 
ATOM   380  O O   . GLY A 1 51 ? -4.755  12.274  12.973  1.00 90.05 ? 51  GLY A O   1 
ATOM   381  N N   . GLY A 1 52 ? -5.072  10.167  13.746  1.00 94.07 ? 52  GLY A N   1 
ATOM   382  C CA  . GLY A 1 52 ? -3.929  10.185  14.648  1.00 92.21 ? 52  GLY A CA  1 
ATOM   383  C C   . GLY A 1 52 ? -3.753  8.842   15.344  1.00 91.13 ? 52  GLY A C   1 
ATOM   384  O O   . GLY A 1 52 ? -4.422  7.865   14.990  1.00 91.66 ? 52  GLY A O   1 
ATOM   385  N N   . PHE A 1 53 ? -2.891  8.809   16.360  1.00 87.78 ? 53  PHE A N   1 
ATOM   386  C CA  . PHE A 1 53 ? -2.568  7.578   17.089  1.00 83.92 ? 53  PHE A CA  1 
ATOM   387  C C   . PHE A 1 53 ? -3.743  6.932   17.834  1.00 81.12 ? 53  PHE A C   1 
ATOM   388  O O   . PHE A 1 53 ? -4.491  7.607   18.553  1.00 78.87 ? 53  PHE A O   1 
ATOM   389  C CB  . PHE A 1 53 ? -1.437  7.835   18.092  1.00 82.62 ? 53  PHE A CB  1 
ATOM   390  C CG  . PHE A 1 53 ? -0.111  8.132   17.457  1.00 80.97 ? 53  PHE A CG  1 
ATOM   391  C CD1 . PHE A 1 53 ? 0.782   7.103   17.173  1.00 78.44 ? 53  PHE A CD1 1 
ATOM   392  C CD2 . PHE A 1 53 ? 0.286   9.449   17.231  1.00 79.97 ? 53  PHE A CD2 1 
ATOM   393  C CE1 . PHE A 1 53 ? 2.055   7.375   16.682  1.00 76.90 ? 53  PHE A CE1 1 
ATOM   394  C CE2 . PHE A 1 53 ? 1.556   9.734   16.743  1.00 79.85 ? 53  PHE A CE2 1 
ATOM   395  C CZ  . PHE A 1 53 ? 2.447   8.690   16.468  1.00 78.39 ? 53  PHE A CZ  1 
ATOM   396  N N   . ILE A 1 54 ? -3.875  5.615   17.666  1.00 78.34 ? 54  ILE A N   1 
ATOM   397  C CA  . ILE A 1 54 ? -4.778  4.800   18.469  1.00 75.86 ? 54  ILE A CA  1 
ATOM   398  C C   . ILE A 1 54 ? -4.080  3.542   19.010  1.00 75.78 ? 54  ILE A C   1 
ATOM   399  O O   . ILE A 1 54 ? -2.976  3.179   18.583  1.00 76.51 ? 54  ILE A O   1 
ATOM   400  C CB  . ILE A 1 54 ? -6.038  4.371   17.674  1.00 74.98 ? 54  ILE A CB  1 
ATOM   401  C CG1 . ILE A 1 54 ? -5.631  3.661   16.382  1.00 75.06 ? 54  ILE A CG1 1 
ATOM   402  C CG2 . ILE A 1 54 ? -6.928  5.572   17.401  1.00 71.83 ? 54  ILE A CG2 1 
ATOM   403  C CD1 . ILE A 1 54 ? -5.708  2.147   16.472  1.00 77.88 ? 54  ILE A CD1 1 
ATOM   404  N N   . ASN A 1 55 ? -4.764  2.869   19.928  1.00 74.52 ? 55  ASN A N   1 
ATOM   405  C CA  . ASN A 1 55 ? -4.161  1.872   20.810  1.00 72.27 ? 55  ASN A CA  1 
ATOM   406  C C   . ASN A 1 55 ? -4.141  0.467   20.198  1.00 69.70 ? 55  ASN A C   1 
ATOM   407  O O   . ASN A 1 55 ? -5.179  -0.040  19.752  1.00 70.45 ? 55  ASN A O   1 
ATOM   408  C CB  . ASN A 1 55 ? -4.883  1.860   22.182  1.00 73.53 ? 55  ASN A CB  1 
ATOM   409  C CG  . ASN A 1 55 ? -6.365  2.313   22.112  1.00 73.48 ? 55  ASN A CG  1 
ATOM   410  O OD1 . ASN A 1 55 ? -6.716  3.265   21.412  1.00 70.86 ? 55  ASN A OD1 1 
ATOM   411  N ND2 . ASN A 1 55 ? -7.202  1.704   22.947  1.00 73.01 ? 55  ASN A ND2 1 
ATOM   412  N N   . THR A 1 56 ? -2.963  -0.160  20.174  1.00 63.97 ? 56  THR A N   1 
ATOM   413  C CA  . THR A 1 56 ? -2.820  -1.493  19.578  1.00 59.05 ? 56  THR A CA  1 
ATOM   414  C C   . THR A 1 56 ? -2.033  -2.497  20.423  1.00 57.87 ? 56  THR A C   1 
ATOM   415  O O   . THR A 1 56 ? -1.033  -2.149  21.054  1.00 58.40 ? 56  THR A O   1 
ATOM   416  C CB  . THR A 1 56 ? -2.156  -1.427  18.185  1.00 57.46 ? 56  THR A CB  1 
ATOM   417  O OG1 . THR A 1 56 ? -0.764  -1.107  18.325  1.00 49.59 ? 56  THR A OG1 1 
ATOM   418  C CG2 . THR A 1 56 ? -2.853  -0.389  17.308  1.00 52.59 ? 56  THR A CG2 1 
ATOM   419  N N   . LYS A 1 57 ? -2.495  -3.743  20.433  1.00 54.80 ? 57  LYS A N   1 
ATOM   420  C CA  . LYS A 1 57 ? -1.751  -4.834  21.053  1.00 54.88 ? 57  LYS A CA  1 
ATOM   421  C C   . LYS A 1 57 ? -0.853  -5.431  19.986  1.00 51.93 ? 57  LYS A C   1 
ATOM   422  O O   . LYS A 1 57 ? -1.341  -5.896  18.958  1.00 54.34 ? 57  LYS A O   1 
ATOM   423  C CB  . LYS A 1 57 ? -2.698  -5.927  21.570  1.00 56.26 ? 57  LYS A CB  1 
ATOM   424  C CG  . LYS A 1 57 ? -3.739  -5.473  22.594  1.00 58.97 ? 57  LYS A CG  1 
ATOM   425  C CD  . LYS A 1 57 ? -4.447  -6.684  23.207  1.00 57.74 ? 57  LYS A CD  1 
ATOM   426  C CE  . LYS A 1 57 ? -5.679  -6.297  24.004  1.00 54.37 ? 57  LYS A CE  1 
ATOM   427  N NZ  . LYS A 1 57 ? -5.323  -5.476  25.187  1.00 58.19 ? 57  LYS A NZ  1 
ATOM   428  N N   . GLU A 1 58 ? 0.453   -5.425  20.221  1.00 49.00 ? 58  GLU A N   1 
ATOM   429  C CA  . GLU A 1 58 ? 1.399   -5.942  19.241  1.00 45.15 ? 58  GLU A CA  1 
ATOM   430  C C   . GLU A 1 58 ? 1.912   -7.313  19.675  1.00 44.25 ? 58  GLU A C   1 
ATOM   431  O O   . GLU A 1 58 ? 2.419   -7.475  20.792  1.00 46.51 ? 58  GLU A O   1 
ATOM   432  C CB  . GLU A 1 58 ? 2.558   -4.958  19.066  1.00 43.99 ? 58  GLU A CB  1 
ATOM   433  C CG  . GLU A 1 58 ? 3.444   -5.240  17.870  1.00 46.40 ? 58  GLU A CG  1 
ATOM   434  C CD  . GLU A 1 58 ? 4.847   -4.709  18.045  1.00 48.76 ? 58  GLU A CD  1 
ATOM   435  O OE1 . GLU A 1 58 ? 5.439   -4.909  19.124  1.00 56.03 ? 58  GLU A OE1 1 
ATOM   436  O OE2 . GLU A 1 58 ? 5.389   -4.137  17.084  1.00 54.16 ? 58  GLU A OE2 1 
ATOM   437  N N   . TYR A 1 59 ? 1.759   -8.301  18.801  1.00 40.38 ? 59  TYR A N   1 
ATOM   438  C CA  . TYR A 1 59 ? 2.100   -9.680  19.130  1.00 36.92 ? 59  TYR A CA  1 
ATOM   439  C C   . TYR A 1 59 ? 3.310   -10.127 18.331  1.00 37.11 ? 59  TYR A C   1 
ATOM   440  O O   . TYR A 1 59 ? 3.513   -9.691  17.198  1.00 38.51 ? 59  TYR A O   1 
ATOM   441  C CB  . TYR A 1 59 ? 0.922   -10.605 18.821  1.00 32.93 ? 59  TYR A CB  1 
ATOM   442  C CG  . TYR A 1 59 ? -0.263  -10.429 19.732  1.00 30.97 ? 59  TYR A CG  1 
ATOM   443  C CD1 . TYR A 1 59 ? -1.177  -9.396  19.528  1.00 30.32 ? 59  TYR A CD1 1 
ATOM   444  C CD2 . TYR A 1 59 ? -0.461  -11.282 20.812  1.00 30.05 ? 59  TYR A CD2 1 
ATOM   445  C CE1 . TYR A 1 59 ? -2.259  -9.209  20.384  1.00 31.55 ? 59  TYR A CE1 1 
ATOM   446  C CE2 . TYR A 1 59 ? -1.543  -11.106 21.673  1.00 33.00 ? 59  TYR A CE2 1 
ATOM   447  C CZ  . TYR A 1 59 ? -2.435  -10.064 21.453  1.00 31.74 ? 59  TYR A CZ  1 
ATOM   448  O OH  . TYR A 1 59 ? -3.501  -9.877  22.299  1.00 37.21 ? 59  TYR A OH  1 
ATOM   449  N N   . LYS A 1 60 ? 4.092   -11.022 18.913  1.00 33.88 ? 60  LYS A N   1 
ATOM   450  C CA  . LYS A 1 60 ? 5.285   -11.533 18.273  1.00 34.51 ? 60  LYS A CA  1 
ATOM   451  C C   . LYS A 1 60 ? 5.010   -12.996 17.928  1.00 36.25 ? 60  LYS A C   1 
ATOM   452  O O   . LYS A 1 60 ? 4.245   -13.654 18.628  1.00 37.81 ? 60  LYS A O   1 
ATOM   453  C CB  . LYS A 1 60 ? 6.457   -11.419 19.253  1.00 36.13 ? 60  LYS A CB  1 
ATOM   454  C CG  . LYS A 1 60 ? 7.789   -11.037 18.630  1.00 39.35 ? 60  LYS A CG  1 
ATOM   455  C CD  . LYS A 1 60 ? 8.070   -9.551  18.794  1.00 37.92 ? 60  LYS A CD  1 
ATOM   456  C CE  . LYS A 1 60 ? 9.560   -9.259  18.677  1.00 32.27 ? 60  LYS A CE  1 
ATOM   457  N NZ  . LYS A 1 60 ? 9.795   -7.818  18.413  1.00 32.27 ? 60  LYS A NZ  1 
ATOM   458  N N   . ASN A 1 61 ? 5.591   -13.492 16.835  1.00 37.63 ? 61  ASN A N   1 
ATOM   459  C CA  . ASN A 1 61 ? 5.583   -14.929 16.521  1.00 36.50 ? 61  ASN A CA  1 
ATOM   460  C C   . ASN A 1 61 ? 4.250   -15.559 16.062  1.00 37.68 ? 61  ASN A C   1 
ATOM   461  O O   . ASN A 1 61 ? 4.191   -16.776 15.822  1.00 36.93 ? 61  ASN A O   1 
ATOM   462  C CB  . ASN A 1 61 ? 6.103   -15.716 17.718  1.00 40.89 ? 61  ASN A CB  1 
ATOM   463  C CG  . ASN A 1 61 ? 6.897   -16.919 17.306  1.00 47.87 ? 61  ASN A CG  1 
ATOM   464  O OD1 . ASN A 1 61 ? 7.667   -16.857 16.348  1.00 54.88 ? 61  ASN A OD1 1 
ATOM   465  N ND2 . ASN A 1 61 ? 6.749   -18.018 18.042  1.00 46.90 ? 61  ASN A ND2 1 
ATOM   466  N N   . VAL A 1 62 ? 3.204   -14.734 15.950  1.00 31.54 ? 62  VAL A N   1 
ATOM   467  C CA  . VAL A 1 62 ? 1.862   -15.140 15.506  1.00 28.40 ? 62  VAL A CA  1 
ATOM   468  C C   . VAL A 1 62 ? 1.914   -16.076 14.314  1.00 31.79 ? 62  VAL A C   1 
ATOM   469  O O   . VAL A 1 62 ? 2.809   -15.961 13.474  1.00 33.86 ? 62  VAL A O   1 
ATOM   470  C CB  . VAL A 1 62 ? 1.039   -13.921 15.063  1.00 31.00 ? 62  VAL A CB  1 
ATOM   471  C CG1 . VAL A 1 62 ? -0.383  -14.322 14.749  1.00 33.31 ? 62  VAL A CG1 1 
ATOM   472  C CG2 . VAL A 1 62 ? 1.071   -12.861 16.125  1.00 31.26 ? 62  VAL A CG2 1 
ATOM   473  N N   . GLU A 1 63 ? 0.954   -16.990 14.216  1.00 32.56 ? 63  GLU A N   1 
ATOM   474  C CA  . GLU A 1 63 ? 0.919   -17.872 13.057  1.00 31.50 ? 63  GLU A CA  1 
ATOM   475  C C   . GLU A 1 63 ? -0.072  -17.355 12.051  1.00 32.79 ? 63  GLU A C   1 
ATOM   476  O O   . GLU A 1 63 ? -1.271  -17.276 12.338  1.00 34.22 ? 63  GLU A O   1 
ATOM   477  C CB  . GLU A 1 63 ? 0.538   -19.293 13.428  1.00 32.47 ? 63  GLU A CB  1 
ATOM   478  C CG  . GLU A 1 63 ? 0.459   -20.194 12.206  1.00 38.07 ? 63  GLU A CG  1 
ATOM   479  C CD  . GLU A 1 63 ? -0.069  -21.576 12.517  1.00 38.62 ? 63  GLU A CD  1 
ATOM   480  O OE1 . GLU A 1 63 ? -1.141  -21.690 13.141  1.00 32.27 ? 63  GLU A OE1 1 
ATOM   481  O OE2 . GLU A 1 63 ? 0.584   -22.556 12.105  1.00 44.72 ? 63  GLU A OE2 1 
ATOM   482  N N   . ILE A 1 64 ? 0.447   -16.996 10.881  1.00 32.54 ? 64  ILE A N   1 
ATOM   483  C CA  . ILE A 1 64 ? -0.352  -16.561 9.744   1.00 27.33 ? 64  ILE A CA  1 
ATOM   484  C C   . ILE A 1 64 ? -0.173  -17.635 8.696   1.00 27.76 ? 64  ILE A C   1 
ATOM   485  O O   . ILE A 1 64 ? 0.963   -18.037 8.413   1.00 26.80 ? 64  ILE A O   1 
ATOM   486  C CB  . ILE A 1 64 ? 0.182   -15.248 9.138   1.00 26.82 ? 64  ILE A CB  1 
ATOM   487  C CG1 . ILE A 1 64 ? 0.602   -14.285 10.244  1.00 22.84 ? 64  ILE A CG1 1 
ATOM   488  C CG2 . ILE A 1 64 ? -0.872  -14.616 8.246   1.00 31.23 ? 64  ILE A CG2 1 
ATOM   489  C CD1 . ILE A 1 64 ? -0.529  -13.792 11.050  1.00 17.71 ? 64  ILE A CD1 1 
ATOM   490  N N   . GLU A 1 65 ? -1.291  -18.115 8.154   1.00 28.57 ? 65  GLU A N   1 
ATOM   491  C CA  . GLU A 1 65 ? -1.292  -18.950 6.948   1.00 32.19 ? 65  GLU A CA  1 
ATOM   492  C C   . GLU A 1 65 ? -1.980  -18.196 5.805   1.00 30.12 ? 65  GLU A C   1 
ATOM   493  O O   . GLU A 1 65 ? -3.115  -17.752 5.942   1.00 29.70 ? 65  GLU A O   1 
ATOM   494  C CB  . GLU A 1 65 ? -2.025  -20.270 7.213   1.00 32.81 ? 65  GLU A CB  1 
ATOM   495  C CG  . GLU A 1 65 ? -1.819  -21.341 6.146   1.00 40.72 ? 65  GLU A CG  1 
ATOM   496  C CD  . GLU A 1 65 ? -3.075  -22.184 5.902   1.00 47.61 ? 65  GLU A CD  1 
ATOM   497  O OE1 . GLU A 1 65 ? -3.968  -22.216 6.781   1.00 50.81 ? 65  GLU A OE1 1 
ATOM   498  O OE2 . GLU A 1 65 ? -3.176  -22.813 4.820   1.00 51.51 ? 65  GLU A OE2 1 
ATOM   499  N N   . VAL A 1 66 ? -1.276  -18.023 4.695   1.00 32.39 ? 66  VAL A N   1 
ATOM   500  C CA  . VAL A 1 66 ? -1.815  -17.311 3.544   1.00 35.66 ? 66  VAL A CA  1 
ATOM   501  C C   . VAL A 1 66 ? -1.474  -18.087 2.281   1.00 38.62 ? 66  VAL A C   1 
ATOM   502  O O   . VAL A 1 66 ? -0.308  -18.382 2.026   1.00 43.28 ? 66  VAL A O   1 
ATOM   503  C CB  . VAL A 1 66 ? -1.214  -15.890 3.436   1.00 36.36 ? 66  VAL A CB  1 
ATOM   504  C CG1 . VAL A 1 66 ? -1.722  -15.203 2.177   1.00 43.45 ? 66  VAL A CG1 1 
ATOM   505  C CG2 . VAL A 1 66 ? -1.565  -15.074 4.668   1.00 37.23 ? 66  VAL A CG2 1 
ATOM   506  N N   . LEU A 1 67 ? -2.489  -18.429 1.498   1.00 42.95 ? 67  LEU A N   1 
ATOM   507  C CA  . LEU A 1 67 ? -2.287  -19.226 0.289   1.00 47.77 ? 67  LEU A CA  1 
ATOM   508  C C   . LEU A 1 67 ? -1.377  -20.412 0.578   1.00 50.86 ? 67  LEU A C   1 
ATOM   509  O O   . LEU A 1 67 ? -0.370  -20.636 -0.106  1.00 52.48 ? 67  LEU A O   1 
ATOM   510  C CB  . LEU A 1 67 ? -1.687  -18.374 -0.835  1.00 50.42 ? 67  LEU A CB  1 
ATOM   511  C CG  . LEU A 1 67 ? -2.583  -17.433 -1.657  1.00 51.71 ? 67  LEU A CG  1 
ATOM   512  C CD1 . LEU A 1 67 ? -3.866  -18.137 -2.108  1.00 45.83 ? 67  LEU A CD1 1 
ATOM   513  C CD2 . LEU A 1 67 ? -2.888  -16.200 -0.824  1.00 53.97 ? 67  LEU A CD2 1 
ATOM   514  N N   . ASN A 1 68 ? -1.733  -21.151 1.625   1.00 53.43 ? 68  ASN A N   1 
ATOM   515  C CA  . ASN A 1 68 ? -1.045  -22.381 2.006   1.00 55.52 ? 68  ASN A CA  1 
ATOM   516  C C   . ASN A 1 68 ? 0.442   -22.208 2.323   1.00 53.17 ? 68  ASN A C   1 
ATOM   517  O O   . ASN A 1 68 ? 1.215   -23.173 2.295   1.00 54.46 ? 68  ASN A O   1 
ATOM   518  C CB  . ASN A 1 68 ? -1.229  -23.459 0.934   1.00 59.75 ? 68  ASN A CB  1 
ATOM   519  C CG  . ASN A 1 68 ? -1.559  -24.806 1.534   1.00 63.49 ? 68  ASN A CG  1 
ATOM   520  O OD1 . ASN A 1 68 ? -2.724  -25.103 1.792   1.00 67.73 ? 68  ASN A OD1 1 
ATOM   521  N ND2 . ASN A 1 68 ? -0.529  -25.560 1.903   1.00 62.69 ? 68  ASN A ND2 1 
ATOM   522  N N   . LYS A 1 69 ? 0.835   -20.979 2.632   1.00 48.25 ? 69  LYS A N   1 
ATOM   523  C CA  . LYS A 1 69 ? 2.130   -20.723 3.229   1.00 43.97 ? 69  LYS A CA  1 
ATOM   524  C C   . LYS A 1 69 ? 1.842   -20.264 4.644   1.00 42.45 ? 69  LYS A C   1 
ATOM   525  O O   . LYS A 1 69 ? 1.240   -19.213 4.848   1.00 40.69 ? 69  LYS A O   1 
ATOM   526  C CB  . LYS A 1 69 ? 2.876   -19.636 2.451   1.00 45.58 ? 69  LYS A CB  1 
ATOM   527  C CG  . LYS A 1 69 ? 4.386   -19.681 2.631   1.00 47.72 ? 69  LYS A CG  1 
ATOM   528  C CD  . LYS A 1 69 ? 5.120   -18.951 1.513   1.00 51.70 ? 69  LYS A CD  1 
ATOM   529  C CE  . LYS A 1 69 ? 5.600   -19.914 0.428   1.00 54.41 ? 69  LYS A CE  1 
ATOM   530  N NZ  . LYS A 1 69 ? 6.572   -19.287 -0.517  1.00 53.66 ? 69  LYS A NZ  1 
ATOM   531  N N   . LYS A 1 70 ? 2.212   -21.095 5.612   1.00 42.06 ? 70  LYS A N   1 
ATOM   532  C CA  . LYS A 1 70 ? 2.090   -20.761 7.026   1.00 40.00 ? 70  LYS A CA  1 
ATOM   533  C C   . LYS A 1 70 ? 3.429   -20.157 7.433   1.00 36.96 ? 70  LYS A C   1 
ATOM   534  O O   . LYS A 1 70 ? 4.471   -20.549 6.912   1.00 42.35 ? 70  LYS A O   1 
ATOM   535  C CB  . LYS A 1 70 ? 1.780   -22.035 7.836   1.00 42.60 ? 70  LYS A CB  1 
ATOM   536  C CG  . LYS A 1 70 ? 2.110   -21.955 9.326   1.00 49.81 ? 70  LYS A CG  1 
ATOM   537  C CD  . LYS A 1 70 ? 3.269   -22.883 9.706   1.00 54.87 ? 70  LYS A CD  1 
ATOM   538  C CE  . LYS A 1 70 ? 4.155   -22.277 10.806  1.00 56.87 ? 70  LYS A CE  1 
ATOM   539  N NZ  . LYS A 1 70 ? 3.413   -22.092 12.088  1.00 60.98 ? 70  LYS A NZ  1 
ATOM   540  N N   . VAL A 1 71 ? 3.404   -19.202 8.351   1.00 30.65 ? 71  VAL A N   1 
ATOM   541  C CA  . VAL A 1 71 ? 4.567   -18.386 8.643   1.00 21.30 ? 71  VAL A CA  1 
ATOM   542  C C   . VAL A 1 71 ? 4.307   -17.838 10.048  1.00 24.21 ? 71  VAL A C   1 
ATOM   543  O O   . VAL A 1 71 ? 3.154   -17.633 10.424  1.00 25.75 ? 71  VAL A O   1 
ATOM   544  C CB  . VAL A 1 71 ? 4.683   -17.242 7.551   1.00 20.45 ? 71  VAL A CB  1 
ATOM   545  C CG1 . VAL A 1 71 ? 4.730   -15.853 8.162   1.00 15.99 ? 71  VAL A CG1 1 
ATOM   546  C CG2 . VAL A 1 71 ? 5.889   -17.477 6.662   1.00 18.25 ? 71  VAL A CG2 1 
ATOM   547  N N   . ARG A 1 72 ? 5.362   -17.660 10.839  1.00 27.33 ? 72  ARG A N   1 
ATOM   548  C CA  . ARG A 1 72 ? 5.276   -16.916 12.097  1.00 29.75 ? 72  ARG A CA  1 
ATOM   549  C C   . ARG A 1 72 ? 5.940   -15.539 11.920  1.00 28.54 ? 72  ARG A C   1 
ATOM   550  O O   . ARG A 1 72 ? 6.986   -15.414 11.279  1.00 31.31 ? 72  ARG A O   1 
ATOM   551  C CB  . ARG A 1 72 ? 5.963   -17.690 13.238  1.00 37.76 ? 72  ARG A CB  1 
ATOM   552  C CG  . ARG A 1 72 ? 5.231   -18.959 13.715  1.00 41.58 ? 72  ARG A CG  1 
ATOM   553  C CD  . ARG A 1 72 ? 6.040   -19.723 14.778  1.00 52.75 ? 72  ARG A CD  1 
ATOM   554  N NE  . ARG A 1 72 ? 7.458   -19.914 14.414  1.00 60.56 ? 72  ARG A NE  1 
ATOM   555  C CZ  . ARG A 1 72 ? 8.309   -20.755 15.020  1.00 67.02 ? 72  ARG A CZ  1 
ATOM   556  N NH1 . ARG A 1 72 ? 7.919   -21.508 16.051  1.00 70.26 ? 72  ARG A NH1 1 
ATOM   557  N NH2 . ARG A 1 72 ? 9.558   -20.867 14.573  1.00 64.88 ? 72  ARG A NH2 1 
ATOM   558  N N   . ALA A 1 73 ? 5.328   -14.513 12.496  1.00 25.50 ? 73  ALA A N   1 
ATOM   559  C CA  . ALA A 1 73 ? 5.634   -13.132 12.163  1.00 21.68 ? 73  ALA A CA  1 
ATOM   560  C C   . ALA A 1 73 ? 4.932   -12.210 13.152  1.00 21.15 ? 73  ALA A C   1 
ATOM   561  O O   . ALA A 1 73 ? 3.877   -12.547 13.659  1.00 24.94 ? 73  ALA A O   1 
ATOM   562  C CB  . ALA A 1 73 ? 5.142   -12.832 10.756  1.00 28.30 ? 73  ALA A CB  1 
ATOM   563  N N   . THR A 1 74 ? 5.511   -11.051 13.436  1.00 19.29 ? 74  THR A N   1 
ATOM   564  C CA  . THR A 1 74 ? 4.835   -10.066 14.276  1.00 21.15 ? 74  THR A CA  1 
ATOM   565  C C   . THR A 1 74 ? 3.589   -9.574  13.564  1.00 23.74 ? 74  THR A C   1 
ATOM   566  O O   . THR A 1 74 ? 3.523   -9.635  12.339  1.00 32.50 ? 74  THR A O   1 
ATOM   567  C CB  . THR A 1 74 ? 5.741   -8.865  14.552  1.00 18.05 ? 74  THR A CB  1 
ATOM   568  O OG1 . THR A 1 74 ? 6.927   -9.321  15.207  1.00 30.00 ? 74  THR A OG1 1 
ATOM   569  C CG2 . THR A 1 74 ? 5.045   -7.848  15.431  1.00 10.94 ? 74  THR A CG2 1 
ATOM   570  N N   . ILE A 1 75 ? 2.622   -9.089  14.336  1.00 25.40 ? 75  ILE A N   1 
ATOM   571  C CA  . ILE A 1 75 ? 1.405   -8.475  13.825  1.00 25.47 ? 75  ILE A CA  1 
ATOM   572  C C   . ILE A 1 75 ? 0.864   -7.638  14.977  1.00 29.78 ? 75  ILE A C   1 
ATOM   573  O O   . ILE A 1 75 ? 1.285   -7.825  16.120  1.00 34.02 ? 75  ILE A O   1 
ATOM   574  C CB  . ILE A 1 75 ? 0.323   -9.532  13.406  1.00 20.28 ? 75  ILE A CB  1 
ATOM   575  C CG1 . ILE A 1 75 ? -0.811  -8.850  12.643  1.00 18.60 ? 75  ILE A CG1 1 
ATOM   576  C CG2 . ILE A 1 75 ? -0.306  -10.178 14.639  1.00 26.22 ? 75  ILE A CG2 1 
ATOM   577  C CD1 . ILE A 1 75 ? -1.613  -9.769  11.768  1.00 21.53 ? 75  ILE A CD1 1 
ATOM   578  N N   . MET A 1 76 ? -0.069  -6.740  14.677  1.00 29.52 ? 76  MET A N   1 
ATOM   579  C CA  . MET A 1 76 ? -0.621  -5.820  15.653  1.00 30.85 ? 76  MET A CA  1 
ATOM   580  C C   . MET A 1 76 ? -2.138  -5.916  15.581  1.00 33.25 ? 76  MET A C   1 
ATOM   581  O O   . MET A 1 76 ? -2.689  -6.285  14.550  1.00 38.71 ? 76  MET A O   1 
ATOM   582  C CB  . MET A 1 76 ? -0.174  -4.401  15.317  1.00 35.45 ? 76  MET A CB  1 
ATOM   583  C CG  . MET A 1 76 ? 0.217   -3.549  16.513  1.00 42.00 ? 76  MET A CG  1 
ATOM   584  S SD  . MET A 1 76 ? 0.910   -1.963  16.000  1.00 47.22 ? 76  MET A SD  1 
ATOM   585  C CE  . MET A 1 76 ? 2.481   -2.501  15.311  1.00 43.59 ? 76  MET A CE  1 
ATOM   586  N N   . THR A 1 77 ? -2.813  -5.559  16.658  1.00 33.51 ? 77  THR A N   1 
ATOM   587  C CA  . THR A 1 77 ? -4.250  -5.728  16.740  1.00 34.95 ? 77  THR A CA  1 
ATOM   588  C C   . THR A 1 77 ? -4.858  -4.441  17.240  1.00 35.12 ? 77  THR A C   1 
ATOM   589  O O   . THR A 1 77 ? -4.368  -3.854  18.195  1.00 36.89 ? 77  THR A O   1 
ATOM   590  C CB  . THR A 1 77 ? -4.599  -6.876  17.707  1.00 37.98 ? 77  THR A CB  1 
ATOM   591  O OG1 . THR A 1 77 ? -4.408  -8.128  17.033  1.00 42.49 ? 77  THR A OG1 1 
ATOM   592  C CG2 . THR A 1 77 ? -6.041  -6.768  18.206  1.00 35.74 ? 77  THR A CG2 1 
ATOM   593  N N   . GLY A 1 78 ? -5.915  -3.995  16.581  1.00 37.93 ? 78  GLY A N   1 
ATOM   594  C CA  . GLY A 1 78 ? -6.621  -2.815  17.031  1.00 41.59 ? 78  GLY A CA  1 
ATOM   595  C C   . GLY A 1 78 ? -7.740  -2.500  16.065  1.00 46.79 ? 78  GLY A C   1 
ATOM   596  O O   . GLY A 1 78 ? -8.044  -3.307  15.187  1.00 49.28 ? 78  GLY A O   1 
ATOM   597  N N   . ASP A 1 79 ? -8.339  -1.323  16.197  1.00 49.27 ? 79  ASP A N   1 
ATOM   598  C CA  . ASP A 1 79 ? -9.342  -0.908  15.244  1.00 50.37 ? 79  ASP A CA  1 
ATOM   599  C C   . ASP A 1 79 ? -8.706  -0.307  13.999  1.00 48.80 ? 79  ASP A C   1 
ATOM   600  O O   . ASP A 1 79 ? -8.094  0.754   14.050  1.00 48.27 ? 79  ASP A O   1 
ATOM   601  C CB  . ASP A 1 79 ? -10.314 0.089   15.883  1.00 59.25 ? 79  ASP A CB  1 
ATOM   602  C CG  . ASP A 1 79 ? -11.782 -0.279  15.634  1.00 67.56 ? 79  ASP A CG  1 
ATOM   603  O OD1 . ASP A 1 79 ? -12.050 -1.338  15.008  1.00 70.37 ? 79  ASP A OD1 1 
ATOM   604  O OD2 . ASP A 1 79 ? -12.672 0.488   16.065  1.00 68.89 ? 79  ASP A OD2 1 
ATOM   605  N N   . THR A 1 80 ? -8.810  -1.028  12.896  1.00 49.13 ? 80  THR A N   1 
ATOM   606  C CA  . THR A 1 80 ? -8.712  -0.433  11.572  1.00 50.84 ? 80  THR A CA  1 
ATOM   607  C C   . THR A 1 80 ? -10.022 -0.666  10.829  1.00 51.88 ? 80  THR A C   1 
ATOM   608  O O   . THR A 1 80 ? -10.753 -1.614  11.125  1.00 54.65 ? 80  THR A O   1 
ATOM   609  C CB  . THR A 1 80 ? -7.596  -1.067  10.755  1.00 49.75 ? 80  THR A CB  1 
ATOM   610  O OG1 . THR A 1 80 ? -7.286  -2.364  11.274  1.00 52.22 ? 80  THR A OG1 1 
ATOM   611  C CG2 . THR A 1 80 ? -6.368  -0.187  10.773  1.00 54.04 ? 80  THR A CG2 1 
ATOM   612  N N   . PRO A 1 81 ? -10.359 0.219   9.875   1.00 51.78 ? 81  PRO A N   1 
ATOM   613  C CA  . PRO A 1 81 ? -11.359 -0.151  8.867   1.00 51.49 ? 81  PRO A CA  1 
ATOM   614  C C   . PRO A 1 81 ? -10.826 -1.241  7.937   1.00 51.54 ? 81  PRO A C   1 
ATOM   615  O O   . PRO A 1 81 ? -11.560 -2.174  7.565   1.00 53.15 ? 81  PRO A O   1 
ATOM   616  C CB  . PRO A 1 81 ? -11.614 1.162   8.122   1.00 52.80 ? 81  PRO A CB  1 
ATOM   617  C CG  . PRO A 1 81 ? -11.210 2.232   9.097   1.00 52.19 ? 81  PRO A CG  1 
ATOM   618  C CD  . PRO A 1 81 ? -10.025 1.649   9.810   1.00 52.41 ? 81  PRO A CD  1 
ATOM   619  N N   . ILE A 1 82 ? -9.546  -1.123  7.578   1.00 46.05 ? 82  ILE A N   1 
ATOM   620  C CA  . ILE A 1 82 ? -8.898  -2.093  6.700   1.00 39.89 ? 82  ILE A CA  1 
ATOM   621  C C   . ILE A 1 82 ? -7.912  -2.925  7.510   1.00 39.64 ? 82  ILE A C   1 
ATOM   622  O O   . ILE A 1 82 ? -7.150  -2.380  8.316   1.00 38.36 ? 82  ILE A O   1 
ATOM   623  C CB  . ILE A 1 82 ? -8.126  -1.404  5.562   1.00 36.19 ? 82  ILE A CB  1 
ATOM   624  C CG1 . ILE A 1 82 ? -8.722  -0.033  5.270   1.00 41.21 ? 82  ILE A CG1 1 
ATOM   625  C CG2 . ILE A 1 82 ? -8.167  -2.258  4.314   1.00 29.43 ? 82  ILE A CG2 1 
ATOM   626  C CD1 . ILE A 1 82 ? -8.042  0.686   4.124   1.00 49.38 ? 82  ILE A CD1 1 
ATOM   627  N N   . ASN A 1 83 ? -7.929  -4.240  7.307   1.00 32.38 ? 83  ASN A N   1 
ATOM   628  C CA  . ASN A 1 83 ? -6.903  -5.089  7.896   1.00 26.90 ? 83  ASN A CA  1 
ATOM   629  C C   . ASN A 1 83 ? -5.775  -5.039  6.883   1.00 23.99 ? 83  ASN A C   1 
ATOM   630  O O   . ASN A 1 83 ? -5.967  -5.428  5.738   1.00 23.91 ? 83  ASN A O   1 
ATOM   631  C CB  . ASN A 1 83 ? -7.369  -6.558  8.066   1.00 26.82 ? 83  ASN A CB  1 
ATOM   632  C CG  . ASN A 1 83 ? -8.595  -6.741  9.007   1.00 23.09 ? 83  ASN A CG  1 
ATOM   633  O OD1 . ASN A 1 83 ? -9.236  -7.793  8.960   1.00 19.77 ? 83  ASN A OD1 1 
ATOM   634  N ND2 . ASN A 1 83 ? -8.854  -5.789  9.909   1.00 15.12 ? 83  ASN A ND2 1 
ATOM   635  N N   . ILE A 1 84 ? -4.610  -4.556  7.297   1.00 21.51 ? 84  ILE A N   1 
ATOM   636  C CA  . ILE A 1 84 ? -3.460  -4.405  6.405   1.00 17.56 ? 84  ILE A CA  1 
ATOM   637  C C   . ILE A 1 84 ? -2.408  -5.455  6.742   1.00 17.20 ? 84  ILE A C   1 
ATOM   638  O O   . ILE A 1 84 ? -2.074  -5.641  7.912   1.00 18.15 ? 84  ILE A O   1 
ATOM   639  C CB  . ILE A 1 84 ? -2.825  -2.980  6.558   1.00 17.44 ? 84  ILE A CB  1 
ATOM   640  C CG1 . ILE A 1 84 ? -3.651  -1.971  5.799   1.00 14.86 ? 84  ILE A CG1 1 
ATOM   641  C CG2 . ILE A 1 84 ? -1.389  -2.930  6.040   1.00 21.06 ? 84  ILE A CG2 1 
ATOM   642  C CD1 . ILE A 1 84 ? -4.818  -1.497  6.567   1.00 21.21 ? 84  ILE A CD1 1 
ATOM   643  N N   . PHE A 1 85 ? -1.899  -6.134  5.716   1.00 16.09 ? 85  PHE A N   1 
ATOM   644  C CA  . PHE A 1 85 ? -0.666  -6.887  5.819   1.00 15.78 ? 85  PHE A CA  1 
ATOM   645  C C   . PHE A 1 85 ? 0.433   -6.043  5.185   1.00 19.27 ? 85  PHE A C   1 
ATOM   646  O O   . PHE A 1 85 ? 0.501   -5.924  3.967   1.00 21.73 ? 85  PHE A O   1 
ATOM   647  C CB  . PHE A 1 85 ? -0.783  -8.238  5.095   1.00 13.35 ? 85  PHE A CB  1 
ATOM   648  C CG  . PHE A 1 85 ? -1.184  -9.386  5.982   1.00 13.91 ? 85  PHE A CG  1 
ATOM   649  C CD1 . PHE A 1 85 ? -1.881  -9.170  7.168   1.00 20.60 ? 85  PHE A CD1 1 
ATOM   650  C CD2 . PHE A 1 85 ? -0.945  -10.692 5.587   1.00 16.13 ? 85  PHE A CD2 1 
ATOM   651  C CE1 . PHE A 1 85 ? -2.338  -10.251 7.940   1.00 22.25 ? 85  PHE A CE1 1 
ATOM   652  C CE2 . PHE A 1 85 ? -1.401  -11.785 6.347   1.00 15.78 ? 85  PHE A CE2 1 
ATOM   653  C CZ  . PHE A 1 85 ? -2.098  -11.562 7.522   1.00 14.79 ? 85  PHE A CZ  1 
ATOM   654  N N   . GLY A 1 86 ? 1.283   -5.449  6.016   1.00 20.78 ? 86  GLY A N   1 
ATOM   655  C CA  . GLY A 1 86 ? 2.325   -4.571  5.522   1.00 18.75 ? 86  GLY A CA  1 
ATOM   656  C C   . GLY A 1 86 ? 3.524   -5.351  5.058   1.00 19.03 ? 86  GLY A C   1 
ATOM   657  O O   . GLY A 1 86 ? 3.453   -6.578  4.982   1.00 20.92 ? 86  GLY A O   1 
ATOM   658  N N   . ARG A 1 87 ? 4.647   -4.666  4.824   1.00 24.55 ? 87  ARG A N   1 
ATOM   659  C CA  . ARG A 1 87 ? 5.854   -5.300  4.270   1.00 24.52 ? 87  ARG A CA  1 
ATOM   660  C C   . ARG A 1 87 ? 6.489   -6.257  5.254   1.00 24.59 ? 87  ARG A C   1 
ATOM   661  O O   . ARG A 1 87 ? 7.209   -7.169  4.853   1.00 25.74 ? 87  ARG A O   1 
ATOM   662  C CB  . ARG A 1 87 ? 6.899   -4.260  3.875   1.00 25.16 ? 87  ARG A CB  1 
ATOM   663  C CG  . ARG A 1 87 ? 6.512   -3.383  2.695   1.00 33.44 ? 87  ARG A CG  1 
ATOM   664  C CD  . ARG A 1 87 ? 7.621   -2.386  2.357   1.00 31.74 ? 87  ARG A CD  1 
ATOM   665  N NE  . ARG A 1 87 ? 8.020   -1.562  3.503   1.00 33.35 ? 87  ARG A NE  1 
ATOM   666  C CZ  . ARG A 1 87 ? 9.145   -1.748  4.192   1.00 30.49 ? 87  ARG A CZ  1 
ATOM   667  N NH1 . ARG A 1 87 ? 9.966   -2.742  3.859   1.00 26.71 ? 87  ARG A NH1 1 
ATOM   668  N NH2 . ARG A 1 87 ? 9.455   -0.945  5.204   1.00 22.97 ? 87  ARG A NH2 1 
ATOM   669  N N   . ASN A 1 88 ? 6.241   -6.055  6.544   1.00 21.75 ? 88  ASN A N   1 
ATOM   670  C CA  . ASN A 1 88 ? 6.780   -6.987  7.518   1.00 25.01 ? 88  ASN A CA  1 
ATOM   671  C C   . ASN A 1 88 ? 6.280   -8.411  7.262   1.00 26.65 ? 88  ASN A C   1 
ATOM   672  O O   . ASN A 1 88 ? 7.043   -9.372  7.383   1.00 28.93 ? 88  ASN A O   1 
ATOM   673  C CB  . ASN A 1 88 ? 6.470   -6.538  8.958   1.00 25.09 ? 88  ASN A CB  1 
ATOM   674  C CG  . ASN A 1 88 ? 5.039   -6.797  9.376   1.00 26.00 ? 88  ASN A CG  1 
ATOM   675  O OD1 . ASN A 1 88 ? 4.090   -6.397  8.692   1.00 23.29 ? 88  ASN A OD1 1 
ATOM   676  N ND2 . ASN A 1 88 ? 4.879   -7.321  10.581  1.00 25.82 ? 88  ASN A ND2 1 
ATOM   677  N N   . ILE A 1 89 ? 5.019   -8.554  6.869   1.00 26.83 ? 89  ILE A N   1 
ATOM   678  C CA  . ILE A 1 89 ? 4.496   -9.879  6.592   1.00 24.49 ? 89  ILE A CA  1 
ATOM   679  C C   . ILE A 1 89 ? 4.669   -10.288 5.131   1.00 26.08 ? 89  ILE A C   1 
ATOM   680  O O   . ILE A 1 89 ? 4.959   -11.449 4.846   1.00 25.91 ? 89  ILE A O   1 
ATOM   681  C CB  . ILE A 1 89 ? 3.029   -10.005 7.040   1.00 26.16 ? 89  ILE A CB  1 
ATOM   682  C CG1 . ILE A 1 89 ? 2.978   -10.218 8.570   1.00 22.85 ? 89  ILE A CG1 1 
ATOM   683  C CG2 . ILE A 1 89 ? 2.350   -11.162 6.297   1.00 21.69 ? 89  ILE A CG2 1 
ATOM   684  C CD1 . ILE A 1 89 ? 1.657   -9.804  9.256   1.00 14.78 ? 89  ILE A CD1 1 
ATOM   685  N N   . LEU A 1 90 ? 4.555   -9.342  4.207   1.00 24.57 ? 90  LEU A N   1 
ATOM   686  C CA  . LEU A 1 90 ? 4.826   -9.640  2.797   1.00 23.88 ? 90  LEU A CA  1 
ATOM   687  C C   . LEU A 1 90 ? 6.192   -10.315 2.575   1.00 22.44 ? 90  LEU A C   1 
ATOM   688  O O   . LEU A 1 90 ? 6.323   -11.219 1.742   1.00 23.42 ? 90  LEU A O   1 
ATOM   689  C CB  . LEU A 1 90 ? 4.700   -8.364  1.941   1.00 26.18 ? 90  LEU A CB  1 
ATOM   690  C CG  . LEU A 1 90 ? 3.430   -7.493  2.096   1.00 29.44 ? 90  LEU A CG  1 
ATOM   691  C CD1 . LEU A 1 90 ? 3.560   -6.230  1.248   1.00 27.51 ? 90  LEU A CD1 1 
ATOM   692  C CD2 . LEU A 1 90 ? 2.151   -8.263  1.717   1.00 27.76 ? 90  LEU A CD2 1 
ATOM   693  N N   . THR A 1 91 ? 7.194   -9.906  3.350   1.00 25.79 ? 91  THR A N   1 
ATOM   694  C CA  . THR A 1 91 ? 8.558   -10.443 3.229   1.00 27.20 ? 91  THR A CA  1 
ATOM   695  C C   . THR A 1 91 ? 8.706   -11.807 3.885   1.00 27.79 ? 91  THR A C   1 
ATOM   696  O O   . THR A 1 91 ? 9.515   -12.633 3.448   1.00 31.25 ? 91  THR A O   1 
ATOM   697  C CB  . THR A 1 91 ? 9.613   -9.512  3.875   1.00 27.25 ? 91  THR A CB  1 
ATOM   698  O OG1 . THR A 1 91 ? 9.157   -9.075  5.159   1.00 37.03 ? 91  THR A OG1 1 
ATOM   699  C CG2 . THR A 1 91 ? 9.875   -8.305  3.009   1.00 24.25 ? 91  THR A CG2 1 
ATOM   700  N N   . ALA A 1 92 ? 7.949   -12.032 4.949   1.00 25.21 ? 92  ALA A N   1 
ATOM   701  C CA  . ALA A 1 92 ? 7.922   -13.334 5.591   1.00 23.10 ? 92  ALA A CA  1 
ATOM   702  C C   . ALA A 1 92 ? 7.182   -14.313 4.692   1.00 22.85 ? 92  ALA A C   1 
ATOM   703  O O   . ALA A 1 92 ? 7.576   -15.461 4.576   1.00 25.80 ? 92  ALA A O   1 
ATOM   704  C CB  . ALA A 1 92 ? 7.246   -13.237 6.945   1.00 25.99 ? 92  ALA A CB  1 
ATOM   705  N N   . LEU A 1 93 ? 6.129   -13.839 4.031   1.00 22.26 ? 93  LEU A N   1 
ATOM   706  C CA  . LEU A 1 93 ? 5.414   -14.616 3.008   1.00 25.47 ? 93  LEU A CA  1 
ATOM   707  C C   . LEU A 1 93 ? 6.225   -14.892 1.713   1.00 28.83 ? 93  LEU A C   1 
ATOM   708  O O   . LEU A 1 93 ? 5.867   -15.756 0.906   1.00 28.80 ? 93  LEU A O   1 
ATOM   709  C CB  . LEU A 1 93 ? 4.112   -13.900 2.633   1.00 22.31 ? 93  LEU A CB  1 
ATOM   710  C CG  . LEU A 1 93 ? 2.752   -14.416 3.104   1.00 17.83 ? 93  LEU A CG  1 
ATOM   711  C CD1 . LEU A 1 93 ? 2.925   -15.711 3.903   1.00 25.29 ? 93  LEU A CD1 1 
ATOM   712  C CD2 . LEU A 1 93 ? 2.046   -13.333 3.918   1.00 13.73 ? 93  LEU A CD2 1 
ATOM   713  N N   . GLY A 1 94 ? 7.299   -14.147 1.500   1.00 28.53 ? 94  GLY A N   1 
ATOM   714  C CA  . GLY A 1 94 ? 8.060   -14.318 0.274   1.00 31.76 ? 94  GLY A CA  1 
ATOM   715  C C   . GLY A 1 94 ? 7.493   -13.579 -0.934  1.00 31.95 ? 94  GLY A C   1 
ATOM   716  O O   . GLY A 1 94 ? 7.828   -13.930 -2.076  1.00 28.36 ? 94  GLY A O   1 
ATOM   717  N N   . MET A 1 95 ? 6.704   -12.525 -0.695  1.00 27.21 ? 95  MET A N   1 
ATOM   718  C CA  . MET A 1 95 ? 6.116   -11.763 -1.793  1.00 25.19 ? 95  MET A CA  1 
ATOM   719  C C   . MET A 1 95 ? 7.023   -10.716 -2.449  1.00 25.55 ? 95  MET A C   1 
ATOM   720  O O   . MET A 1 95 ? 7.948   -10.178 -1.836  1.00 21.90 ? 95  MET A O   1 
ATOM   721  C CB  . MET A 1 95 ? 4.804   -11.131 -1.343  1.00 24.65 ? 95  MET A CB  1 
ATOM   722  C CG  . MET A 1 95 ? 3.674   -12.131 -1.298  1.00 28.12 ? 95  MET A CG  1 
ATOM   723  S SD  . MET A 1 95 ? 2.095   -11.439 -0.848  1.00 31.16 ? 95  MET A SD  1 
ATOM   724  C CE  . MET A 1 95 ? 1.107   -11.867 -2.275  1.00 23.74 ? 95  MET A CE  1 
ATOM   725  N N   . SER A 1 96 ? 6.758   -10.448 -3.718  1.00 28.63 ? 96  SER A N   1 
ATOM   726  C CA  . SER A 1 96 ? 7.549   -9.486  -4.468  1.00 30.56 ? 96  SER A CA  1 
ATOM   727  C C   . SER A 1 96 ? 6.688   -8.746  -5.490  1.00 29.78 ? 96  SER A C   1 
ATOM   728  O O   . SER A 1 96 ? 5.737   -9.315  -6.034  1.00 28.92 ? 96  SER A O   1 
ATOM   729  C CB  . SER A 1 96 ? 8.728   -10.197 -5.159  1.00 31.76 ? 96  SER A CB  1 
ATOM   730  O OG  . SER A 1 96 ? 8.309   -11.263 -5.995  1.00 25.85 ? 96  SER A OG  1 
ATOM   731  N N   . LEU A 1 97 ? 7.013   -7.475  -5.720  1.00 29.85 ? 97  LEU A N   1 
ATOM   732  C CA  . LEU A 1 97 ? 6.372   -6.652  -6.748  1.00 30.21 ? 97  LEU A CA  1 
ATOM   733  C C   . LEU A 1 97 ? 7.044   -7.033  -8.049  1.00 30.44 ? 97  LEU A C   1 
ATOM   734  O O   . LEU A 1 97 ? 8.262   -7.090  -8.095  1.00 29.78 ? 97  LEU A O   1 
ATOM   735  C CB  . LEU A 1 97 ? 6.638   -5.174  -6.465  1.00 32.69 ? 97  LEU A CB  1 
ATOM   736  C CG  . LEU A 1 97 ? 5.519   -4.154  -6.198  1.00 36.86 ? 97  LEU A CG  1 
ATOM   737  C CD1 . LEU A 1 97 ? 4.112   -4.776  -6.284  1.00 34.99 ? 97  LEU A CD1 1 
ATOM   738  C CD2 . LEU A 1 97 ? 5.759   -3.547  -4.833  1.00 37.12 ? 97  LEU A CD2 1 
ATOM   739  N N   . ASN A 1 98 ? 6.278   -7.307  -9.099  1.00 32.92 ? 98  ASN A N   1 
ATOM   740  C CA  . ASN A 1 98 ? 6.870   -7.828  -10.328 1.00 37.27 ? 98  ASN A CA  1 
ATOM   741  C C   . ASN A 1 98 ? 6.714   -6.924  -11.560 1.00 38.51 ? 98  ASN A C   1 
ATOM   742  O O   . ASN A 1 98 ? 5.628   -6.412  -11.844 1.00 37.62 ? 98  ASN A O   1 
ATOM   743  C CB  . ASN A 1 98 ? 6.338   -9.232  -10.616 1.00 46.34 ? 98  ASN A CB  1 
ATOM   744  C CG  . ASN A 1 98 ? 7.209   -10.321 -10.013 1.00 50.17 ? 98  ASN A CG  1 
ATOM   745  O OD1 . ASN A 1 98 ? 7.997   -10.960 -10.714 1.00 59.20 ? 98  ASN A OD1 1 
ATOM   746  N ND2 . ASN A 1 98 ? 7.100   -10.517 -8.705  1.00 46.82 ? 98  ASN A ND2 1 
ATOM   747  N N   . LEU A 1 99 ? 7.831   -6.763  -12.270 1.00 39.37 ? 99  LEU A N   1 
ATOM   748  C CA  . LEU A 1 99 ? 8.076   -5.771  -13.329 1.00 43.24 ? 99  LEU A CA  1 
ATOM   749  C C   . LEU A 1 99 ? 7.020   -4.749  -13.739 1.00 46.11 ? 99  LEU A C   1 
ATOM   750  O O   . LEU A 1 99 ? 7.425   -3.810  -14.478 1.00 45.28 ? 99  LEU A O   1 
ATOM   751  C CB  . LEU A 1 99 ? 8.599   -6.466  -14.591 1.00 45.22 ? 99  LEU A CB  1 
ATOM   752  C CG  . LEU A 1 99 ? 7.964   -7.770  -15.061 1.00 48.22 ? 99  LEU A CG  1 
ATOM   753  C CD1 . LEU A 1 99 ? 8.458   -8.063  -16.460 1.00 51.26 ? 99  LEU A CD1 1 
ATOM   754  C CD2 . LEU A 1 99 ? 8.333   -8.915  -14.118 1.00 53.71 ? 99  LEU A CD2 1 
ATOM   755  N N   . PRO B 1 1  ? 12.295  -8.004  -14.035 1.00 51.84 ? 1   PRO B N   1 
ATOM   756  C CA  . PRO B 1 1  ? 12.770  -7.815  -12.632 1.00 51.70 ? 1   PRO B CA  1 
ATOM   757  C C   . PRO B 1 1  ? 11.623  -7.986  -11.632 1.00 52.25 ? 1   PRO B C   1 
ATOM   758  O O   . PRO B 1 1  ? 10.475  -7.656  -11.933 1.00 52.11 ? 1   PRO B O   1 
ATOM   759  C CB  . PRO B 1 1  ? 13.361  -6.413  -12.492 1.00 50.72 ? 1   PRO B CB  1 
ATOM   760  C CG  . PRO B 1 1  ? 12.566  -5.610  -13.461 1.00 47.33 ? 1   PRO B CG  1 
ATOM   761  C CD  . PRO B 1 1  ? 12.123  -6.612  -14.510 1.00 51.29 ? 1   PRO B CD  1 
ATOM   762  N N   . GLN B 1 2  ? 11.930  -8.523  -10.457 1.00 52.81 ? 2   GLN B N   1 
ATOM   763  C CA  . GLN B 1 2  ? 10.983  -8.522  -9.347  1.00 52.01 ? 2   GLN B CA  1 
ATOM   764  C C   . GLN B 1 2  ? 11.630  -7.875  -8.133  1.00 49.68 ? 2   GLN B C   1 
ATOM   765  O O   . GLN B 1 2  ? 12.814  -8.065  -7.869  1.00 50.89 ? 2   GLN B O   1 
ATOM   766  C CB  . GLN B 1 2  ? 10.515  -9.945  -9.006  1.00 54.56 ? 2   GLN B CB  1 
ATOM   767  C CG  . GLN B 1 2  ? 11.617  -10.981 -8.841  1.00 59.36 ? 2   GLN B CG  1 
ATOM   768  C CD  . GLN B 1 2  ? 11.108  -12.283 -8.245  1.00 65.32 ? 2   GLN B CD  1 
ATOM   769  O OE1 . GLN B 1 2  ? 11.529  -12.685 -7.156  1.00 67.41 ? 2   GLN B OE1 1 
ATOM   770  N NE2 . GLN B 1 2  ? 10.179  -12.936 -8.942  1.00 64.78 ? 2   GLN B NE2 1 
ATOM   771  N N   . PHE B 1 3  ? 10.847  -7.088  -7.414  1.00 47.55 ? 3   PHE B N   1 
ATOM   772  C CA  . PHE B 1 3  ? 11.339  -6.339  -6.279  1.00 44.65 ? 3   PHE B CA  1 
ATOM   773  C C   . PHE B 1 3  ? 10.865  -7.037  -5.018  1.00 40.39 ? 3   PHE B C   1 
ATOM   774  O O   . PHE B 1 3  ? 9.662   -7.210  -4.820  1.00 37.13 ? 3   PHE B O   1 
ATOM   775  C CB  . PHE B 1 3  ? 10.789  -4.907  -6.293  1.00 50.71 ? 3   PHE B CB  1 
ATOM   776  C CG  . PHE B 1 3  ? 10.460  -4.375  -7.672  1.00 58.12 ? 3   PHE B CG  1 
ATOM   777  C CD1 . PHE B 1 3  ? 11.145  -4.819  -8.807  1.00 56.69 ? 3   PHE B CD1 1 
ATOM   778  C CD2 . PHE B 1 3  ? 9.452   -3.423  -7.829  1.00 58.89 ? 3   PHE B CD2 1 
ATOM   779  C CE1 . PHE B 1 3  ? 10.833  -4.334  -10.073 1.00 58.72 ? 3   PHE B CE1 1 
ATOM   780  C CE2 . PHE B 1 3  ? 9.128   -2.928  -9.091  1.00 60.03 ? 3   PHE B CE2 1 
ATOM   781  C CZ  . PHE B 1 3  ? 9.821   -3.387  -10.218 1.00 59.91 ? 3   PHE B CZ  1 
ATOM   782  N N   . SER B 1 4  ? 11.808  -7.450  -4.179  1.00 38.32 ? 4   SER B N   1 
ATOM   783  C CA  . SER B 1 4  ? 11.482  -7.858  -2.814  1.00 37.84 ? 4   SER B CA  1 
ATOM   784  C C   . SER B 1 4  ? 11.078  -6.627  -1.995  1.00 32.16 ? 4   SER B C   1 
ATOM   785  O O   . SER B 1 4  ? 11.310  -5.496  -2.409  1.00 35.02 ? 4   SER B O   1 
ATOM   786  C CB  . SER B 1 4  ? 12.680  -8.550  -2.171  1.00 39.79 ? 4   SER B CB  1 
ATOM   787  O OG  . SER B 1 4  ? 13.773  -7.662  -2.048  1.00 47.61 ? 4   SER B OG  1 
ATOM   788  N N   . LEU B 1 5  ? 10.469  -6.841  -0.840  1.00 24.49 ? 5   LEU B N   1 
ATOM   789  C CA  . LEU B 1 5  ? 9.885   -5.737  -0.115  1.00 22.90 ? 5   LEU B CA  1 
ATOM   790  C C   . LEU B 1 5  ? 10.604  -5.405  1.199   1.00 21.81 ? 5   LEU B C   1 
ATOM   791  O O   . LEU B 1 5  ? 10.027  -4.831  2.124   1.00 19.35 ? 5   LEU B O   1 
ATOM   792  C CB  . LEU B 1 5  ? 8.398   -6.024  0.109   1.00 30.28 ? 5   LEU B CB  1 
ATOM   793  C CG  . LEU B 1 5  ? 7.560   -6.271  -1.161  1.00 29.46 ? 5   LEU B CG  1 
ATOM   794  C CD1 . LEU B 1 5  ? 6.141   -6.617  -0.789  1.00 29.85 ? 5   LEU B CD1 1 
ATOM   795  C CD2 . LEU B 1 5  ? 7.564   -5.046  -2.070  1.00 27.53 ? 5   LEU B CD2 1 
ATOM   796  N N   . TRP B 1 6  ? 11.881  -5.749  1.263   1.00 22.04 ? 6   TRP B N   1 
ATOM   797  C CA  . TRP B 1 6  ? 12.686  -5.486  2.442   1.00 27.20 ? 6   TRP B CA  1 
ATOM   798  C C   . TRP B 1 6  ? 12.791  -3.992  2.707   1.00 27.74 ? 6   TRP B C   1 
ATOM   799  O O   . TRP B 1 6  ? 12.745  -3.564  3.855   1.00 33.94 ? 6   TRP B O   1 
ATOM   800  C CB  . TRP B 1 6  ? 14.093  -6.073  2.276   1.00 32.97 ? 6   TRP B CB  1 
ATOM   801  C CG  . TRP B 1 6  ? 14.128  -7.555  2.098   1.00 37.18 ? 6   TRP B CG  1 
ATOM   802  C CD1 . TRP B 1 6  ? 14.411  -8.237  0.943   1.00 37.65 ? 6   TRP B CD1 1 
ATOM   803  C CD2 . TRP B 1 6  ? 13.844  -8.549  3.093   1.00 38.05 ? 6   TRP B CD2 1 
ATOM   804  N NE1 . TRP B 1 6  ? 14.306  -9.593  1.162   1.00 40.08 ? 6   TRP B NE1 1 
ATOM   805  C CE2 . TRP B 1 6  ? 13.953  -9.812  2.465   1.00 40.05 ? 6   TRP B CE2 1 
ATOM   806  C CE3 . TRP B 1 6  ? 13.515  -8.494  4.458   1.00 38.36 ? 6   TRP B CE3 1 
ATOM   807  C CZ2 . TRP B 1 6  ? 13.734  -11.010 3.158   1.00 39.15 ? 6   TRP B CZ2 1 
ATOM   808  C CZ3 . TRP B 1 6  ? 13.305  -9.687  5.144   1.00 36.16 ? 6   TRP B CZ3 1 
ATOM   809  C CH2 . TRP B 1 6  ? 13.414  -10.926 4.491   1.00 38.95 ? 6   TRP B CH2 1 
ATOM   810  N N   . LYS B 1 7  ? 12.971  -3.204  1.653   1.00 24.62 ? 7   LYS B N   1 
ATOM   811  C CA  . LYS B 1 7  ? 12.930  -1.756  1.783   1.00 27.06 ? 7   LYS B CA  1 
ATOM   812  C C   . LYS B 1 7  ? 11.569  -1.264  1.283   1.00 25.01 ? 7   LYS B C   1 
ATOM   813  O O   . LYS B 1 7  ? 10.900  -1.989  0.552   1.00 27.00 ? 7   LYS B O   1 
ATOM   814  C CB  . LYS B 1 7  ? 14.061  -1.128  0.967   1.00 31.87 ? 7   LYS B CB  1 
ATOM   815  C CG  . LYS B 1 7  ? 15.369  -0.929  1.729   1.00 37.53 ? 7   LYS B CG  1 
ATOM   816  C CD  . LYS B 1 7  ? 16.344  -2.090  1.515   1.00 43.69 ? 7   LYS B CD  1 
ATOM   817  C CE  . LYS B 1 7  ? 17.751  -1.763  2.042   1.00 45.66 ? 7   LYS B CE  1 
ATOM   818  N NZ  . LYS B 1 7  ? 17.929  -2.018  3.516   1.00 43.27 ? 7   LYS B NZ  1 
ATOM   819  N N   . ARG B 1 8  ? 11.151  -0.052  1.669   1.00 21.01 ? 8   ARG B N   1 
ATOM   820  C CA  . ARG B 1 8  ? 10.012  0.599   1.002   1.00 16.39 ? 8   ARG B CA  1 
ATOM   821  C C   . ARG B 1 8  ? 10.312  0.594   -0.486  1.00 16.24 ? 8   ARG B C   1 
ATOM   822  O O   . ARG B 1 8  ? 11.446  0.894   -0.880  1.00 17.91 ? 8   ARG B O   1 
ATOM   823  C CB  . ARG B 1 8  ? 9.823   2.061   1.438   1.00 11.65 ? 8   ARG B CB  1 
ATOM   824  C CG  . ARG B 1 8  ? 10.172  2.350   2.860   1.00 14.27 ? 8   ARG B CG  1 
ATOM   825  C CD  . ARG B 1 8  ? 8.982   2.784   3.649   1.00 11.39 ? 8   ARG B CD  1 
ATOM   826  N NE  . ARG B 1 8  ? 9.015   4.216   3.888   1.00 20.12 ? 8   ARG B NE  1 
ATOM   827  C CZ  . ARG B 1 8  ? 8.886   4.779   5.086   1.00 22.43 ? 8   ARG B CZ  1 
ATOM   828  N NH1 . ARG B 1 8  ? 8.801   4.030   6.182   1.00 16.93 ? 8   ARG B NH1 1 
ATOM   829  N NH2 . ARG B 1 8  ? 8.871   6.099   5.184   1.00 23.82 ? 8   ARG B NH2 1 
ATOM   830  N N   . PRO B 1 9  ? 9.353   0.150   -1.322  1.00 16.81 ? 9   PRO B N   1 
ATOM   831  C CA  . PRO B 1 9  ? 9.577   0.145   -2.775  1.00 15.83 ? 9   PRO B CA  1 
ATOM   832  C C   . PRO B 1 9  ? 9.482   1.566   -3.361  1.00 18.71 ? 9   PRO B C   1 
ATOM   833  O O   . PRO B 1 9  ? 8.408   1.999   -3.835  1.00 19.89 ? 9   PRO B O   1 
ATOM   834  C CB  . PRO B 1 9  ? 8.473   -0.768  -3.284  1.00 9.06  ? 9   PRO B CB  1 
ATOM   835  C CG  . PRO B 1 9  ? 7.355   -0.491  -2.349  1.00 8.14  ? 9   PRO B CG  1 
ATOM   836  C CD  . PRO B 1 9  ? 8.007   -0.360  -0.992  1.00 4.95  ? 9   PRO B CD  1 
ATOM   837  N N   . VAL B 1 10 ? 10.589  2.304   -3.305  1.00 17.87 ? 10  VAL B N   1 
ATOM   838  C CA  . VAL B 1 10 ? 10.589  3.678   -3.811  1.00 16.36 ? 10  VAL B CA  1 
ATOM   839  C C   . VAL B 1 10 ? 11.420  3.773   -5.096  1.00 18.11 ? 10  VAL B C   1 
ATOM   840  O O   . VAL B 1 10 ? 12.542  3.272   -5.138  1.00 24.22 ? 10  VAL B O   1 
ATOM   841  C CB  . VAL B 1 10 ? 11.106  4.657   -2.728  1.00 11.96 ? 10  VAL B CB  1 
ATOM   842  C CG1 . VAL B 1 10 ? 11.167  6.070   -3.267  1.00 15.69 ? 10  VAL B CG1 1 
ATOM   843  C CG2 . VAL B 1 10 ? 10.149  4.663   -1.564  1.00 7.08  ? 10  VAL B CG2 1 
ATOM   844  N N   . VAL B 1 11 ? 10.854  4.365   -6.153  1.00 17.18 ? 11  VAL B N   1 
ATOM   845  C CA  . VAL B 1 11 ? 11.566  4.510   -7.434  1.00 15.56 ? 11  VAL B CA  1 
ATOM   846  C C   . VAL B 1 11 ? 11.465  5.933   -8.006  1.00 16.96 ? 11  VAL B C   1 
ATOM   847  O O   . VAL B 1 11 ? 10.550  6.693   -7.657  1.00 16.37 ? 11  VAL B O   1 
ATOM   848  C CB  . VAL B 1 11 ? 11.053  3.488   -8.509  1.00 12.11 ? 11  VAL B CB  1 
ATOM   849  C CG1 . VAL B 1 11 ? 11.303  2.067   -8.056  1.00 11.60 ? 11  VAL B CG1 1 
ATOM   850  C CG2 . VAL B 1 11 ? 9.589   3.687   -8.783  1.00 9.85  ? 11  VAL B CG2 1 
ATOM   851  N N   . THR B 1 12 ? 12.409  6.309   -8.868  1.00 18.32 ? 12  THR B N   1 
ATOM   852  C CA  . THR B 1 12 ? 12.272  7.564   -9.610  1.00 19.14 ? 12  THR B CA  1 
ATOM   853  C C   . THR B 1 12 ? 11.382  7.340   -10.799 1.00 15.99 ? 12  THR B C   1 
ATOM   854  O O   . THR B 1 12 ? 11.735  6.589   -11.701 1.00 16.33 ? 12  THR B O   1 
ATOM   855  C CB  . THR B 1 12 ? 13.584  8.090   -10.158 1.00 11.32 ? 12  THR B CB  1 
ATOM   856  O OG1 . THR B 1 12 ? 14.615  7.145   -9.883  1.00 30.68 ? 12  THR B OG1 1 
ATOM   857  C CG2 . THR B 1 12 ? 13.927  9.415   -9.531  1.00 16.34 ? 12  THR B CG2 1 
ATOM   858  N N   . ALA B 1 13 ? 10.224  7.979   -10.775 1.00 11.35 ? 13  ALA B N   1 
ATOM   859  C CA  . ALA B 1 13 ? 9.378   8.049   -11.939 1.00 16.13 ? 13  ALA B CA  1 
ATOM   860  C C   . ALA B 1 13 ? 9.658   9.358   -12.678 1.00 20.79 ? 13  ALA B C   1 
ATOM   861  O O   . ALA B 1 13 ? 10.224  10.308  -12.113 1.00 18.99 ? 13  ALA B O   1 
ATOM   862  C CB  . ALA B 1 13 ? 7.938   7.980   -11.516 1.00 12.98 ? 13  ALA B CB  1 
ATOM   863  N N   . TYR B 1 14 ? 9.272   9.390   -13.949 1.00 23.20 ? 14  TYR B N   1 
ATOM   864  C CA  . TYR B 1 14 ? 9.294   10.611  -14.744 1.00 23.33 ? 14  TYR B CA  1 
ATOM   865  C C   . TYR B 1 14 ? 7.881   10.986  -15.147 1.00 22.90 ? 14  TYR B C   1 
ATOM   866  O O   . TYR B 1 14 ? 7.190   10.225  -15.814 1.00 24.05 ? 14  TYR B O   1 
ATOM   867  C CB  . TYR B 1 14 ? 10.143  10.401  -15.991 1.00 26.83 ? 14  TYR B CB  1 
ATOM   868  C CG  . TYR B 1 14 ? 11.596  10.161  -15.670 1.00 28.15 ? 14  TYR B CG  1 
ATOM   869  C CD1 . TYR B 1 14 ? 12.441  11.233  -15.380 1.00 29.43 ? 14  TYR B CD1 1 
ATOM   870  C CD2 . TYR B 1 14 ? 12.065  8.873   -15.449 1.00 27.03 ? 14  TYR B CD2 1 
ATOM   871  C CE1 . TYR B 1 14 ? 13.701  11.028  -14.842 1.00 32.38 ? 14  TYR B CE1 1 
ATOM   872  C CE2 . TYR B 1 14 ? 13.328  8.659   -14.916 1.00 29.15 ? 14  TYR B CE2 1 
ATOM   873  C CZ  . TYR B 1 14 ? 14.132  9.740   -14.602 1.00 29.35 ? 14  TYR B CZ  1 
ATOM   874  O OH  . TYR B 1 14 ? 15.344  9.554   -13.989 1.00 34.10 ? 14  TYR B OH  1 
ATOM   875  N N   . ILE B 1 15 ? 7.444   12.151  -14.717 1.00 21.34 ? 15  ILE B N   1 
ATOM   876  C CA  . ILE B 1 15 ? 6.128   12.632  -15.079 1.00 21.35 ? 15  ILE B CA  1 
ATOM   877  C C   . ILE B 1 15 ? 6.345   13.805  -16.039 1.00 24.09 ? 15  ILE B C   1 
ATOM   878  O O   . ILE B 1 15 ? 6.947   14.819  -15.676 1.00 28.82 ? 15  ILE B O   1 
ATOM   879  C CB  . ILE B 1 15 ? 5.364   13.050  -13.813 1.00 17.46 ? 15  ILE B CB  1 
ATOM   880  C CG1 . ILE B 1 15 ? 5.267   11.841  -12.874 1.00 12.88 ? 15  ILE B CG1 1 
ATOM   881  C CG2 . ILE B 1 15 ? 4.001   13.580  -14.163 1.00 13.95 ? 15  ILE B CG2 1 
ATOM   882  C CD1 . ILE B 1 15 ? 4.333   12.030  -11.707 1.00 10.09 ? 15  ILE B CD1 1 
ATOM   883  N N   . GLU B 1 16 ? 5.915   13.626  -17.286 1.00 23.39 ? 16  GLU B N   1 
ATOM   884  C CA  . GLU B 1 16 ? 6.281   14.513  -18.396 1.00 19.99 ? 16  GLU B CA  1 
ATOM   885  C C   . GLU B 1 16 ? 7.779   14.868  -18.402 1.00 16.77 ? 16  GLU B C   1 
ATOM   886  O O   . GLU B 1 16 ? 8.163   16.017  -18.642 1.00 9.20  ? 16  GLU B O   1 
ATOM   887  C CB  . GLU B 1 16 ? 5.422   15.774  -18.354 1.00 19.71 ? 16  GLU B CB  1 
ATOM   888  C CG  . GLU B 1 16 ? 3.916   15.463  -18.307 1.00 22.78 ? 16  GLU B CG  1 
ATOM   889  C CD  . GLU B 1 16 ? 3.321   14.990  -19.640 1.00 19.12 ? 16  GLU B CD  1 
ATOM   890  O OE1 . GLU B 1 16 ? 4.044   14.798  -20.630 1.00 20.16 ? 16  GLU B OE1 1 
ATOM   891  O OE2 . GLU B 1 16 ? 2.088   14.851  -19.707 1.00 27.92 ? 16  GLU B OE2 1 
ATOM   892  N N   . GLY B 1 17 ? 8.597   13.856  -18.117 1.00 12.03 ? 17  GLY B N   1 
ATOM   893  C CA  . GLY B 1 17 ? 10.036  13.991  -18.173 1.00 8.81  ? 17  GLY B CA  1 
ATOM   894  C C   . GLY B 1 17 ? 10.673  14.472  -16.880 1.00 10.92 ? 17  GLY B C   1 
ATOM   895  O O   . GLY B 1 17 ? 11.907  14.396  -16.759 1.00 10.31 ? 17  GLY B O   1 
ATOM   896  N N   . GLN B 1 18 ? 9.868   15.014  -15.956 1.00 10.00 ? 18  GLN B N   1 
ATOM   897  C CA  . GLN B 1 18 ? 10.351  15.494  -14.660 1.00 11.00 ? 18  GLN B CA  1 
ATOM   898  C C   . GLN B 1 18 ? 10.460  14.354  -13.636 1.00 17.82 ? 18  GLN B C   1 
ATOM   899  O O   . GLN B 1 18 ? 9.490   13.598  -13.418 1.00 16.96 ? 18  GLN B O   1 
ATOM   900  C CB  . GLN B 1 18 ? 9.415   16.573  -14.106 1.00 8.35  ? 18  GLN B CB  1 
ATOM   901  C CG  . GLN B 1 18 ? 9.993   17.230  -12.869 1.00 16.28 ? 18  GLN B CG  1 
ATOM   902  C CD  . GLN B 1 18 ? 9.077   18.257  -12.192 1.00 22.98 ? 18  GLN B CD  1 
ATOM   903  O OE1 . GLN B 1 18 ? 9.342   18.671  -11.058 1.00 21.85 ? 18  GLN B OE1 1 
ATOM   904  N NE2 . GLN B 1 18 ? 8.072   18.752  -12.916 1.00 18.23 ? 18  GLN B NE2 1 
ATOM   905  N N   . PRO B 1 19 ? 11.660  14.157  -13.050 1.00 20.84 ? 19  PRO B N   1 
ATOM   906  C CA  . PRO B 1 19 ? 11.861  13.065  -12.087 1.00 18.90 ? 19  PRO B CA  1 
ATOM   907  C C   . PRO B 1 19 ? 11.331  13.385  -10.675 1.00 19.58 ? 19  PRO B C   1 
ATOM   908  O O   . PRO B 1 19 ? 11.590  14.461  -10.120 1.00 19.62 ? 19  PRO B O   1 
ATOM   909  C CB  . PRO B 1 19 ? 13.377  12.852  -12.097 1.00 14.12 ? 19  PRO B CB  1 
ATOM   910  C CG  . PRO B 1 19 ? 13.956  13.946  -12.985 1.00 17.61 ? 19  PRO B CG  1 
ATOM   911  C CD  . PRO B 1 19 ? 12.886  14.960  -13.209 1.00 21.03 ? 19  PRO B CD  1 
ATOM   912  N N   . VAL B 1 20 ? 10.571  12.454  -10.106 1.00 20.91 ? 20  VAL B N   1 
ATOM   913  C CA  . VAL B 1 20 ? 10.198  12.521  -8.695  1.00 18.64 ? 20  VAL B CA  1 
ATOM   914  C C   . VAL B 1 20 ? 10.357  11.109  -8.122  1.00 18.46 ? 20  VAL B C   1 
ATOM   915  O O   . VAL B 1 20 ? 10.271  10.134  -8.859  1.00 23.46 ? 20  VAL B O   1 
ATOM   916  C CB  . VAL B 1 20 ? 8.722   13.021  -8.502  1.00 16.17 ? 20  VAL B CB  1 
ATOM   917  C CG1 . VAL B 1 20 ? 8.432   14.189  -9.408  1.00 16.58 ? 20  VAL B CG1 1 
ATOM   918  C CG2 . VAL B 1 20 ? 7.738   11.923  -8.812  1.00 24.07 ? 20  VAL B CG2 1 
ATOM   919  N N   . GLU B 1 21 ? 10.619  10.994  -6.825  1.00 23.56 ? 21  GLU B N   1 
ATOM   920  C CA  . GLU B 1 21 ? 10.624  9.691   -6.144  1.00 20.49 ? 21  GLU B CA  1 
ATOM   921  C C   . GLU B 1 21 ? 9.212   9.313   -5.762  1.00 16.51 ? 21  GLU B C   1 
ATOM   922  O O   . GLU B 1 21 ? 8.510   10.113  -5.142  1.00 16.04 ? 21  GLU B O   1 
ATOM   923  C CB  . GLU B 1 21 ? 11.453  9.764   -4.868  1.00 22.59 ? 21  GLU B CB  1 
ATOM   924  C CG  . GLU B 1 21 ? 12.532  8.721   -4.783  1.00 35.15 ? 21  GLU B CG  1 
ATOM   925  C CD  . GLU B 1 21 ? 13.925  9.316   -4.835  1.00 40.35 ? 21  GLU B CD  1 
ATOM   926  O OE1 . GLU B 1 21 ? 14.142  10.400  -4.249  1.00 42.50 ? 21  GLU B OE1 1 
ATOM   927  O OE2 . GLU B 1 21 ? 14.817  8.672   -5.423  1.00 45.89 ? 21  GLU B OE2 1 
ATOM   928  N N   . VAL B 1 22 ? 8.778   8.112   -6.114  1.00 11.79 ? 22  VAL B N   1 
ATOM   929  C CA  . VAL B 1 22 ? 7.450   7.670   -5.688  1.00 12.33 ? 22  VAL B CA  1 
ATOM   930  C C   . VAL B 1 22 ? 7.436   6.304   -4.988  1.00 11.19 ? 22  VAL B C   1 
ATOM   931  O O   . VAL B 1 22 ? 8.325   5.470   -5.191  1.00 10.83 ? 22  VAL B O   1 
ATOM   932  C CB  . VAL B 1 22 ? 6.459   7.649   -6.857  1.00 15.52 ? 22  VAL B CB  1 
ATOM   933  C CG1 . VAL B 1 22 ? 6.186   9.087   -7.338  1.00 18.77 ? 22  VAL B CG1 1 
ATOM   934  C CG2 . VAL B 1 22 ? 7.002   6.782   -7.985  1.00 19.34 ? 22  VAL B CG2 1 
ATOM   935  N N   . LEU B 1 23 ? 6.440   6.107   -4.131  1.00 9.30  ? 23  LEU B N   1 
ATOM   936  C CA  . LEU B 1 23 ? 6.238   4.855   -3.426  1.00 12.63 ? 23  LEU B CA  1 
ATOM   937  C C   . LEU B 1 23 ? 5.234   4.004   -4.210  1.00 16.57 ? 23  LEU B C   1 
ATOM   938  O O   . LEU B 1 23 ? 4.089   4.433   -4.451  1.00 14.59 ? 23  LEU B O   1 
ATOM   939  C CB  . LEU B 1 23 ? 5.720   5.152   -2.011  1.00 11.01 ? 23  LEU B CB  1 
ATOM   940  C CG  . LEU B 1 23 ? 5.217   4.012   -1.103  1.00 14.39 ? 23  LEU B CG  1 
ATOM   941  C CD1 . LEU B 1 23 ? 6.354   3.117   -0.561  1.00 4.35  ? 23  LEU B CD1 1 
ATOM   942  C CD2 . LEU B 1 23 ? 4.444   4.657   0.045   1.00 10.57 ? 23  LEU B CD2 1 
ATOM   943  N N   . LEU B 1 24 ? 5.674   2.830   -4.654  1.00 15.87 ? 24  LEU B N   1 
ATOM   944  C CA  . LEU B 1 24 ? 4.762   1.848   -5.252  1.00 16.28 ? 24  LEU B CA  1 
ATOM   945  C C   . LEU B 1 24 ? 3.869   1.216   -4.169  1.00 18.12 ? 24  LEU B C   1 
ATOM   946  O O   . LEU B 1 24 ? 4.316   0.343   -3.411  1.00 16.52 ? 24  LEU B O   1 
ATOM   947  C CB  . LEU B 1 24 ? 5.559   0.764   -5.999  1.00 11.57 ? 24  LEU B CB  1 
ATOM   948  C CG  . LEU B 1 24 ? 6.624   1.328   -6.975  1.00 12.39 ? 24  LEU B CG  1 
ATOM   949  C CD1 . LEU B 1 24 ? 7.465   0.211   -7.568  1.00 6.81  ? 24  LEU B CD1 1 
ATOM   950  C CD2 . LEU B 1 24 ? 5.959   2.146   -8.073  1.00 4.54  ? 24  LEU B CD2 1 
ATOM   951  N N   . ASP B 1 25 ? 2.607   1.657   -4.142  1.00 13.58 ? 25  ASP B N   1 
ATOM   952  C CA  . ASP B 1 25 ? 1.662   1.352   -3.074  1.00 16.89 ? 25  ASP B CA  1 
ATOM   953  C C   . ASP B 1 25 ? 0.451   0.555   -3.560  1.00 16.84 ? 25  ASP B C   1 
ATOM   954  O O   . ASP B 1 25 ? -0.584  1.150   -3.890  1.00 14.66 ? 25  ASP B O   1 
ATOM   955  C CB  . ASP B 1 25 ? 1.158   2.658   -2.419  1.00 14.26 ? 25  ASP B CB  1 
ATOM   956  C CG  . ASP B 1 25 ? 0.341   2.409   -1.142  1.00 21.60 ? 25  ASP B CG  1 
ATOM   957  O OD1 . ASP B 1 25 ? 0.258   1.257   -0.651  1.00 24.71 ? 25  ASP B OD1 1 
ATOM   958  O OD2 . ASP B 1 25 ? -0.223  3.380   -0.606  1.00 24.66 ? 25  ASP B OD2 1 
ATOM   959  N N   . THR B 1 26 ? 0.560   -0.779  -3.543  1.00 16.50 ? 26  THR B N   1 
ATOM   960  C CA  . THR B 1 26 ? -0.565  -1.663  -3.893  1.00 14.15 ? 26  THR B CA  1 
ATOM   961  C C   . THR B 1 26 ? -1.744  -1.480  -2.947  1.00 17.63 ? 26  THR B C   1 
ATOM   962  O O   . THR B 1 26 ? -2.860  -1.942  -3.228  1.00 19.88 ? 26  THR B O   1 
ATOM   963  C CB  . THR B 1 26 ? -0.196  -3.152  -3.832  1.00 7.89  ? 26  THR B CB  1 
ATOM   964  O OG1 . THR B 1 26 ? -0.086  -3.555  -2.468  1.00 9.15  ? 26  THR B OG1 1 
ATOM   965  C CG2 . THR B 1 26 ? 1.102   -3.424  -4.565  1.00 13.86 ? 26  THR B CG2 1 
ATOM   966  N N   . GLY B 1 27 ? -1.487  -0.840  -1.813  1.00 16.80 ? 27  GLY B N   1 
ATOM   967  C CA  . GLY B 1 27 ? -2.559  -0.493  -0.904  1.00 13.91 ? 27  GLY B CA  1 
ATOM   968  C C   . GLY B 1 27 ? -3.389  0.697   -1.346  1.00 17.71 ? 27  GLY B C   1 
ATOM   969  O O   . GLY B 1 27 ? -4.423  0.986   -0.733  1.00 26.24 ? 27  GLY B O   1 
ATOM   970  N N   . ALA B 1 28 ? -2.965  1.391   -2.401  1.00 14.81 ? 28  ALA B N   1 
ATOM   971  C CA  . ALA B 1 28 ? -3.654  2.600   -2.833  1.00 10.17 ? 28  ALA B CA  1 
ATOM   972  C C   . ALA B 1 28 ? -4.394  2.407   -4.147  1.00 7.76  ? 28  ALA B C   1 
ATOM   973  O O   . ALA B 1 28 ? -3.859  1.848   -5.096  1.00 7.74  ? 28  ALA B O   1 
ATOM   974  C CB  . ALA B 1 28 ? -2.665  3.724   -2.968  1.00 11.33 ? 28  ALA B CB  1 
ATOM   975  N N   . ASP B 1 29 ? -5.633  2.881   -4.186  1.00 11.23 ? 29  ASP B N   1 
ATOM   976  C CA  . ASP B 1 29 ? -6.449  2.907   -5.399  1.00 17.12 ? 29  ASP B CA  1 
ATOM   977  C C   . ASP B 1 29 ? -5.903  3.916   -6.412  1.00 20.30 ? 29  ASP B C   1 
ATOM   978  O O   . ASP B 1 29 ? -5.675  3.591   -7.577  1.00 21.85 ? 29  ASP B O   1 
ATOM   979  C CB  . ASP B 1 29 ? -7.891  3.293   -5.058  1.00 15.64 ? 29  ASP B CB  1 
ATOM   980  C CG  . ASP B 1 29 ? -8.632  2.215   -4.282  1.00 19.82 ? 29  ASP B CG  1 
ATOM   981  O OD1 . ASP B 1 29 ? -8.284  1.026   -4.413  1.00 18.89 ? 29  ASP B OD1 1 
ATOM   982  O OD2 . ASP B 1 29 ? -9.581  2.564   -3.542  1.00 19.86 ? 29  ASP B OD2 1 
ATOM   983  N N   . ASP B 1 30 ? -5.694  5.141   -5.956  1.00 24.52 ? 30  ASP B N   1 
ATOM   984  C CA  . ASP B 1 30 ? -5.344  6.235   -6.839  1.00 25.81 ? 30  ASP B CA  1 
ATOM   985  C C   . ASP B 1 30 ? -3.879  6.628   -6.641  1.00 24.66 ? 30  ASP B C   1 
ATOM   986  O O   . ASP B 1 30 ? -3.186  5.993   -5.841  1.00 18.92 ? 30  ASP B O   1 
ATOM   987  C CB  . ASP B 1 30 ? -6.282  7.419   -6.567  1.00 31.45 ? 30  ASP B CB  1 
ATOM   988  C CG  . ASP B 1 30 ? -7.758  7.086   -6.849  1.00 37.68 ? 30  ASP B CG  1 
ATOM   989  O OD1 . ASP B 1 30 ? -8.014  6.177   -7.677  1.00 36.70 ? 30  ASP B OD1 1 
ATOM   990  O OD2 . ASP B 1 30 ? -8.655  7.733   -6.236  1.00 39.39 ? 30  ASP B OD2 1 
ATOM   991  N N   . SER B 1 31 ? -3.423  7.655   -7.376  1.00 23.87 ? 31  SER B N   1 
ATOM   992  C CA  . SER B 1 31 ? -2.055  8.190   -7.288  1.00 18.28 ? 31  SER B CA  1 
ATOM   993  C C   . SER B 1 31 ? -2.007  9.704   -7.124  1.00 22.41 ? 31  SER B C   1 
ATOM   994  O O   . SER B 1 31 ? -2.789  10.439  -7.741  1.00 20.56 ? 31  SER B O   1 
ATOM   995  C CB  . SER B 1 31 ? -1.277  7.840   -8.534  1.00 17.02 ? 31  SER B CB  1 
ATOM   996  O OG  . SER B 1 31 ? -1.506  6.497   -8.906  1.00 17.62 ? 31  SER B OG  1 
ATOM   997  N N   . ILE B 1 32 ? -1.071  10.172  -6.306  1.00 23.40 ? 32  ILE B N   1 
ATOM   998  C CA  . ILE B 1 32 ? -0.979  11.589  -5.960  1.00 22.68 ? 32  ILE B CA  1 
ATOM   999  C C   . ILE B 1 32 ? 0.483   11.978  -5.753  1.00 22.03 ? 32  ILE B C   1 
ATOM   1000 O O   . ILE B 1 32 ? 1.210   11.311  -5.024  1.00 24.07 ? 32  ILE B O   1 
ATOM   1001 C CB  . ILE B 1 32 ? -1.816  11.920  -4.681  1.00 21.70 ? 32  ILE B CB  1 
ATOM   1002 C CG1 . ILE B 1 32 ? -1.476  13.322  -4.176  1.00 25.63 ? 32  ILE B CG1 1 
ATOM   1003 C CG2 . ILE B 1 32 ? -1.532  10.924  -3.575  1.00 25.26 ? 32  ILE B CG2 1 
ATOM   1004 C CD1 . ILE B 1 32 ? -2.541  13.930  -3.304  1.00 21.63 ? 32  ILE B CD1 1 
ATOM   1005 N N   . VAL B 1 33 ? 0.923   13.035  -6.422  1.00 20.78 ? 33  VAL B N   1 
ATOM   1006 C CA  . VAL B 1 33 ? 2.276   13.556  -6.230  1.00 17.71 ? 33  VAL B CA  1 
ATOM   1007 C C   . VAL B 1 33 ? 2.204   15.045  -5.888  1.00 22.28 ? 33  VAL B C   1 
ATOM   1008 O O   . VAL B 1 33 ? 1.286   15.742  -6.344  1.00 24.76 ? 33  VAL B O   1 
ATOM   1009 C CB  . VAL B 1 33 ? 3.140   13.351  -7.500  1.00 14.76 ? 33  VAL B CB  1 
ATOM   1010 C CG1 . VAL B 1 33 ? 3.228   11.901  -7.833  1.00 14.72 ? 33  VAL B CG1 1 
ATOM   1011 C CG2 . VAL B 1 33 ? 2.548   14.091  -8.660  1.00 23.83 ? 33  VAL B CG2 1 
ATOM   1012 N N   . ALA B 1 34 ? 3.140   15.525  -5.071  1.00 21.49 ? 34  ALA B N   1 
ATOM   1013 C CA  . ALA B 1 34 ? 3.269   16.964  -4.800  1.00 21.30 ? 34  ALA B CA  1 
ATOM   1014 C C   . ALA B 1 34 ? 4.426   17.551  -5.603  1.00 25.37 ? 34  ALA B C   1 
ATOM   1015 O O   . ALA B 1 34 ? 5.270   16.817  -6.116  1.00 24.54 ? 34  ALA B O   1 
ATOM   1016 C CB  . ALA B 1 34 ? 3.497   17.205  -3.324  1.00 16.42 ? 34  ALA B CB  1 
ATOM   1017 N N   . GLY B 1 35 ? 4.465   18.875  -5.722  1.00 27.95 ? 35  GLY B N   1 
ATOM   1018 C CA  . GLY B 1 35 ? 5.611   19.520  -6.351  1.00 29.14 ? 35  GLY B CA  1 
ATOM   1019 C C   . GLY B 1 35 ? 5.661   19.525  -7.876  1.00 33.19 ? 35  GLY B C   1 
ATOM   1020 O O   . GLY B 1 35 ? 6.574   20.103  -8.469  1.00 36.81 ? 35  GLY B O   1 
ATOM   1021 N N   . ILE B 1 36 ? 4.716   18.849  -8.518  1.00 33.16 ? 36  ILE B N   1 
ATOM   1022 C CA  . ILE B 1 36 ? 4.630   18.839  -9.974  1.00 30.64 ? 36  ILE B CA  1 
ATOM   1023 C C   . ILE B 1 36 ? 3.615   19.911  -10.358 1.00 33.15 ? 36  ILE B C   1 
ATOM   1024 O O   . ILE B 1 36 ? 2.602   20.092  -9.688  1.00 37.54 ? 36  ILE B O   1 
ATOM   1025 C CB  . ILE B 1 36 ? 4.154   17.460  -10.491 1.00 31.77 ? 36  ILE B CB  1 
ATOM   1026 C CG1 . ILE B 1 36 ? 5.118   16.364  -10.051 1.00 35.18 ? 36  ILE B CG1 1 
ATOM   1027 C CG2 . ILE B 1 36 ? 4.078   17.434  -12.004 1.00 33.45 ? 36  ILE B CG2 1 
ATOM   1028 C CD1 . ILE B 1 36 ? 6.505   16.494  -10.608 1.00 33.23 ? 36  ILE B CD1 1 
ATOM   1029 N N   . GLU B 1 37 ? 3.912   20.628  -11.433 1.00 36.15 ? 37  GLU B N   1 
ATOM   1030 C CA  . GLU B 1 37 ? 3.019   21.645  -11.953 1.00 35.83 ? 37  GLU B CA  1 
ATOM   1031 C C   . GLU B 1 37 ? 2.573   21.237  -13.335 1.00 35.24 ? 37  GLU B C   1 
ATOM   1032 O O   . GLU B 1 37 ? 3.302   21.427  -14.291 1.00 39.64 ? 37  GLU B O   1 
ATOM   1033 C CB  . GLU B 1 37 ? 3.749   22.980  -12.029 1.00 40.26 ? 37  GLU B CB  1 
ATOM   1034 C CG  . GLU B 1 37 ? 3.429   23.903  -10.909 1.00 47.55 ? 37  GLU B CG  1 
ATOM   1035 C CD  . GLU B 1 37 ? 2.133   24.655  -11.144 1.00 55.12 ? 37  GLU B CD  1 
ATOM   1036 O OE1 . GLU B 1 37 ? 1.357   24.249  -12.046 1.00 57.85 ? 37  GLU B OE1 1 
ATOM   1037 O OE2 . GLU B 1 37 ? 1.886   25.661  -10.435 1.00 61.47 ? 37  GLU B OE2 1 
ATOM   1038 N N   . LEU B 1 38 ? 1.391   20.649  -13.437 1.00 35.95 ? 38  LEU B N   1 
ATOM   1039 C CA  . LEU B 1 38 ? 0.978   19.965  -14.665 1.00 34.78 ? 38  LEU B CA  1 
ATOM   1040 C C   . LEU B 1 38 ? 0.051   20.766  -15.595 1.00 38.48 ? 38  LEU B C   1 
ATOM   1041 O O   . LEU B 1 38 ? -0.166  20.386  -16.746 1.00 44.00 ? 38  LEU B O   1 
ATOM   1042 C CB  . LEU B 1 38 ? 0.341   18.603  -14.339 1.00 31.59 ? 38  LEU B CB  1 
ATOM   1043 C CG  . LEU B 1 38 ? 1.271   17.378  -14.213 1.00 29.14 ? 38  LEU B CG  1 
ATOM   1044 C CD1 . LEU B 1 38 ? 0.462   16.126  -13.875 1.00 27.23 ? 38  LEU B CD1 1 
ATOM   1045 C CD2 . LEU B 1 38 ? 2.033   17.175  -15.498 1.00 29.32 ? 38  LEU B CD2 1 
ATOM   1046 N N   . GLY B 1 39 ? -0.498  21.869  -15.109 1.00 33.14 ? 39  GLY B N   1 
ATOM   1047 C CA  . GLY B 1 39 ? -1.302  22.667  -16.013 1.00 34.21 ? 39  GLY B CA  1 
ATOM   1048 C C   . GLY B 1 39 ? -2.737  22.946  -15.592 1.00 36.08 ? 39  GLY B C   1 
ATOM   1049 O O   . GLY B 1 39 ? -3.125  22.682  -14.441 1.00 31.84 ? 39  GLY B O   1 
ATOM   1050 N N   . ASN B 1 40 ? -3.543  23.455  -16.521 1.00 42.05 ? 40  ASN B N   1 
ATOM   1051 C CA  . ASN B 1 40 ? -4.865  23.961  -16.172 1.00 43.94 ? 40  ASN B CA  1 
ATOM   1052 C C   . ASN B 1 40 ? -6.040  23.172  -16.693 1.00 43.83 ? 40  ASN B C   1 
ATOM   1053 O O   . ASN B 1 40 ? -7.181  23.530  -16.429 1.00 44.42 ? 40  ASN B O   1 
ATOM   1054 C CB  . ASN B 1 40 ? -5.003  25.421  -16.584 1.00 45.14 ? 40  ASN B CB  1 
ATOM   1055 C CG  . ASN B 1 40 ? -4.703  26.352  -15.447 1.00 55.75 ? 40  ASN B CG  1 
ATOM   1056 O OD1 . ASN B 1 40 ? -3.557  26.438  -14.991 1.00 57.40 ? 40  ASN B OD1 1 
ATOM   1057 N ND2 . ASN B 1 40 ? -5.755  26.900  -14.845 1.00 63.03 ? 40  ASN B ND2 1 
ATOM   1058 N N   . ASN B 1 41 ? -5.769  22.099  -17.431 1.00 45.89 ? 41  ASN B N   1 
ATOM   1059 C CA  . ASN B 1 41 ? -6.823  21.174  -17.795 1.00 46.07 ? 41  ASN B CA  1 
ATOM   1060 C C   . ASN B 1 41 ? -6.890  20.047  -16.762 1.00 43.75 ? 41  ASN B C   1 
ATOM   1061 O O   . ASN B 1 41 ? -6.255  19.011  -16.922 1.00 41.06 ? 41  ASN B O   1 
ATOM   1062 C CB  . ASN B 1 41 ? -6.606  20.602  -19.202 1.00 49.53 ? 41  ASN B CB  1 
ATOM   1063 C CG  . ASN B 1 41 ? -7.809  19.794  -19.708 1.00 53.13 ? 41  ASN B CG  1 
ATOM   1064 O OD1 . ASN B 1 41 ? -7.672  18.966  -20.624 1.00 50.76 ? 41  ASN B OD1 1 
ATOM   1065 N ND2 . ASN B 1 41 ? -8.989  20.058  -19.153 1.00 51.67 ? 41  ASN B ND2 1 
ATOM   1066 N N   . TYR B 1 42 ? -7.659  20.288  -15.702 1.00 43.12 ? 42  TYR B N   1 
ATOM   1067 C CA  . TYR B 1 42 ? -7.819  19.368  -14.582 1.00 41.13 ? 42  TYR B CA  1 
ATOM   1068 C C   . TYR B 1 42 ? -9.210  19.537  -14.001 1.00 41.09 ? 42  TYR B C   1 
ATOM   1069 O O   . TYR B 1 42 ? -9.850  20.558  -14.234 1.00 43.05 ? 42  TYR B O   1 
ATOM   1070 C CB  . TYR B 1 42 ? -6.800  19.680  -13.491 1.00 40.90 ? 42  TYR B CB  1 
ATOM   1071 C CG  . TYR B 1 42 ? -6.925  21.066  -12.884 1.00 42.95 ? 42  TYR B CG  1 
ATOM   1072 C CD1 . TYR B 1 42 ? -7.786  21.307  -11.812 1.00 43.75 ? 42  TYR B CD1 1 
ATOM   1073 C CD2 . TYR B 1 42 ? -6.089  22.106  -13.298 1.00 44.61 ? 42  TYR B CD2 1 
ATOM   1074 C CE1 . TYR B 1 42 ? -7.798  22.540  -11.155 1.00 43.28 ? 42  TYR B CE1 1 
ATOM   1075 C CE2 . TYR B 1 42 ? -6.091  23.342  -12.643 1.00 41.86 ? 42  TYR B CE2 1 
ATOM   1076 C CZ  . TYR B 1 42 ? -6.941  23.548  -11.565 1.00 42.49 ? 42  TYR B CZ  1 
ATOM   1077 O OH  . TYR B 1 42 ? -6.870  24.717  -10.836 1.00 39.10 ? 42  TYR B OH  1 
ATOM   1078 N N   . SER B 1 43 ? -9.668  18.563  -13.221 1.00 42.54 ? 43  SER B N   1 
ATOM   1079 C CA  . SER B 1 43 ? -10.851 18.777  -12.391 1.00 40.11 ? 43  SER B CA  1 
ATOM   1080 C C   . SER B 1 43 ? -10.513 18.657  -10.913 1.00 37.17 ? 43  SER B C   1 
ATOM   1081 O O   . SER B 1 43 ? -9.639  17.878  -10.525 1.00 33.25 ? 43  SER B O   1 
ATOM   1082 C CB  . SER B 1 43 ? -11.965 17.796  -12.756 1.00 45.43 ? 43  SER B CB  1 
ATOM   1083 O OG  . SER B 1 43 ? -11.505 16.459  -12.725 1.00 52.85 ? 43  SER B OG  1 
ATOM   1084 N N   . PRO B 1 44 ? -11.107 19.529  -10.090 1.00 39.33 ? 44  PRO B N   1 
ATOM   1085 C CA  . PRO B 1 44 ? -10.840 19.538  -8.649  1.00 39.83 ? 44  PRO B CA  1 
ATOM   1086 C C   . PRO B 1 44 ? -11.413 18.301  -7.963  1.00 39.40 ? 44  PRO B C   1 
ATOM   1087 O O   . PRO B 1 44 ? -12.550 17.897  -8.223  1.00 36.87 ? 44  PRO B O   1 
ATOM   1088 C CB  . PRO B 1 44 ? -11.521 20.819  -8.176  1.00 40.92 ? 44  PRO B CB  1 
ATOM   1089 C CG  . PRO B 1 44 ? -12.674 20.966  -9.109  1.00 39.37 ? 44  PRO B CG  1 
ATOM   1090 C CD  . PRO B 1 44 ? -12.171 20.487  -10.448 1.00 39.75 ? 44  PRO B CD  1 
ATOM   1091 N N   . LYS B 1 45 ? -10.600 17.691  -7.112  1.00 42.49 ? 45  LYS B N   1 
ATOM   1092 C CA  . LYS B 1 45 ? -11.035 16.571  -6.294  1.00 44.06 ? 45  LYS B CA  1 
ATOM   1093 C C   . LYS B 1 45 ? -10.622 16.838  -4.859  1.00 41.38 ? 45  LYS B C   1 
ATOM   1094 O O   . LYS B 1 45 ? -9.788  17.703  -4.593  1.00 40.37 ? 45  LYS B O   1 
ATOM   1095 C CB  . LYS B 1 45 ? -10.399 15.269  -6.777  1.00 45.92 ? 45  LYS B CB  1 
ATOM   1096 C CG  . LYS B 1 45 ? -11.189 14.577  -7.861  1.00 51.52 ? 45  LYS B CG  1 
ATOM   1097 C CD  . LYS B 1 45 ? -10.570 13.238  -8.204  1.00 59.53 ? 45  LYS B CD  1 
ATOM   1098 C CE  . LYS B 1 45 ? -10.685 12.242  -7.060  1.00 60.88 ? 45  LYS B CE  1 
ATOM   1099 N NZ  . LYS B 1 45 ? -10.422 10.844  -7.532  1.00 62.45 ? 45  LYS B NZ  1 
ATOM   1100 N N   . ILE B 1 46 ? -11.222 16.113  -3.930  1.00 39.01 ? 46  ILE B N   1 
ATOM   1101 C CA  . ILE B 1 46 ? -10.714 16.123  -2.582  1.00 44.77 ? 46  ILE B CA  1 
ATOM   1102 C C   . ILE B 1 46 ? -10.606 14.693  -2.060  1.00 46.74 ? 46  ILE B C   1 
ATOM   1103 O O   . ILE B 1 46 ? -11.537 13.885  -2.177  1.00 47.69 ? 46  ILE B O   1 
ATOM   1104 C CB  . ILE B 1 46 ? -11.533 17.104  -1.643  1.00 46.83 ? 46  ILE B CB  1 
ATOM   1105 C CG1 . ILE B 1 46 ? -12.228 16.366  -0.500  1.00 46.46 ? 46  ILE B CG1 1 
ATOM   1106 C CG2 . ILE B 1 46 ? -12.526 17.937  -2.459  1.00 44.55 ? 46  ILE B CG2 1 
ATOM   1107 C CD1 . ILE B 1 46 ? -12.815 17.305  0.539   1.00 48.95 ? 46  ILE B CD1 1 
ATOM   1108 N N   . VAL B 1 47 ? -9.412  14.376  -1.570  1.00 50.10 ? 47  VAL B N   1 
ATOM   1109 C CA  . VAL B 1 47 ? -9.039  13.028  -1.179  1.00 52.30 ? 47  VAL B CA  1 
ATOM   1110 C C   . VAL B 1 47 ? -8.766  13.021  0.319   1.00 58.59 ? 47  VAL B C   1 
ATOM   1111 O O   . VAL B 1 47 ? -8.155  13.952  0.858   1.00 58.85 ? 47  VAL B O   1 
ATOM   1112 C CB  . VAL B 1 47 ? -7.773  12.553  -1.952  1.00 47.52 ? 47  VAL B CB  1 
ATOM   1113 C CG1 . VAL B 1 47 ? -6.563  13.362  -1.555  1.00 41.92 ? 47  VAL B CG1 1 
ATOM   1114 C CG2 . VAL B 1 47 ? -7.524  11.083  -1.700  1.00 48.30 ? 47  VAL B CG2 1 
ATOM   1115 N N   . GLY B 1 48 ? -9.244  11.981  0.989   1.00 65.30 ? 48  GLY B N   1 
ATOM   1116 C CA  . GLY B 1 48 ? -9.055  11.875  2.426   1.00 72.86 ? 48  GLY B CA  1 
ATOM   1117 C C   . GLY B 1 48 ? -7.693  11.343  2.860   1.00 76.71 ? 48  GLY B C   1 
ATOM   1118 O O   . GLY B 1 48 ? -7.304  10.212  2.518   1.00 74.97 ? 48  GLY B O   1 
ATOM   1119 N N   . GLY B 1 49 ? -6.963  12.174  3.598   1.00 79.25 ? 49  GLY B N   1 
ATOM   1120 C CA  . GLY B 1 49 ? -5.765  11.717  4.277   1.00 80.76 ? 49  GLY B CA  1 
ATOM   1121 C C   . GLY B 1 49 ? -5.998  11.500  5.762   1.00 79.93 ? 49  GLY B C   1 
ATOM   1122 O O   . GLY B 1 49 ? -6.999  11.961  6.328   1.00 79.38 ? 49  GLY B O   1 
ATOM   1123 N N   . ILE B 1 50 ? -5.100  10.741  6.383   1.00 79.89 ? 50  ILE B N   1 
ATOM   1124 C CA  . ILE B 1 50 ? -5.074  10.584  7.837   1.00 79.43 ? 50  ILE B CA  1 
ATOM   1125 C C   . ILE B 1 50 ? -5.077  11.957  8.541   1.00 79.99 ? 50  ILE B C   1 
ATOM   1126 O O   . ILE B 1 50 ? -4.080  12.687  8.541   1.00 81.09 ? 50  ILE B O   1 
ATOM   1127 C CB  . ILE B 1 50 ? -3.846  9.691   8.297   1.00 79.00 ? 50  ILE B CB  1 
ATOM   1128 C CG1 . ILE B 1 50 ? -3.471  9.984   9.758   1.00 79.89 ? 50  ILE B CG1 1 
ATOM   1129 C CG2 . ILE B 1 50 ? -2.645  9.889   7.363   1.00 77.91 ? 50  ILE B CG2 1 
ATOM   1130 C CD1 . ILE B 1 50 ? -2.248  9.222   10.273  1.00 78.34 ? 50  ILE B CD1 1 
ATOM   1131 N N   . GLY B 1 51 ? -6.224  12.307  9.114   1.00 80.47 ? 51  GLY B N   1 
ATOM   1132 C CA  . GLY B 1 51 ? -6.346  13.575  9.813   1.00 81.09 ? 51  GLY B CA  1 
ATOM   1133 C C   . GLY B 1 51 ? -6.941  14.699  8.977   1.00 82.35 ? 51  GLY B C   1 
ATOM   1134 O O   . GLY B 1 51 ? -6.858  15.869  9.378   1.00 82.22 ? 51  GLY B O   1 
ATOM   1135 N N   . GLY B 1 52 ? -7.553  14.357  7.838   1.00 82.03 ? 52  GLY B N   1 
ATOM   1136 C CA  . GLY B 1 52 ? -8.288  15.346  7.062   1.00 77.60 ? 52  GLY B CA  1 
ATOM   1137 C C   . GLY B 1 52 ? -8.206  15.204  5.550   1.00 73.90 ? 52  GLY B C   1 
ATOM   1138 O O   . GLY B 1 52 ? -7.377  14.457  5.024   1.00 70.88 ? 52  GLY B O   1 
ATOM   1139 N N   . PHE B 1 53 ? -9.115  15.896  4.858   1.00 70.65 ? 53  PHE B N   1 
ATOM   1140 C CA  . PHE B 1 53 ? -9.107  15.975  3.394   1.00 66.92 ? 53  PHE B CA  1 
ATOM   1141 C C   . PHE B 1 53 ? -7.926  16.807  2.961   1.00 63.79 ? 53  PHE B C   1 
ATOM   1142 O O   . PHE B 1 53 ? -7.455  17.669  3.706   1.00 63.66 ? 53  PHE B O   1 
ATOM   1143 C CB  . PHE B 1 53 ? -10.356 16.682  2.841   1.00 69.02 ? 53  PHE B CB  1 
ATOM   1144 C CG  . PHE B 1 53 ? -11.618 16.394  3.593   1.00 74.24 ? 53  PHE B CG  1 
ATOM   1145 C CD1 . PHE B 1 53 ? -12.218 15.137  3.522   1.00 76.18 ? 53  PHE B CD1 1 
ATOM   1146 C CD2 . PHE B 1 53 ? -12.212 17.381  4.378   1.00 74.87 ? 53  PHE B CD2 1 
ATOM   1147 C CE1 . PHE B 1 53 ? -13.393 14.866  4.225   1.00 78.04 ? 53  PHE B CE1 1 
ATOM   1148 C CE2 . PHE B 1 53 ? -13.382 17.120  5.088   1.00 76.12 ? 53  PHE B CE2 1 
ATOM   1149 C CZ  . PHE B 1 53 ? -13.971 15.860  5.012   1.00 75.84 ? 53  PHE B CZ  1 
ATOM   1150 N N   . ILE B 1 54 ? -7.477  16.575  1.737   1.00 59.87 ? 54  ILE B N   1 
ATOM   1151 C CA  . ILE B 1 54 ? -6.733  17.593  1.013   1.00 56.25 ? 54  ILE B CA  1 
ATOM   1152 C C   . ILE B 1 54 ? -7.423  17.806  -0.317  1.00 53.12 ? 54  ILE B C   1 
ATOM   1153 O O   . ILE B 1 54 ? -8.031  16.892  -0.869  1.00 51.68 ? 54  ILE B O   1 
ATOM   1154 C CB  . ILE B 1 54 ? -5.263  17.188  0.756   1.00 58.45 ? 54  ILE B CB  1 
ATOM   1155 C CG1 . ILE B 1 54 ? -5.167  15.688  0.465   1.00 59.04 ? 54  ILE B CG1 1 
ATOM   1156 C CG2 . ILE B 1 54 ? -4.393  17.601  1.938   1.00 54.07 ? 54  ILE B CG2 1 
ATOM   1157 C CD1 . ILE B 1 54 ? -3.783  15.237  0.074   1.00 64.41 ? 54  ILE B CD1 1 
ATOM   1158 N N   . ASN B 1 55 ? -7.338  19.024  -0.822  1.00 50.96 ? 55  ASN B N   1 
ATOM   1159 C CA  . ASN B 1 55 ? -7.858  19.344  -2.140  1.00 47.78 ? 55  ASN B CA  1 
ATOM   1160 C C   . ASN B 1 55 ? -6.804  19.023  -3.203  1.00 42.89 ? 55  ASN B C   1 
ATOM   1161 O O   . ASN B 1 55 ? -5.621  19.335  -3.032  1.00 42.65 ? 55  ASN B O   1 
ATOM   1162 C CB  . ASN B 1 55 ? -8.221  20.824  -2.192  1.00 52.51 ? 55  ASN B CB  1 
ATOM   1163 C CG  . ASN B 1 55 ? -9.478  21.076  -2.979  1.00 58.01 ? 55  ASN B CG  1 
ATOM   1164 O OD1 . ASN B 1 55 ? -9.754  20.405  -3.980  1.00 58.99 ? 55  ASN B OD1 1 
ATOM   1165 N ND2 . ASN B 1 55 ? -10.274 22.027  -2.515  1.00 63.56 ? 55  ASN B ND2 1 
ATOM   1166 N N   . THR B 1 56 ? -7.223  18.393  -4.292  1.00 35.28 ? 56  THR B N   1 
ATOM   1167 C CA  . THR B 1 56 ? -6.280  17.968  -5.315  1.00 33.90 ? 56  THR B CA  1 
ATOM   1168 C C   . THR B 1 56 ? -6.750  18.408  -6.684  1.00 30.59 ? 56  THR B C   1 
ATOM   1169 O O   . THR B 1 56 ? -7.893  18.822  -6.843  1.00 29.57 ? 56  THR B O   1 
ATOM   1170 C CB  . THR B 1 56 ? -6.121  16.444  -5.339  1.00 32.88 ? 56  THR B CB  1 
ATOM   1171 O OG1 . THR B 1 56 ? -7.414  15.849  -5.466  1.00 31.49 ? 56  THR B OG1 1 
ATOM   1172 C CG2 . THR B 1 56 ? -5.425  15.951  -4.071  1.00 28.15 ? 56  THR B CG2 1 
ATOM   1173 N N   . LYS B 1 57 ? -5.856  18.316  -7.666  1.00 26.68 ? 57  LYS B N   1 
ATOM   1174 C CA  . LYS B 1 57 ? -6.207  18.546  -9.063  1.00 25.97 ? 57  LYS B CA  1 
ATOM   1175 C C   . LYS B 1 57 ? -5.957  17.248  -9.791  1.00 23.18 ? 57  LYS B C   1 
ATOM   1176 O O   . LYS B 1 57 ? -4.884  16.654  -9.652  1.00 18.54 ? 57  LYS B O   1 
ATOM   1177 C CB  . LYS B 1 57 ? -5.323  19.632  -9.699  1.00 30.45 ? 57  LYS B CB  1 
ATOM   1178 C CG  . LYS B 1 57 ? -5.446  21.025  -9.099  1.00 27.85 ? 57  LYS B CG  1 
ATOM   1179 C CD  . LYS B 1 57 ? -4.240  21.832  -9.473  1.00 24.33 ? 57  LYS B CD  1 
ATOM   1180 C CE  . LYS B 1 57 ? -4.367  23.253  -9.003  1.00 28.72 ? 57  LYS B CE  1 
ATOM   1181 N NZ  . LYS B 1 57 ? -3.032  23.922  -8.903  1.00 31.97 ? 57  LYS B NZ  1 
ATOM   1182 N N   . GLU B 1 58 ? -6.936  16.815  -10.575 1.00 22.03 ? 58  GLU B N   1 
ATOM   1183 C CA  . GLU B 1 58 ? -6.810  15.562  -11.274 1.00 21.00 ? 58  GLU B CA  1 
ATOM   1184 C C   . GLU B 1 58 ? -6.567  15.809  -12.758 1.00 22.23 ? 58  GLU B C   1 
ATOM   1185 O O   . GLU B 1 58 ? -7.351  16.509  -13.411 1.00 24.11 ? 58  GLU B O   1 
ATOM   1186 C CB  . GLU B 1 58 ? -8.069  14.730  -11.066 1.00 23.23 ? 58  GLU B CB  1 
ATOM   1187 C CG  . GLU B 1 58 ? -7.893  13.246  -11.349 1.00 24.33 ? 58  GLU B CG  1 
ATOM   1188 C CD  . GLU B 1 58 ? -9.172  12.595  -11.794 1.00 33.56 ? 58  GLU B CD  1 
ATOM   1189 O OE1 . GLU B 1 58 ? -10.260 13.146  -11.530 1.00 38.82 ? 58  GLU B OE1 1 
ATOM   1190 O OE2 . GLU B 1 58 ? -9.096  11.560  -12.476 1.00 45.15 ? 58  GLU B OE2 1 
ATOM   1191 N N   . TYR B 1 59 ? -5.473  15.239  -13.270 1.00 19.05 ? 59  TYR B N   1 
ATOM   1192 C CA  . TYR B 1 59 ? -5.104  15.326  -14.682 1.00 16.74 ? 59  TYR B CA  1 
ATOM   1193 C C   . TYR B 1 59 ? -5.179  13.938  -15.318 1.00 15.60 ? 59  TYR B C   1 
ATOM   1194 O O   . TYR B 1 59 ? -4.755  12.956  -14.720 1.00 17.77 ? 59  TYR B O   1 
ATOM   1195 C CB  . TYR B 1 59 ? -3.668  15.873  -14.831 1.00 14.74 ? 59  TYR B CB  1 
ATOM   1196 C CG  . TYR B 1 59 ? -3.439  17.241  -14.217 1.00 13.43 ? 59  TYR B CG  1 
ATOM   1197 C CD1 . TYR B 1 59 ? -3.731  18.399  -14.927 1.00 10.37 ? 59  TYR B CD1 1 
ATOM   1198 C CD2 . TYR B 1 59 ? -3.005  17.372  -12.897 1.00 7.69  ? 59  TYR B CD2 1 
ATOM   1199 C CE1 . TYR B 1 59 ? -3.607  19.656  -14.339 1.00 9.54  ? 59  TYR B CE1 1 
ATOM   1200 C CE2 . TYR B 1 59 ? -2.890  18.617  -12.301 1.00 5.24  ? 59  TYR B CE2 1 
ATOM   1201 C CZ  . TYR B 1 59 ? -3.190  19.748  -13.026 1.00 11.21 ? 59  TYR B CZ  1 
ATOM   1202 O OH  . TYR B 1 59 ? -3.009  20.977  -12.458 1.00 19.11 ? 59  TYR B OH  1 
ATOM   1203 N N   . LYS B 1 60 ? -5.694  13.871  -16.541 1.00 17.98 ? 60  LYS B N   1 
ATOM   1204 C CA  . LYS B 1 60 ? -5.774  12.633  -17.298 1.00 18.59 ? 60  LYS B CA  1 
ATOM   1205 C C   . LYS B 1 60 ? -4.723  12.613  -18.389 1.00 19.66 ? 60  LYS B C   1 
ATOM   1206 O O   . LYS B 1 60 ? -4.223  13.650  -18.805 1.00 25.44 ? 60  LYS B O   1 
ATOM   1207 C CB  . LYS B 1 60 ? -7.154  12.488  -17.938 1.00 26.65 ? 60  LYS B CB  1 
ATOM   1208 C CG  . LYS B 1 60 ? -8.300  13.099  -17.138 1.00 34.99 ? 60  LYS B CG  1 
ATOM   1209 C CD  . LYS B 1 60 ? -8.596  12.315  -15.862 1.00 44.82 ? 60  LYS B CD  1 
ATOM   1210 C CE  . LYS B 1 60 ? -9.607  11.200  -16.128 1.00 52.74 ? 60  LYS B CE  1 
ATOM   1211 N NZ  . LYS B 1 60 ? -9.878  10.360  -14.928 1.00 51.85 ? 60  LYS B NZ  1 
ATOM   1212 N N   . ASN B 1 61 ? -4.376  11.419  -18.841 1.00 21.95 ? 61  ASN B N   1 
ATOM   1213 C CA  . ASN B 1 61 ? -3.503  11.234  -19.991 1.00 25.06 ? 61  ASN B CA  1 
ATOM   1214 C C   . ASN B 1 61 ? -2.076  11.739  -19.821 1.00 26.81 ? 61  ASN B C   1 
ATOM   1215 O O   . ASN B 1 61 ? -1.410  12.082  -20.812 1.00 30.28 ? 61  ASN B O   1 
ATOM   1216 C CB  . ASN B 1 61 ? -4.123  11.876  -21.233 1.00 33.45 ? 61  ASN B CB  1 
ATOM   1217 C CG  . ASN B 1 61 ? -3.994  11.002  -22.458 1.00 40.26 ? 61  ASN B CG  1 
ATOM   1218 O OD1 . ASN B 1 61 ? -4.778  10.078  -22.643 1.00 48.16 ? 61  ASN B OD1 1 
ATOM   1219 N ND2 . ASN B 1 61 ? -2.939  11.208  -23.235 1.00 41.65 ? 61  ASN B ND2 1 
ATOM   1220 N N   . VAL B 1 62 ? -1.574  11.739  -18.590 1.00 25.06 ? 62  VAL B N   1 
ATOM   1221 C CA  . VAL B 1 62 ? -0.218  12.213  -18.356 1.00 23.00 ? 62  VAL B CA  1 
ATOM   1222 C C   . VAL B 1 62 ? 0.812   11.121  -18.648 1.00 21.71 ? 62  VAL B C   1 
ATOM   1223 O O   . VAL B 1 62 ? 0.601   9.950   -18.348 1.00 23.50 ? 62  VAL B O   1 
ATOM   1224 C CB  . VAL B 1 62 ? -0.037  12.772  -16.920 1.00 23.36 ? 62  VAL B CB  1 
ATOM   1225 C CG1 . VAL B 1 62 ? -1.317  13.433  -16.454 1.00 27.04 ? 62  VAL B CG1 1 
ATOM   1226 C CG2 . VAL B 1 62 ? 0.364   11.681  -15.949 1.00 30.40 ? 62  VAL B CG2 1 
ATOM   1227 N N   . GLU B 1 63 ? 1.918   11.502  -19.268 1.00 17.10 ? 63  GLU B N   1 
ATOM   1228 C CA  . GLU B 1 63 ? 2.928   10.533  -19.598 1.00 17.98 ? 63  GLU B CA  1 
ATOM   1229 C C   . GLU B 1 63 ? 3.783   10.216  -18.368 1.00 20.77 ? 63  GLU B C   1 
ATOM   1230 O O   . GLU B 1 63 ? 4.482   11.078  -17.841 1.00 13.37 ? 63  GLU B O   1 
ATOM   1231 C CB  . GLU B 1 63 ? 3.782   11.059  -20.742 1.00 18.65 ? 63  GLU B CB  1 
ATOM   1232 C CG  . GLU B 1 63 ? 4.953   10.189  -21.083 1.00 28.16 ? 63  GLU B CG  1 
ATOM   1233 C CD  . GLU B 1 63 ? 5.867   10.827  -22.102 1.00 33.30 ? 63  GLU B CD  1 
ATOM   1234 O OE1 . GLU B 1 63 ? 5.449   10.936  -23.273 1.00 39.54 ? 63  GLU B OE1 1 
ATOM   1235 O OE2 . GLU B 1 63 ? 7.000   11.213  -21.737 1.00 32.05 ? 63  GLU B OE2 1 
ATOM   1236 N N   . ILE B 1 64 ? 3.677   8.977   -17.897 1.00 24.26 ? 64  ILE B N   1 
ATOM   1237 C CA  . ILE B 1 64 ? 4.512   8.462   -16.822 1.00 19.71 ? 64  ILE B CA  1 
ATOM   1238 C C   . ILE B 1 64 ? 5.573   7.557   -17.441 1.00 22.39 ? 64  ILE B C   1 
ATOM   1239 O O   . ILE B 1 64 ? 5.281   6.771   -18.336 1.00 25.86 ? 64  ILE B O   1 
ATOM   1240 C CB  . ILE B 1 64 ? 3.690   7.618   -15.835 1.00 18.27 ? 64  ILE B CB  1 
ATOM   1241 C CG1 . ILE B 1 64 ? 2.389   8.321   -15.479 1.00 16.29 ? 64  ILE B CG1 1 
ATOM   1242 C CG2 . ILE B 1 64 ? 4.488   7.343   -14.587 1.00 15.60 ? 64  ILE B CG2 1 
ATOM   1243 C CD1 . ILE B 1 64 ? 2.506   9.259   -14.308 1.00 26.89 ? 64  ILE B CD1 1 
ATOM   1244 N N   . GLU B 1 65 ? 6.800   7.665   -16.950 1.00 26.13 ? 65  GLU B N   1 
ATOM   1245 C CA  . GLU B 1 65 ? 7.906   6.799   -17.358 1.00 29.48 ? 65  GLU B CA  1 
ATOM   1246 C C   . GLU B 1 65 ? 8.529   6.165   -16.103 1.00 27.63 ? 65  GLU B C   1 
ATOM   1247 O O   . GLU B 1 65 ? 9.234   6.850   -15.354 1.00 30.71 ? 65  GLU B O   1 
ATOM   1248 C CB  . GLU B 1 65 ? 8.961   7.647   -18.073 1.00 32.77 ? 65  GLU B CB  1 
ATOM   1249 C CG  . GLU B 1 65 ? 9.394   7.121   -19.414 1.00 43.09 ? 65  GLU B CG  1 
ATOM   1250 C CD  . GLU B 1 65 ? 10.863  6.727   -19.451 1.00 45.76 ? 65  GLU B CD  1 
ATOM   1251 O OE1 . GLU B 1 65 ? 11.396  6.200   -18.455 1.00 48.01 ? 65  GLU B OE1 1 
ATOM   1252 O OE2 . GLU B 1 65 ? 11.480  6.923   -20.518 1.00 52.17 ? 65  GLU B OE2 1 
ATOM   1253 N N   . VAL B 1 66 ? 8.253   4.888   -15.847 1.00 21.38 ? 66  VAL B N   1 
ATOM   1254 C CA  . VAL B 1 66 ? 8.854   4.217   -14.691 1.00 22.10 ? 66  VAL B CA  1 
ATOM   1255 C C   . VAL B 1 66 ? 9.563   2.929   -15.125 1.00 24.25 ? 66  VAL B C   1 
ATOM   1256 O O   . VAL B 1 66 ? 9.012   2.120   -15.881 1.00 23.26 ? 66  VAL B O   1 
ATOM   1257 C CB  . VAL B 1 66 ? 7.812   3.864   -13.574 1.00 18.56 ? 66  VAL B CB  1 
ATOM   1258 C CG1 . VAL B 1 66 ? 8.532   3.559   -12.276 1.00 12.76 ? 66  VAL B CG1 1 
ATOM   1259 C CG2 . VAL B 1 66 ? 6.841   5.002   -13.351 1.00 18.28 ? 66  VAL B CG2 1 
ATOM   1260 N N   . LEU B 1 67 ? 10.790  2.749   -14.654 1.00 19.73 ? 67  LEU B N   1 
ATOM   1261 C CA  . LEU B 1 67 ? 11.564  1.564   -14.975 1.00 20.52 ? 67  LEU B CA  1 
ATOM   1262 C C   . LEU B 1 67 ? 11.447  1.188   -16.450 1.00 20.75 ? 67  LEU B C   1 
ATOM   1263 O O   . LEU B 1 67 ? 11.181  0.034   -16.796 1.00 21.15 ? 67  LEU B O   1 
ATOM   1264 C CB  . LEU B 1 67 ? 11.123  0.393   -14.085 1.00 23.51 ? 67  LEU B CB  1 
ATOM   1265 C CG  . LEU B 1 67 ? 11.472  0.521   -12.599 1.00 21.51 ? 67  LEU B CG  1 
ATOM   1266 C CD1 . LEU B 1 67 ? 10.668  -0.455  -11.786 1.00 20.93 ? 67  LEU B CD1 1 
ATOM   1267 C CD2 . LEU B 1 67 ? 12.951  0.282   -12.407 1.00 26.84 ? 67  LEU B CD2 1 
ATOM   1268 N N   . ASN B 1 68 ? 11.648  2.177   -17.313 1.00 21.63 ? 68  ASN B N   1 
ATOM   1269 C CA  . ASN B 1 68 ? 11.860  1.941   -18.741 1.00 27.32 ? 68  ASN B CA  1 
ATOM   1270 C C   . ASN B 1 68 ? 10.546  1.569   -19.434 1.00 27.44 ? 68  ASN B C   1 
ATOM   1271 O O   . ASN B 1 68 ? 10.522  1.155   -20.599 1.00 29.17 ? 68  ASN B O   1 
ATOM   1272 C CB  . ASN B 1 68 ? 12.910  0.830   -18.971 1.00 28.51 ? 68  ASN B CB  1 
ATOM   1273 C CG  . ASN B 1 68 ? 14.341  1.271   -18.644 1.00 31.28 ? 68  ASN B CG  1 
ATOM   1274 O OD1 . ASN B 1 68 ? 15.199  0.436   -18.379 1.00 35.52 ? 68  ASN B OD1 1 
ATOM   1275 N ND2 . ASN B 1 68 ? 14.620  2.563   -18.755 1.00 36.17 ? 68  ASN B ND2 1 
ATOM   1276 N N   . LYS B 1 69 ? 9.454   1.730   -18.700 1.00 26.84 ? 69  LYS B N   1 
ATOM   1277 C CA  . LYS B 1 69 ? 8.122   1.449   -19.195 1.00 27.99 ? 69  LYS B CA  1 
ATOM   1278 C C   . LYS B 1 69 ? 7.363   2.776   -19.211 1.00 29.44 ? 69  LYS B C   1 
ATOM   1279 O O   . LYS B 1 69 ? 7.175   3.417   -18.169 1.00 34.44 ? 69  LYS B O   1 
ATOM   1280 C CB  . LYS B 1 69 ? 7.441   0.432   -18.262 1.00 34.76 ? 69  LYS B CB  1 
ATOM   1281 C CG  . LYS B 1 69 ? 6.607   -0.616  -18.969 1.00 40.95 ? 69  LYS B CG  1 
ATOM   1282 C CD  . LYS B 1 69 ? 5.257   -0.022  -19.332 1.00 51.94 ? 69  LYS B CD  1 
ATOM   1283 C CE  . LYS B 1 69 ? 4.656   -0.646  -20.581 1.00 56.64 ? 69  LYS B CE  1 
ATOM   1284 N NZ  . LYS B 1 69 ? 3.433   0.102   -21.023 1.00 62.25 ? 69  LYS B NZ  1 
ATOM   1285 N N   . LYS B 1 70 ? 6.959   3.207   -20.399 1.00 25.20 ? 70  LYS B N   1 
ATOM   1286 C CA  . LYS B 1 70 ? 6.257   4.461   -20.560 1.00 23.34 ? 70  LYS B CA  1 
ATOM   1287 C C   . LYS B 1 70 ? 4.768   4.196   -20.772 1.00 25.24 ? 70  LYS B C   1 
ATOM   1288 O O   . LYS B 1 70 ? 4.400   3.407   -21.644 1.00 28.29 ? 70  LYS B O   1 
ATOM   1289 C CB  . LYS B 1 70 ? 6.838   5.196   -21.749 1.00 28.55 ? 70  LYS B CB  1 
ATOM   1290 C CG  . LYS B 1 70 ? 6.351   6.609   -21.915 1.00 37.81 ? 70  LYS B CG  1 
ATOM   1291 C CD  . LYS B 1 70 ? 7.064   7.269   -23.086 1.00 44.09 ? 70  LYS B CD  1 
ATOM   1292 C CE  . LYS B 1 70 ? 8.528   7.529   -22.757 1.00 44.73 ? 70  LYS B CE  1 
ATOM   1293 N NZ  . LYS B 1 70 ? 9.410   6.888   -23.760 1.00 46.76 ? 70  LYS B NZ  1 
ATOM   1294 N N   . VAL B 1 71 ? 3.921   4.831   -19.957 1.00 25.19 ? 71  VAL B N   1 
ATOM   1295 C CA  . VAL B 1 71 ? 2.472   4.683   -20.030 1.00 19.95 ? 71  VAL B CA  1 
ATOM   1296 C C   . VAL B 1 71 ? 1.821   6.059   -19.889 1.00 20.30 ? 71  VAL B C   1 
ATOM   1297 O O   . VAL B 1 71 ? 2.509   7.048   -19.659 1.00 20.44 ? 71  VAL B O   1 
ATOM   1298 C CB  . VAL B 1 71 ? 1.934   3.769   -18.900 1.00 21.65 ? 71  VAL B CB  1 
ATOM   1299 C CG1 . VAL B 1 71 ? 2.490   2.361   -19.043 1.00 20.83 ? 71  VAL B CG1 1 
ATOM   1300 C CG2 . VAL B 1 71 ? 2.308   4.329   -17.549 1.00 23.12 ? 71  VAL B CG2 1 
ATOM   1301 N N   . ARG B 1 72 ? 0.499   6.121   -20.040 1.00 21.91 ? 72  ARG B N   1 
ATOM   1302 C CA  . ARG B 1 72 ? -0.278  7.338   -19.765 1.00 21.75 ? 72  ARG B CA  1 
ATOM   1303 C C   . ARG B 1 72 ? -1.313  7.009   -18.707 1.00 21.41 ? 72  ARG B C   1 
ATOM   1304 O O   . ARG B 1 72 ? -1.888  5.922   -18.723 1.00 28.17 ? 72  ARG B O   1 
ATOM   1305 C CB  . ARG B 1 72 ? -1.017  7.816   -21.017 1.00 24.00 ? 72  ARG B CB  1 
ATOM   1306 C CG  . ARG B 1 72 ? -0.127  8.096   -22.202 1.00 32.15 ? 72  ARG B CG  1 
ATOM   1307 C CD  . ARG B 1 72 ? -0.395  9.464   -22.775 1.00 33.29 ? 72  ARG B CD  1 
ATOM   1308 N NE  . ARG B 1 72 ? 0.624   9.824   -23.751 1.00 38.86 ? 72  ARG B NE  1 
ATOM   1309 C CZ  . ARG B 1 72 ? 1.202   11.016  -23.831 1.00 39.13 ? 72  ARG B CZ  1 
ATOM   1310 N NH1 . ARG B 1 72 ? 0.828   11.997  -23.011 1.00 39.42 ? 72  ARG B NH1 1 
ATOM   1311 N NH2 . ARG B 1 72 ? 2.134   11.232  -24.753 1.00 38.47 ? 72  ARG B NH2 1 
ATOM   1312 N N   . ALA B 1 73 ? -1.575  7.937   -17.798 1.00 17.87 ? 73  ALA B N   1 
ATOM   1313 C CA  . ALA B 1 73 ? -2.399  7.612   -16.658 1.00 16.27 ? 73  ALA B CA  1 
ATOM   1314 C C   . ALA B 1 73 ? -2.959  8.851   -16.019 1.00 17.36 ? 73  ALA B C   1 
ATOM   1315 O O   . ALA B 1 73 ? -2.561  9.965   -16.349 1.00 15.63 ? 73  ALA B O   1 
ATOM   1316 C CB  . ALA B 1 73 ? -1.601  6.817   -15.637 1.00 20.60 ? 73  ALA B CB  1 
ATOM   1317 N N   . THR B 1 74 ? -3.920  8.633   -15.131 1.00 18.14 ? 74  THR B N   1 
ATOM   1318 C CA  . THR B 1 74 ? -4.511  9.688   -14.348 1.00 20.00 ? 74  THR B CA  1 
ATOM   1319 C C   . THR B 1 74 ? -3.713  9.837   -13.074 1.00 20.89 ? 74  THR B C   1 
ATOM   1320 O O   . THR B 1 74 ? -3.141  8.875   -12.579 1.00 24.35 ? 74  THR B O   1 
ATOM   1321 C CB  . THR B 1 74 ? -5.976  9.371   -14.050 1.00 19.33 ? 74  THR B CB  1 
ATOM   1322 O OG1 . THR B 1 74 ? -6.745  9.626   -15.233 1.00 27.44 ? 74  THR B OG1 1 
ATOM   1323 C CG2 . THR B 1 74 ? -6.500  10.223  -12.926 1.00 15.81 ? 74  THR B CG2 1 
ATOM   1324 N N   . ILE B 1 75 ? -3.644  11.061  -12.576 1.00 20.50 ? 75  ILE B N   1 
ATOM   1325 C CA  . ILE B 1 75 ? -2.685  11.440  -11.558 1.00 20.82 ? 75  ILE B CA  1 
ATOM   1326 C C   . ILE B 1 75 ? -3.259  12.700  -10.911 1.00 19.31 ? 75  ILE B C   1 
ATOM   1327 O O   . ILE B 1 75 ? -3.821  13.562  -11.589 1.00 18.77 ? 75  ILE B O   1 
ATOM   1328 C CB  . ILE B 1 75 ? -1.297  11.713  -12.219 1.00 22.91 ? 75  ILE B CB  1 
ATOM   1329 C CG1 . ILE B 1 75 ? -0.310  10.603  -11.852 1.00 26.26 ? 75  ILE B CG1 1 
ATOM   1330 C CG2 . ILE B 1 75 ? -0.715  13.058  -11.781 1.00 31.52 ? 75  ILE B CG2 1 
ATOM   1331 C CD1 . ILE B 1 75 ? 0.277   10.735  -10.456 1.00 23.82 ? 75  ILE B CD1 1 
ATOM   1332 N N   . MET B 1 76 ? -3.168  12.777  -9.592  1.00 19.97 ? 76  MET B N   1 
ATOM   1333 C CA  . MET B 1 76 ? -3.567  13.971  -8.871  1.00 19.32 ? 76  MET B CA  1 
ATOM   1334 C C   . MET B 1 76 ? -2.315  14.616  -8.302  1.00 22.51 ? 76  MET B C   1 
ATOM   1335 O O   . MET B 1 76 ? -1.308  13.950  -8.051  1.00 26.20 ? 76  MET B O   1 
ATOM   1336 C CB  . MET B 1 76 ? -4.511  13.618  -7.724  1.00 20.23 ? 76  MET B CB  1 
ATOM   1337 C CG  . MET B 1 76 ? -5.811  12.937  -8.119  1.00 26.13 ? 76  MET B CG  1 
ATOM   1338 S SD  . MET B 1 76 ? -6.842  12.564  -6.671  1.00 30.33 ? 76  MET B SD  1 
ATOM   1339 C CE  . MET B 1 76 ? -6.140  11.037  -6.142  1.00 28.50 ? 76  MET B CE  1 
ATOM   1340 N N   . THR B 1 77 ? -2.368  15.914  -8.081  1.00 20.69 ? 77  THR B N   1 
ATOM   1341 C CA  . THR B 1 77 ? -1.278  16.576  -7.408  1.00 19.33 ? 77  THR B CA  1 
ATOM   1342 C C   . THR B 1 77 ? -1.910  17.325  -6.261  1.00 22.12 ? 77  THR B C   1 
ATOM   1343 O O   . THR B 1 77 ? -3.082  17.685  -6.324  1.00 26.40 ? 77  THR B O   1 
ATOM   1344 C CB  . THR B 1 77 ? -0.544  17.528  -8.367  1.00 21.87 ? 77  THR B CB  1 
ATOM   1345 O OG1 . THR B 1 77 ? -1.495  18.395  -8.993  1.00 27.48 ? 77  THR B OG1 1 
ATOM   1346 C CG2 . THR B 1 77 ? 0.167   16.736  -9.462  1.00 26.68 ? 77  THR B CG2 1 
ATOM   1347 N N   . GLY B 1 78 ? -1.152  17.510  -5.195  1.00 24.90 ? 78  GLY B N   1 
ATOM   1348 C CA  . GLY B 1 78 ? -1.668  18.146  -3.999  1.00 30.11 ? 78  GLY B CA  1 
ATOM   1349 C C   . GLY B 1 78 ? -0.572  18.067  -2.952  1.00 34.70 ? 78  GLY B C   1 
ATOM   1350 O O   . GLY B 1 78 ? 0.486   17.477  -3.213  1.00 34.69 ? 78  GLY B O   1 
ATOM   1351 N N   . ASP B 1 79 ? -0.787  18.640  -1.777  1.00 35.95 ? 79  ASP B N   1 
ATOM   1352 C CA  . ASP B 1 79 ? 0.235   18.526  -0.761  1.00 42.02 ? 79  ASP B CA  1 
ATOM   1353 C C   . ASP B 1 79 ? 0.082   17.248  0.044   1.00 41.77 ? 79  ASP B C   1 
ATOM   1354 O O   . ASP B 1 79 ? -0.711  17.158  0.984   1.00 44.52 ? 79  ASP B O   1 
ATOM   1355 C CB  . ASP B 1 79 ? 0.288   19.779  0.115   1.00 52.14 ? 79  ASP B CB  1 
ATOM   1356 C CG  . ASP B 1 79 ? 1.273   20.825  -0.433  1.00 63.76 ? 79  ASP B CG  1 
ATOM   1357 O OD1 . ASP B 1 79 ? 2.507   20.596  -0.333  1.00 68.57 ? 79  ASP B OD1 1 
ATOM   1358 O OD2 . ASP B 1 79 ? 0.820   21.823  -1.050  1.00 64.44 ? 79  ASP B OD2 1 
ATOM   1359 N N   . THR B 1 80 ? 0.823   16.241  -0.402  1.00 36.77 ? 80  THR B N   1 
ATOM   1360 C CA  . THR B 1 80 ? 0.847   14.928  0.197   1.00 34.35 ? 80  THR B CA  1 
ATOM   1361 C C   . THR B 1 80 ? 2.260   14.745  0.739   1.00 36.89 ? 80  THR B C   1 
ATOM   1362 O O   . THR B 1 80 ? 3.225   15.193  0.123   1.00 38.44 ? 80  THR B O   1 
ATOM   1363 C CB  . THR B 1 80 ? 0.543   13.838  -0.872  1.00 36.33 ? 80  THR B CB  1 
ATOM   1364 O OG1 . THR B 1 80 ? 0.722   12.532  -0.301  1.00 39.74 ? 80  THR B OG1 1 
ATOM   1365 C CG2 . THR B 1 80 ? 1.455   13.993  -2.094  1.00 27.43 ? 80  THR B CG2 1 
ATOM   1366 N N   . PRO B 1 81 ? 2.395   14.162  1.943   1.00 36.83 ? 81  PRO B N   1 
ATOM   1367 C CA  . PRO B 1 81 ? 3.734   13.923  2.497   1.00 34.65 ? 81  PRO B CA  1 
ATOM   1368 C C   . PRO B 1 81 ? 4.493   12.834  1.760   1.00 36.60 ? 81  PRO B C   1 
ATOM   1369 O O   . PRO B 1 81 ? 5.715   12.728  1.891   1.00 41.83 ? 81  PRO B O   1 
ATOM   1370 C CB  . PRO B 1 81 ? 3.449   13.516  3.936   1.00 32.29 ? 81  PRO B CB  1 
ATOM   1371 C CG  . PRO B 1 81 ? 2.090   12.901  3.865   1.00 34.35 ? 81  PRO B CG  1 
ATOM   1372 C CD  . PRO B 1 81 ? 1.339   13.773  2.893   1.00 33.44 ? 81  PRO B CD  1 
ATOM   1373 N N   . ILE B 1 82 ? 3.775   12.007  1.006   1.00 34.88 ? 82  ILE B N   1 
ATOM   1374 C CA  . ILE B 1 82 ? 4.406   10.938  0.245   1.00 31.92 ? 82  ILE B CA  1 
ATOM   1375 C C   . ILE B 1 82 ? 3.790   10.955  -1.123  1.00 29.44 ? 82  ILE B C   1 
ATOM   1376 O O   . ILE B 1 82 ? 2.578   11.108  -1.251  1.00 28.94 ? 82  ILE B O   1 
ATOM   1377 C CB  . ILE B 1 82 ? 4.122   9.532   0.817   1.00 35.58 ? 82  ILE B CB  1 
ATOM   1378 C CG1 . ILE B 1 82 ? 3.543   9.616   2.230   1.00 44.98 ? 82  ILE B CG1 1 
ATOM   1379 C CG2 . ILE B 1 82 ? 5.360   8.684   0.738   1.00 32.41 ? 82  ILE B CG2 1 
ATOM   1380 C CD1 . ILE B 1 82 ? 2.022   9.268   2.309   1.00 43.39 ? 82  ILE B CD1 1 
ATOM   1381 N N   . ASN B 1 83 ? 4.618   10.778  -2.143  1.00 25.90 ? 83  ASN B N   1 
ATOM   1382 C CA  . ASN B 1 83 ? 4.127   10.622  -3.497  1.00 17.92 ? 83  ASN B CA  1 
ATOM   1383 C C   . ASN B 1 83 ? 3.808   9.150   -3.675  1.00 19.88 ? 83  ASN B C   1 
ATOM   1384 O O   . ASN B 1 83 ? 4.705   8.307   -3.653  1.00 14.75 ? 83  ASN B O   1 
ATOM   1385 C CB  . ASN B 1 83 ? 5.206   11.030  -4.491  1.00 13.32 ? 83  ASN B CB  1 
ATOM   1386 C CG  . ASN B 1 83 ? 5.579   12.483  -4.381  1.00 15.76 ? 83  ASN B CG  1 
ATOM   1387 O OD1 . ASN B 1 83 ? 4.739   13.346  -4.092  1.00 11.28 ? 83  ASN B OD1 1 
ATOM   1388 N ND2 . ASN B 1 83 ? 6.837   12.778  -4.652  1.00 9.78  ? 83  ASN B ND2 1 
ATOM   1389 N N   . ILE B 1 84 ? 2.531   8.840   -3.829  1.00 19.01 ? 84  ILE B N   1 
ATOM   1390 C CA  . ILE B 1 84 ? 2.092   7.468   -3.998  1.00 19.02 ? 84  ILE B CA  1 
ATOM   1391 C C   . ILE B 1 84 ? 1.747   7.210   -5.459  1.00 16.09 ? 84  ILE B C   1 
ATOM   1392 O O   . ILE B 1 84 ? 1.069   8.017   -6.084  1.00 15.88 ? 84  ILE B O   1 
ATOM   1393 C CB  . ILE B 1 84 ? 0.848   7.198   -3.101  1.00 25.38 ? 84  ILE B CB  1 
ATOM   1394 C CG1 . ILE B 1 84 ? 1.236   7.330   -1.631  1.00 24.53 ? 84  ILE B CG1 1 
ATOM   1395 C CG2 . ILE B 1 84 ? 0.276   5.802   -3.348  1.00 28.02 ? 84  ILE B CG2 1 
ATOM   1396 C CD1 . ILE B 1 84 ? 0.480   8.424   -0.910  1.00 30.07 ? 84  ILE B CD1 1 
ATOM   1397 N N   . PHE B 1 85 ? 2.219   6.086   -5.997  1.00 15.88 ? 85  PHE B N   1 
ATOM   1398 C CA  . PHE B 1 85 ? 1.709   5.537   -7.253  1.00 8.68  ? 85  PHE B CA  1 
ATOM   1399 C C   . PHE B 1 85 ? 0.806   4.393   -6.874  1.00 9.85  ? 85  PHE B C   1 
ATOM   1400 O O   . PHE B 1 85 ? 1.283   3.302   -6.620  1.00 11.35 ? 85  PHE B O   1 
ATOM   1401 C CB  . PHE B 1 85 ? 2.842   4.977   -8.115  1.00 8.06  ? 85  PHE B CB  1 
ATOM   1402 C CG  . PHE B 1 85 ? 3.341   5.932   -9.162  1.00 13.05 ? 85  PHE B CG  1 
ATOM   1403 C CD1 . PHE B 1 85 ? 2.980   7.270   -9.136  1.00 4.19  ? 85  PHE B CD1 1 
ATOM   1404 C CD2 . PHE B 1 85 ? 4.215   5.496   -10.154 1.00 12.63 ? 85  PHE B CD2 1 
ATOM   1405 C CE1 . PHE B 1 85 ? 3.487   8.151   -10.066 1.00 7.88  ? 85  PHE B CE1 1 
ATOM   1406 C CE2 . PHE B 1 85 ? 4.729   6.387   -11.094 1.00 12.02 ? 85  PHE B CE2 1 
ATOM   1407 C CZ  . PHE B 1 85 ? 4.365   7.713   -11.039 1.00 9.82  ? 85  PHE B CZ  1 
ATOM   1408 N N   . GLY B 1 86 ? -0.494  4.634   -6.823  1.00 12.66 ? 86  GLY B N   1 
ATOM   1409 C CA  . GLY B 1 86 ? -1.418  3.560   -6.534  1.00 12.15 ? 86  GLY B CA  1 
ATOM   1410 C C   . GLY B 1 86 ? -1.689  2.636   -7.695  1.00 12.28 ? 86  GLY B C   1 
ATOM   1411 O O   . GLY B 1 86 ? -1.001  2.648   -8.726  1.00 12.36 ? 86  GLY B O   1 
ATOM   1412 N N   . ARG B 1 87 ? -2.725  1.827   -7.533  1.00 14.45 ? 87  ARG B N   1 
ATOM   1413 C CA  . ARG B 1 87 ? -2.930  0.677   -8.407  1.00 19.38 ? 87  ARG B CA  1 
ATOM   1414 C C   . ARG B 1 87 ? -3.255  1.083   -9.843  1.00 23.41 ? 87  ARG B C   1 
ATOM   1415 O O   . ARG B 1 87 ? -2.960  0.332   -10.792 1.00 17.02 ? 87  ARG B O   1 
ATOM   1416 C CB  . ARG B 1 87 ? -4.042  -0.196  -7.846  1.00 16.72 ? 87  ARG B CB  1 
ATOM   1417 C CG  . ARG B 1 87 ? -3.549  -1.231  -6.867  1.00 15.14 ? 87  ARG B CG  1 
ATOM   1418 C CD  . ARG B 1 87 ? -4.659  -2.158  -6.488  1.00 10.70 ? 87  ARG B CD  1 
ATOM   1419 N NE  . ARG B 1 87 ? -5.839  -1.412  -6.084  1.00 3.74  ? 87  ARG B NE  1 
ATOM   1420 C CZ  . ARG B 1 87 ? -6.959  -1.341  -6.787  1.00 5.18  ? 87  ARG B CZ  1 
ATOM   1421 N NH1 . ARG B 1 87 ? -7.052  -1.937  -7.967  1.00 9.55  ? 87  ARG B NH1 1 
ATOM   1422 N NH2 . ARG B 1 87 ? -8.013  -0.726  -6.280  1.00 2.88  ? 87  ARG B NH2 1 
ATOM   1423 N N   . ASN B 1 88 ? -3.827  2.277   -10.007 1.00 20.27 ? 88  ASN B N   1 
ATOM   1424 C CA  . ASN B 1 88 ? -4.226  2.732   -11.328 1.00 20.52 ? 88  ASN B CA  1 
ATOM   1425 C C   . ASN B 1 88 ? -3.027  2.929   -12.216 1.00 21.05 ? 88  ASN B C   1 
ATOM   1426 O O   . ASN B 1 88 ? -3.162  2.917   -13.428 1.00 28.02 ? 88  ASN B O   1 
ATOM   1427 C CB  . ASN B 1 88 ? -5.035  4.023   -11.239 1.00 22.74 ? 88  ASN B CB  1 
ATOM   1428 C CG  . ASN B 1 88 ? -4.172  5.245   -11.012 1.00 26.93 ? 88  ASN B CG  1 
ATOM   1429 O OD1 . ASN B 1 88 ? -3.134  5.181   -10.364 1.00 24.75 ? 88  ASN B OD1 1 
ATOM   1430 N ND2 . ASN B 1 88 ? -4.636  6.379   -11.501 1.00 26.37 ? 88  ASN B ND2 1 
ATOM   1431 N N   . ILE B 1 89 ? -1.849  3.081   -11.624 1.00 20.97 ? 89  ILE B N   1 
ATOM   1432 C CA  . ILE B 1 89 ? -0.622  3.170   -12.410 1.00 19.85 ? 89  ILE B CA  1 
ATOM   1433 C C   . ILE B 1 89 ? 0.180   1.866   -12.378 1.00 22.82 ? 89  ILE B C   1 
ATOM   1434 O O   . ILE B 1 89 ? 0.814   1.494   -13.379 1.00 26.42 ? 89  ILE B O   1 
ATOM   1435 C CB  . ILE B 1 89 ? 0.252   4.354   -11.935 1.00 17.38 ? 89  ILE B CB  1 
ATOM   1436 C CG1 . ILE B 1 89 ? -0.490  5.667   -12.184 1.00 19.52 ? 89  ILE B CG1 1 
ATOM   1437 C CG2 . ILE B 1 89 ? 1.568   4.374   -12.676 1.00 11.88 ? 89  ILE B CG2 1 
ATOM   1438 C CD1 . ILE B 1 89 ? 0.138   6.864   -11.527 1.00 25.50 ? 89  ILE B CD1 1 
ATOM   1439 N N   . LEU B 1 90 ? 0.132   1.150   -11.256 1.00 19.40 ? 90  LEU B N   1 
ATOM   1440 C CA  . LEU B 1 90 ? 0.741   -0.176  -11.198 1.00 15.72 ? 90  LEU B CA  1 
ATOM   1441 C C   . LEU B 1 90 ? 0.165   -1.138  -12.256 1.00 12.58 ? 90  LEU B C   1 
ATOM   1442 O O   . LEU B 1 90 ? 0.913   -1.914  -12.882 1.00 10.32 ? 90  LEU B O   1 
ATOM   1443 C CB  . LEU B 1 90 ? 0.587   -0.768  -9.795  1.00 14.98 ? 90  LEU B CB  1 
ATOM   1444 C CG  . LEU B 1 90 ? 1.199   0.027   -8.631  1.00 18.87 ? 90  LEU B CG  1 
ATOM   1445 C CD1 . LEU B 1 90 ? 1.357   -0.885  -7.408  1.00 14.59 ? 90  LEU B CD1 1 
ATOM   1446 C CD2 . LEU B 1 90 ? 2.572   0.595   -9.034  1.00 14.42 ? 90  LEU B CD2 1 
ATOM   1447 N N   . THR B 1 91 ? -1.148  -1.079  -12.468 1.00 9.96  ? 91  THR B N   1 
ATOM   1448 C CA  . THR B 1 91 ? -1.782  -1.916  -13.489 1.00 15.52 ? 91  THR B CA  1 
ATOM   1449 C C   . THR B 1 91 ? -1.363  -1.498  -14.912 1.00 19.23 ? 91  THR B C   1 
ATOM   1450 O O   . THR B 1 91 ? -1.095  -2.358  -15.754 1.00 26.05 ? 91  THR B O   1 
ATOM   1451 C CB  . THR B 1 91 ? -3.323  -1.869  -13.410 1.00 14.23 ? 91  THR B CB  1 
ATOM   1452 O OG1 . THR B 1 91 ? -3.774  -0.543  -13.704 1.00 14.98 ? 91  THR B OG1 1 
ATOM   1453 C CG2 . THR B 1 91 ? -3.807  -2.269  -12.015 1.00 5.64  ? 91  THR B CG2 1 
ATOM   1454 N N   . ALA B 1 92 ? -1.317  -0.191  -15.183 1.00 18.34 ? 92  ALA B N   1 
ATOM   1455 C CA  . ALA B 1 92 ? -0.849  0.333   -16.468 1.00 13.79 ? 92  ALA B CA  1 
ATOM   1456 C C   . ALA B 1 92 ? 0.600   -0.004  -16.778 1.00 19.46 ? 92  ALA B C   1 
ATOM   1457 O O   . ALA B 1 92 ? 0.966   -0.139  -17.950 1.00 26.28 ? 92  ALA B O   1 
ATOM   1458 C CB  . ALA B 1 92 ? -1.035  1.801   -16.519 1.00 12.33 ? 92  ALA B CB  1 
ATOM   1459 N N   . LEU B 1 93 ? 1.430   -0.138  -15.745 1.00 18.64 ? 93  LEU B N   1 
ATOM   1460 C CA  . LEU B 1 93 ? 2.815   -0.577  -15.926 1.00 18.12 ? 93  LEU B CA  1 
ATOM   1461 C C   . LEU B 1 93 ? 2.946   -2.085  -16.083 1.00 21.64 ? 93  LEU B C   1 
ATOM   1462 O O   . LEU B 1 93 ? 4.030   -2.591  -16.370 1.00 24.44 ? 93  LEU B O   1 
ATOM   1463 C CB  . LEU B 1 93 ? 3.661   -0.125  -14.738 1.00 22.40 ? 93  LEU B CB  1 
ATOM   1464 C CG  . LEU B 1 93 ? 3.573   1.378   -14.470 1.00 24.62 ? 93  LEU B CG  1 
ATOM   1465 C CD1 . LEU B 1 93 ? 3.946   1.671   -13.035 1.00 24.39 ? 93  LEU B CD1 1 
ATOM   1466 C CD2 . LEU B 1 93 ? 4.481   2.127   -15.457 1.00 30.37 ? 93  LEU B CD2 1 
ATOM   1467 N N   . GLY B 1 94 ? 1.845   -2.803  -15.874 1.00 26.05 ? 94  GLY B N   1 
ATOM   1468 C CA  . GLY B 1 94 ? 1.871   -4.259  -15.889 1.00 20.30 ? 94  GLY B CA  1 
ATOM   1469 C C   . GLY B 1 94 ? 2.514   -4.896  -14.667 1.00 17.52 ? 94  GLY B C   1 
ATOM   1470 O O   . GLY B 1 94 ? 3.144   -5.938  -14.782 1.00 18.66 ? 94  GLY B O   1 
ATOM   1471 N N   . MET B 1 95 ? 2.307   -4.324  -13.488 1.00 19.31 ? 95  MET B N   1 
ATOM   1472 C CA  . MET B 1 95 ? 2.964   -4.829  -12.289 1.00 24.93 ? 95  MET B CA  1 
ATOM   1473 C C   . MET B 1 95 ? 2.049   -5.754  -11.474 1.00 25.58 ? 95  MET B C   1 
ATOM   1474 O O   . MET B 1 95 ? 0.856   -5.500  -11.332 1.00 23.45 ? 95  MET B O   1 
ATOM   1475 C CB  . MET B 1 95 ? 3.430   -3.651  -11.431 1.00 29.39 ? 95  MET B CB  1 
ATOM   1476 C CG  . MET B 1 95 ? 4.482   -3.993  -10.396 1.00 29.81 ? 95  MET B CG  1 
ATOM   1477 S SD  . MET B 1 95 ? 5.604   -2.611  -10.019 1.00 38.73 ? 95  MET B SD  1 
ATOM   1478 C CE  . MET B 1 95 ? 5.105   -1.403  -11.262 1.00 28.25 ? 95  MET B CE  1 
ATOM   1479 N N   . SER B 1 96 ? 2.611   -6.826  -10.930 1.00 25.48 ? 96  SER B N   1 
ATOM   1480 C CA  . SER B 1 96 ? 1.818   -7.753  -10.131 1.00 26.82 ? 96  SER B CA  1 
ATOM   1481 C C   . SER B 1 96 ? 2.506   -8.057  -8.788  1.00 28.73 ? 96  SER B C   1 
ATOM   1482 O O   . SER B 1 96 ? 3.740   -7.987  -8.686  1.00 25.66 ? 96  SER B O   1 
ATOM   1483 C CB  . SER B 1 96 ? 1.594   -9.046  -10.916 1.00 22.27 ? 96  SER B CB  1 
ATOM   1484 O OG  . SER B 1 96 ? 2.836   -9.675  -11.206 1.00 20.60 ? 96  SER B OG  1 
ATOM   1485 N N   . LEU B 1 97 ? 1.696   -8.337  -7.759  1.00 28.20 ? 97  LEU B N   1 
ATOM   1486 C CA  . LEU B 1 97 ? 2.178   -8.864  -6.484  1.00 24.53 ? 97  LEU B CA  1 
ATOM   1487 C C   . LEU B 1 97 ? 2.254   -10.368 -6.645  1.00 28.12 ? 97  LEU B C   1 
ATOM   1488 O O   . LEU B 1 97 ? 1.283   -10.981 -7.099  1.00 27.37 ? 97  LEU B O   1 
ATOM   1489 C CB  . LEU B 1 97 ? 1.184   -8.558  -5.378  1.00 17.27 ? 97  LEU B CB  1 
ATOM   1490 C CG  . LEU B 1 97 ? 1.517   -7.544  -4.290  1.00 20.79 ? 97  LEU B CG  1 
ATOM   1491 C CD1 . LEU B 1 97 ? 0.379   -7.563  -3.259  1.00 15.95 ? 97  LEU B CD1 1 
ATOM   1492 C CD2 . LEU B 1 97 ? 2.847   -7.848  -3.634  1.00 11.32 ? 97  LEU B CD2 1 
ATOM   1493 N N   . ASN B 1 98 ? 3.381   -10.964 -6.262  1.00 30.65 ? 98  ASN B N   1 
ATOM   1494 C CA  . ASN B 1 98 ? 3.582   -12.399 -6.441  1.00 33.61 ? 98  ASN B CA  1 
ATOM   1495 C C   . ASN B 1 98 ? 3.949   -13.123 -5.156  1.00 35.38 ? 98  ASN B C   1 
ATOM   1496 O O   . ASN B 1 98 ? 4.635   -12.568 -4.301  1.00 34.87 ? 98  ASN B O   1 
ATOM   1497 C CB  . ASN B 1 98 ? 4.656   -12.651 -7.497  1.00 38.94 ? 98  ASN B CB  1 
ATOM   1498 C CG  . ASN B 1 98 ? 4.127   -12.494 -8.918  1.00 45.49 ? 98  ASN B CG  1 
ATOM   1499 O OD1 . ASN B 1 98 ? 3.987   -11.379 -9.431  1.00 44.65 ? 98  ASN B OD1 1 
ATOM   1500 N ND2 . ASN B 1 98 ? 3.842   -13.617 -9.563  1.00 49.62 ? 98  ASN B ND2 1 
ATOM   1501 N N   . LEU B 1 99 ? 3.483   -14.368 -5.035  1.00 40.23 ? 99  LEU B N   1 
ATOM   1502 C CA  . LEU B 1 99 ? 3.770   -15.240 -3.882  1.00 38.86 ? 99  LEU B CA  1 
ATOM   1503 C C   . LEU B 1 99 ? 4.386   -16.558 -4.338  1.00 36.12 ? 99  LEU B C   1 
ATOM   1504 O O   . LEU B 1 99 ? 3.737   -17.192 -5.201  1.00 38.85 ? 99  LEU B O   1 
ATOM   1505 C CB  . LEU B 1 99 ? 2.487   -15.535 -3.102  1.00 37.42 ? 99  LEU B CB  1 
ATOM   1506 C CG  . LEU B 1 99 ? 2.565   -16.468 -1.892  1.00 39.95 ? 99  LEU B CG  1 
ATOM   1507 C CD1 . LEU B 1 99 ? 3.670   -16.027 -0.956  1.00 39.65 ? 99  LEU B CD1 1 
ATOM   1508 C CD2 . LEU B 1 99 ? 1.232   -16.460 -1.154  1.00 40.72 ? 99  LEU B CD2 1 
HETATM 1509 O O   . HOH C 2 .  ? -3.794  -17.642 20.842  1.00 79.96 ? 409 HOH A O   1 
HETATM 1510 O O   . HOH C 2 .  ? -10.700 -7.177  -3.783  1.00 30.39 ? 413 HOH A O   1 
HETATM 1511 O O   . HOH C 2 .  ? -5.573  -18.130 1.923   1.00 36.17 ? 415 HOH A O   1 
HETATM 1512 O O   . HOH C 2 .  ? -10.741 1.175   -7.632  1.00 71.51 ? 417 HOH A O   1 
HETATM 1513 O O   . HOH C 2 .  ? 5.055   -8.300  23.711  1.00 75.45 ? 421 HOH A O   1 
HETATM 1514 O O   . HOH C 2 .  ? 10.117  -1.382  8.500   1.00 71.42 ? 423 HOH A O   1 
HETATM 1515 O O   . HOH C 2 .  ? 6.761   -5.412  12.067  1.00 44.94 ? 424 HOH A O   1 
HETATM 1516 O O   . HOH C 2 .  ? 0.065   2.709   4.842   1.00 71.04 ? 430 HOH A O   1 
HETATM 1517 O O   . HOH C 2 .  ? 3.374   12.939  13.532  1.00 50.71 ? 434 HOH A O   1 
HETATM 1518 O O   . HOH C 2 .  ? 8.065   -8.654  11.337  1.00 35.09 ? 439 HOH A O   1 
HETATM 1519 O O   . HOH C 2 .  ? -3.349  1.933   27.059  1.00 70.16 ? 441 HOH A O   1 
HETATM 1520 O O   . HOH C 2 .  ? -11.006 -0.012  -15.078 1.00 80.63 ? 442 HOH A O   1 
HETATM 1521 O O   . HOH C 2 .  ? -13.153 -3.148  -23.002 1.00 59.27 ? 445 HOH A O   1 
HETATM 1522 O O   . HOH C 2 .  ? -5.782  -19.217 19.481  1.00 47.67 ? 447 HOH A O   1 
HETATM 1523 O O   . HOH C 2 .  ? 1.198   -5.318  28.501  1.00 42.41 ? 449 HOH A O   1 
HETATM 1524 O O   . HOH C 2 .  ? -11.477 -4.044  -6.093  1.00 38.42 ? 452 HOH A O   1 
HETATM 1525 O O   . HOH C 2 .  ? -10.797 10.169  16.959  1.00 63.79 ? 453 HOH A O   1 
HETATM 1526 O O   . HOH C 2 .  ? 7.594   -2.424  24.693  1.00 59.57 ? 456 HOH A O   1 
HETATM 1527 O O   . HOH C 2 .  ? -5.962  -26.634 2.266   1.00 59.86 ? 457 HOH A O   1 
HETATM 1528 O O   . HOH C 2 .  ? -5.855  -8.858  -6.717  1.00 46.70 ? 458 HOH A O   1 
HETATM 1529 O O   . HOH C 2 .  ? 4.032   2.439   7.279   1.00 46.20 ? 459 HOH A O   1 
HETATM 1530 O O   . HOH C 2 .  ? 0.643   -21.803 16.708  1.00 52.30 ? 466 HOH A O   1 
HETATM 1531 O O   . HOH C 2 .  ? -10.350 -13.864 -0.832  1.00 36.40 ? 467 HOH A O   1 
HETATM 1532 O O   . HOH C 2 .  ? -3.063  -20.553 18.739  1.00 46.18 ? 470 HOH A O   1 
HETATM 1533 O O   . HOH C 2 .  ? -10.715 -1.104  18.843  1.00 59.86 ? 472 HOH A O   1 
HETATM 1534 O O   . HOH C 2 .  ? 9.601   -9.998  22.823  1.00 53.48 ? 473 HOH A O   1 
HETATM 1535 O O   . HOH C 2 .  ? -16.966 3.268   5.651   1.00 54.63 ? 476 HOH A O   1 
HETATM 1536 O O   . HOH C 2 .  ? -8.106  -15.510 -3.312  1.00 58.29 ? 477 HOH A O   1 
HETATM 1537 O O   . HOH C 2 .  ? 6.587   -0.627  14.400  1.00 44.18 ? 478 HOH A O   1 
HETATM 1538 O O   . HOH C 2 .  ? -26.255 -6.077  5.981   1.00 53.37 ? 480 HOH A O   1 
HETATM 1539 O O   . HOH C 2 .  ? 10.066  -6.146  6.877   1.00 45.39 ? 486 HOH A O   1 
HETATM 1540 O O   . HOH C 2 .  ? -23.221 -5.840  7.480   1.00 53.22 ? 488 HOH A O   1 
HETATM 1541 O O   . HOH C 2 .  ? 3.683   0.420   9.810   1.00 65.34 ? 490 HOH A O   1 
HETATM 1542 O O   . HOH C 2 .  ? -27.536 -13.501 9.860   1.00 46.04 ? 491 HOH A O   1 
HETATM 1543 O O   . HOH C 2 .  ? -8.778  -18.799 20.704  1.00 50.05 ? 495 HOH A O   1 
HETATM 1544 O O   . HOH C 2 .  ? -13.267 -1.415  12.401  1.00 56.95 ? 497 HOH A O   1 
HETATM 1545 O O   . HOH C 2 .  ? -22.347 -3.602  15.356  1.00 56.31 ? 498 HOH A O   1 
HETATM 1546 O O   . HOH C 2 .  ? -10.511 -11.755 -3.115  1.00 57.36 ? 499 HOH A O   1 
HETATM 1547 O O   . HOH C 2 .  ? 0.020   -0.121  8.795   1.00 61.91 ? 500 HOH A O   1 
HETATM 1548 O O   . HOH C 2 .  ? -16.165 -0.315  -18.811 1.00 49.88 ? 502 HOH A O   1 
HETATM 1549 O O   . HOH C 2 .  ? 12.818  -0.841  6.069   1.00 56.81 ? 503 HOH A O   1 
HETATM 1550 O O   . HOH C 2 .  ? 8.701   -3.791  8.136   1.00 39.63 ? 504 HOH A O   1 
HETATM 1551 O O   . HOH C 2 .  ? -10.983 -2.286  -12.485 1.00 53.36 ? 506 HOH A O   1 
HETATM 1552 O O   . HOH C 2 .  ? 9.466   -14.270 16.285  1.00 58.84 ? 507 HOH A O   1 
HETATM 1553 O O   . HOH C 2 .  ? -10.276 -1.493  -8.506  1.00 52.13 ? 508 HOH A O   1 
HETATM 1554 O O   . HOH C 2 .  ? -16.910 7.787   10.937  1.00 55.78 ? 510 HOH A O   1 
HETATM 1555 O O   . HOH C 2 .  ? -12.872 -8.058  18.958  1.00 57.47 ? 511 HOH A O   1 
HETATM 1556 O O   . HOH D 2 .  ? -0.306  20.614  -11.067 1.00 28.22 ? 401 HOH B O   1 
HETATM 1557 O O   . HOH D 2 .  ? 6.356   18.250  -15.327 1.00 52.60 ? 402 HOH B O   1 
HETATM 1558 O O   . HOH D 2 .  ? 8.904   10.644  -19.356 1.00 58.15 ? 403 HOH B O   1 
HETATM 1559 O O   . HOH D 2 .  ? -4.913  8.700   -9.515  1.00 32.35 ? 404 HOH B O   1 
HETATM 1560 O O   . HOH D 2 .  ? 7.617   -15.190 -11.397 1.00 73.64 ? 405 HOH B O   1 
HETATM 1561 O O   . HOH D 2 .  ? -9.593  24.264  -14.539 1.00 50.70 ? 410 HOH B O   1 
HETATM 1562 O O   . HOH D 2 .  ? -4.957  1.335   -15.224 1.00 37.98 ? 411 HOH B O   1 
HETATM 1563 O O   . HOH D 2 .  ? 14.665  3.754   -9.653  1.00 79.62 ? 412 HOH B O   1 
HETATM 1564 O O   . HOH D 2 .  ? 0.303   3.733   -22.804 1.00 51.61 ? 414 HOH B O   1 
HETATM 1565 O O   . HOH D 2 .  ? -7.896  20.459  10.018  1.00 78.04 ? 416 HOH B O   1 
HETATM 1566 O O   . HOH D 2 .  ? 9.117   22.613  -13.999 1.00 30.67 ? 425 HOH B O   1 
HETATM 1567 O O   . HOH D 2 .  ? 12.181  14.109  -1.721  1.00 77.02 ? 427 HOH B O   1 
HETATM 1568 O O   . HOH D 2 .  ? 3.975   17.909  -22.117 1.00 56.20 ? 429 HOH B O   1 
HETATM 1569 O O   . HOH D 2 .  ? -7.700  10.216  -9.091  1.00 47.54 ? 438 HOH B O   1 
HETATM 1570 O O   . HOH D 2 .  ? 5.926   5.528   3.525   1.00 22.91 ? 443 HOH B O   1 
HETATM 1571 O O   . HOH D 2 .  ? 10.219  -9.530  -0.137  1.00 31.25 ? 444 HOH B O   1 
HETATM 1572 O O   . HOH D 2 .  ? -1.474  24.777  -18.936 1.00 47.67 ? 446 HOH B O   1 
HETATM 1573 O O   . HOH D 2 .  ? 14.103  -4.453  -0.637  1.00 44.90 ? 450 HOH B O   1 
HETATM 1574 O O   . HOH D 2 .  ? -0.553  18.901  -23.405 1.00 61.12 ? 451 HOH B O   1 
HETATM 1575 O O   . HOH D 2 .  ? -7.325  4.002   -0.907  1.00 39.31 ? 454 HOH B O   1 
HETATM 1576 O O   . HOH D 2 .  ? 12.242  17.374  -10.701 1.00 40.71 ? 455 HOH B O   1 
HETATM 1577 O O   . HOH D 2 .  ? 14.860  0.661   -4.811  1.00 73.62 ? 460 HOH B O   1 
HETATM 1578 O O   . HOH D 2 .  ? 0.127   -8.039  -15.093 1.00 46.36 ? 461 HOH B O   1 
HETATM 1579 O O   . HOH D 2 .  ? -7.336  5.359   -18.526 1.00 75.14 ? 462 HOH B O   1 
HETATM 1580 O O   . HOH D 2 .  ? 12.305  4.714   -13.639 1.00 48.82 ? 463 HOH B O   1 
HETATM 1581 O O   . HOH D 2 .  ? 0.228   14.979  -22.038 1.00 54.41 ? 464 HOH B O   1 
HETATM 1582 O O   . HOH D 2 .  ? 14.503  7.692   -21.458 1.00 54.48 ? 465 HOH B O   1 
HETATM 1583 O O   . HOH D 2 .  ? 20.081  -3.695  8.521   1.00 50.81 ? 468 HOH B O   1 
HETATM 1584 O O   . HOH D 2 .  ? 3.937   -3.402  -22.217 1.00 55.57 ? 469 HOH B O   1 
HETATM 1585 O O   . HOH D 2 .  ? -8.239  22.243  -6.583  1.00 42.06 ? 471 HOH B O   1 
HETATM 1586 O O   . HOH D 2 .  ? 13.024  -12.322 -21.297 1.00 49.59 ? 474 HOH B O   1 
HETATM 1587 O O   . HOH D 2 .  ? 24.080  18.688  -19.445 1.00 62.74 ? 475 HOH B O   1 
HETATM 1588 O O   . HOH D 2 .  ? 1.504   10.271  -27.760 1.00 61.95 ? 479 HOH B O   1 
HETATM 1589 O O   . HOH D 2 .  ? 8.788   4.370   -24.882 1.00 67.91 ? 481 HOH B O   1 
HETATM 1590 O O   . HOH D 2 .  ? -5.417  14.617  -21.827 1.00 58.46 ? 482 HOH B O   1 
HETATM 1591 O O   . HOH D 2 .  ? -13.474 19.130  -16.134 1.00 52.50 ? 483 HOH B O   1 
HETATM 1592 O O   . HOH D 2 .  ? -5.315  5.854   -14.603 1.00 30.62 ? 484 HOH B O   1 
HETATM 1593 O O   . HOH D 2 .  ? -3.723  35.659  -21.202 1.00 49.66 ? 485 HOH B O   1 
HETATM 1594 O O   . HOH D 2 .  ? 7.952   9.174   -1.646  1.00 33.07 ? 487 HOH B O   1 
HETATM 1595 O O   . HOH D 2 .  ? -0.339  16.244  -18.565 1.00 41.43 ? 489 HOH B O   1 
HETATM 1596 O O   . HOH D 2 .  ? 10.205  5.238   -27.709 1.00 52.40 ? 492 HOH B O   1 
HETATM 1597 O O   . HOH D 2 .  ? -6.020  9.130   -17.791 1.00 35.27 ? 493 HOH B O   1 
HETATM 1598 O O   . HOH D 2 .  ? 12.834  4.776   -16.609 1.00 27.86 ? 494 HOH B O   1 
HETATM 1599 O O   . HOH D 2 .  ? 6.673   1.087   -22.921 1.00 45.54 ? 496 HOH B O   1 
HETATM 1600 O O   . HOH D 2 .  ? 3.658   18.564  1.638   1.00 65.48 ? 501 HOH B O   1 
HETATM 1601 O O   . HOH D 2 .  ? 8.207   22.762  -17.801 1.00 50.29 ? 505 HOH B O   1 
HETATM 1602 O O   . HOH D 2 .  ? -0.411  27.447  -9.562  1.00 47.80 ? 509 HOH B O   1 
# 
